data_2ED7
#
_entry.id   2ED7
#
_entity_poly.entity_id   1
_entity_poly.type   'polypeptide(L)'
_entity_poly.pdbx_seq_one_letter_code
;GSSGSSGKPAIPSSSVLPSAPRDVVPVLVSSRFVRLSWRPPAEAKGNIQTFTVFFSREGDNRERALNTTQPGSLQLTVGN
LKPEAMYTFRVVAYNEWGPGESSQPIKVATQPESGPSSG
;
_entity_poly.pdbx_strand_id   A
#
# COMPACT_ATOMS: atom_id res chain seq x y z
N GLY A 1 -3.53 16.59 3.93
CA GLY A 1 -2.96 15.35 4.41
C GLY A 1 -1.60 15.54 5.05
N SER A 2 -1.51 15.27 6.35
CA SER A 2 -0.25 15.43 7.07
C SER A 2 -0.21 14.49 8.29
N SER A 3 0.67 13.50 8.22
CA SER A 3 0.81 12.53 9.31
C SER A 3 2.14 11.79 9.21
N GLY A 4 2.83 11.66 10.33
CA GLY A 4 4.11 10.97 10.35
C GLY A 4 4.93 11.31 11.57
N SER A 5 5.63 12.44 11.51
CA SER A 5 6.47 12.88 12.62
C SER A 5 7.18 11.69 13.26
N SER A 6 7.87 10.91 12.44
CA SER A 6 8.59 9.73 12.93
C SER A 6 9.91 9.56 12.17
N GLY A 7 10.85 8.85 12.80
CA GLY A 7 12.14 8.62 12.17
C GLY A 7 13.11 7.91 13.09
N LYS A 8 14.15 7.31 12.51
CA LYS A 8 15.15 6.60 13.28
C LYS A 8 16.55 7.14 13.00
N PRO A 9 17.45 7.00 13.99
CA PRO A 9 18.83 7.48 13.87
C PRO A 9 19.64 6.65 12.89
N ALA A 10 20.71 7.25 12.35
CA ALA A 10 21.57 6.56 11.39
C ALA A 10 20.76 5.95 10.26
N ILE A 11 19.91 6.78 9.64
CA ILE A 11 19.07 6.32 8.54
C ILE A 11 19.59 6.83 7.21
N PRO A 12 19.47 6.01 6.15
CA PRO A 12 19.92 6.36 4.80
C PRO A 12 19.05 7.45 4.18
N SER A 13 19.69 8.39 3.49
CA SER A 13 18.99 9.49 2.84
C SER A 13 18.33 9.02 1.54
N SER A 14 17.45 8.03 1.66
CA SER A 14 16.75 7.49 0.50
C SER A 14 17.67 7.44 -0.72
N SER A 15 18.93 7.06 -0.49
CA SER A 15 19.90 6.98 -1.56
C SER A 15 19.90 5.59 -2.20
N VAL A 16 20.36 4.60 -1.46
CA VAL A 16 20.40 3.23 -1.95
C VAL A 16 19.06 2.53 -1.77
N LEU A 17 18.03 3.32 -1.49
CA LEU A 17 16.68 2.78 -1.30
C LEU A 17 15.88 2.83 -2.59
N PRO A 18 14.89 1.92 -2.71
CA PRO A 18 14.03 1.84 -3.89
C PRO A 18 13.09 3.04 -4.01
N SER A 19 12.97 3.57 -5.22
CA SER A 19 12.11 4.72 -5.47
C SER A 19 10.64 4.33 -5.33
N ALA A 20 9.84 5.27 -4.82
CA ALA A 20 8.41 5.03 -4.64
C ALA A 20 7.78 4.46 -5.91
N PRO A 21 6.82 3.54 -5.73
CA PRO A 21 6.12 2.90 -6.85
C PRO A 21 5.20 3.87 -7.58
N ARG A 22 4.77 3.47 -8.78
CA ARG A 22 3.88 4.31 -9.59
C ARG A 22 2.55 4.51 -8.88
N ASP A 23 2.01 5.73 -8.98
CA ASP A 23 0.74 6.05 -8.35
C ASP A 23 -0.22 4.88 -8.41
N VAL A 24 -0.27 4.10 -7.33
CA VAL A 24 -1.14 2.94 -7.26
C VAL A 24 -2.60 3.32 -7.50
N VAL A 25 -3.20 2.73 -8.53
CA VAL A 25 -4.59 3.02 -8.87
C VAL A 25 -5.47 1.80 -8.65
N PRO A 26 -6.70 2.02 -8.16
CA PRO A 26 -7.66 0.95 -7.90
C PRO A 26 -8.19 0.32 -9.19
N VAL A 27 -7.39 -0.58 -9.76
CA VAL A 27 -7.77 -1.26 -10.99
C VAL A 27 -9.07 -2.05 -10.80
N LEU A 28 -9.28 -2.55 -9.59
CA LEU A 28 -10.48 -3.32 -9.28
C LEU A 28 -10.82 -3.21 -7.80
N VAL A 29 -11.96 -2.59 -7.50
CA VAL A 29 -12.41 -2.42 -6.12
C VAL A 29 -13.72 -3.17 -5.88
N SER A 30 -13.79 -3.90 -4.77
CA SER A 30 -14.99 -4.65 -4.43
C SER A 30 -15.62 -4.10 -3.15
N SER A 31 -16.69 -4.75 -2.72
CA SER A 31 -17.40 -4.32 -1.51
C SER A 31 -16.75 -4.92 -0.27
N ARG A 32 -16.04 -6.03 -0.45
CA ARG A 32 -15.38 -6.70 0.67
C ARG A 32 -13.86 -6.56 0.54
N PHE A 33 -13.35 -6.70 -0.68
CA PHE A 33 -11.92 -6.60 -0.93
C PHE A 33 -11.63 -5.55 -2.00
N VAL A 34 -10.36 -5.19 -2.14
CA VAL A 34 -9.94 -4.19 -3.13
C VAL A 34 -8.57 -4.53 -3.70
N ARG A 35 -8.52 -4.79 -5.00
CA ARG A 35 -7.28 -5.13 -5.67
C ARG A 35 -6.56 -3.86 -6.15
N LEU A 36 -5.24 -3.90 -6.14
CA LEU A 36 -4.44 -2.76 -6.58
C LEU A 36 -3.28 -3.21 -7.46
N SER A 37 -3.01 -2.44 -8.51
CA SER A 37 -1.94 -2.76 -9.44
C SER A 37 -0.97 -1.59 -9.57
N TRP A 38 0.32 -1.88 -9.41
CA TRP A 38 1.35 -0.84 -9.51
C TRP A 38 2.58 -1.38 -10.24
N ARG A 39 3.39 -0.47 -10.75
CA ARG A 39 4.60 -0.83 -11.47
C ARG A 39 5.78 -0.96 -10.52
N PRO A 40 6.63 -1.98 -10.74
CA PRO A 40 7.80 -2.24 -9.92
C PRO A 40 8.89 -1.18 -10.10
N PRO A 41 9.66 -0.92 -9.04
CA PRO A 41 10.74 0.07 -9.06
C PRO A 41 11.92 -0.39 -9.92
N ALA A 42 12.36 0.50 -10.81
CA ALA A 42 13.48 0.19 -11.69
C ALA A 42 14.80 0.14 -10.91
N GLU A 43 14.91 0.98 -9.88
CA GLU A 43 16.11 1.02 -9.06
C GLU A 43 15.84 0.49 -7.66
N ALA A 44 15.90 -0.83 -7.51
CA ALA A 44 15.65 -1.46 -6.23
C ALA A 44 16.88 -1.36 -5.32
N LYS A 45 18.06 -1.32 -5.93
CA LYS A 45 19.30 -1.22 -5.18
C LYS A 45 19.50 -2.43 -4.28
N GLY A 46 19.41 -3.62 -4.86
CA GLY A 46 19.58 -4.83 -4.09
C GLY A 46 18.59 -5.92 -4.49
N ASN A 47 17.90 -6.46 -3.49
CA ASN A 47 16.90 -7.52 -3.74
C ASN A 47 15.65 -7.29 -2.90
N ILE A 48 14.52 -7.10 -3.58
CA ILE A 48 13.25 -6.88 -2.90
C ILE A 48 12.63 -8.19 -2.46
N GLN A 49 12.13 -8.21 -1.23
CA GLN A 49 11.50 -9.42 -0.69
C GLN A 49 10.01 -9.45 -1.03
N THR A 50 9.33 -8.33 -0.80
CA THR A 50 7.91 -8.23 -1.08
C THR A 50 7.41 -6.79 -0.96
N PHE A 51 6.12 -6.59 -1.19
CA PHE A 51 5.54 -5.27 -1.10
C PHE A 51 4.56 -5.17 0.07
N THR A 52 4.74 -4.15 0.89
CA THR A 52 3.87 -3.94 2.05
C THR A 52 2.69 -3.04 1.71
N VAL A 53 1.49 -3.55 1.92
CA VAL A 53 0.27 -2.79 1.64
C VAL A 53 -0.51 -2.50 2.91
N PHE A 54 -0.74 -1.23 3.19
CA PHE A 54 -1.48 -0.81 4.38
C PHE A 54 -2.95 -0.54 4.05
N PHE A 55 -3.79 -0.54 5.07
CA PHE A 55 -5.22 -0.28 4.88
C PHE A 55 -5.89 0.07 6.21
N SER A 56 -6.66 1.15 6.20
CA SER A 56 -7.35 1.60 7.40
C SER A 56 -8.70 2.22 7.05
N ARG A 57 -9.64 2.14 7.98
CA ARG A 57 -10.97 2.69 7.78
C ARG A 57 -10.99 4.20 8.02
N GLU A 58 -11.97 4.88 7.44
CA GLU A 58 -12.09 6.33 7.60
C GLU A 58 -12.04 6.72 9.07
N GLY A 59 -11.55 7.92 9.34
CA GLY A 59 -11.47 8.39 10.71
C GLY A 59 -10.28 7.80 11.46
N ASP A 60 -10.34 6.50 11.72
CA ASP A 60 -9.27 5.82 12.43
C ASP A 60 -7.91 6.35 12.00
N ASN A 61 -6.92 6.21 12.87
CA ASN A 61 -5.57 6.67 12.58
C ASN A 61 -4.65 5.50 12.25
N ARG A 62 -4.68 4.48 13.09
CA ARG A 62 -3.85 3.29 12.89
C ARG A 62 -4.30 2.52 11.65
N GLU A 63 -3.56 1.47 11.32
CA GLU A 63 -3.88 0.65 10.15
C GLU A 63 -3.12 -0.68 10.19
N ARG A 64 -3.64 -1.66 9.46
CA ARG A 64 -3.02 -2.98 9.43
C ARG A 64 -1.91 -3.03 8.38
N ALA A 65 -1.22 -4.16 8.30
CA ALA A 65 -0.14 -4.34 7.35
C ALA A 65 -0.17 -5.74 6.74
N LEU A 66 -0.32 -5.80 5.42
CA LEU A 66 -0.36 -7.07 4.71
C LEU A 66 0.72 -7.14 3.64
N ASN A 67 1.72 -8.00 3.86
CA ASN A 67 2.81 -8.16 2.92
C ASN A 67 2.85 -9.58 2.37
N THR A 68 2.46 -9.74 1.11
CA THR A 68 2.46 -11.04 0.46
C THR A 68 2.10 -10.92 -1.02
N THR A 69 3.10 -11.07 -1.88
CA THR A 69 2.90 -10.98 -3.31
C THR A 69 3.49 -12.19 -4.03
N GLN A 70 3.07 -12.40 -5.28
CA GLN A 70 3.55 -13.52 -6.07
C GLN A 70 4.95 -13.25 -6.61
N PRO A 71 5.67 -14.33 -6.97
CA PRO A 71 7.03 -14.23 -7.50
C PRO A 71 7.05 -13.62 -8.90
N GLY A 72 7.05 -12.30 -8.97
CA GLY A 72 7.08 -11.61 -10.25
C GLY A 72 5.79 -10.86 -10.53
N SER A 73 5.13 -10.39 -9.47
CA SER A 73 3.88 -9.66 -9.61
C SER A 73 3.78 -8.54 -8.57
N LEU A 74 3.34 -7.37 -9.01
CA LEU A 74 3.20 -6.23 -8.11
C LEU A 74 1.73 -5.98 -7.79
N GLN A 75 0.91 -7.02 -7.89
CA GLN A 75 -0.51 -6.91 -7.60
C GLN A 75 -0.86 -7.66 -6.33
N LEU A 76 -1.64 -7.01 -5.46
CA LEU A 76 -2.06 -7.63 -4.20
C LEU A 76 -3.51 -7.29 -3.89
N THR A 77 -4.30 -8.32 -3.61
CA THR A 77 -5.71 -8.14 -3.28
C THR A 77 -5.93 -8.14 -1.77
N VAL A 78 -6.49 -7.04 -1.27
CA VAL A 78 -6.76 -6.91 0.16
C VAL A 78 -8.24 -7.14 0.47
N GLY A 79 -8.51 -8.14 1.30
CA GLY A 79 -9.88 -8.45 1.65
C GLY A 79 -10.17 -8.20 3.12
N ASN A 80 -11.36 -8.60 3.57
CA ASN A 80 -11.75 -8.41 4.95
C ASN A 80 -11.99 -6.93 5.26
N LEU A 81 -12.64 -6.24 4.33
CA LEU A 81 -12.93 -4.83 4.50
C LEU A 81 -14.42 -4.59 4.76
N LYS A 82 -14.78 -3.35 5.04
CA LYS A 82 -16.17 -3.00 5.30
C LYS A 82 -16.78 -2.24 4.13
N PRO A 83 -17.99 -2.65 3.71
CA PRO A 83 -18.69 -2.01 2.59
C PRO A 83 -19.17 -0.61 2.93
N GLU A 84 -19.50 0.16 1.90
CA GLU A 84 -19.98 1.53 2.09
C GLU A 84 -19.12 2.27 3.10
N ALA A 85 -17.80 2.25 2.89
CA ALA A 85 -16.87 2.91 3.78
C ALA A 85 -15.59 3.31 3.06
N MET A 86 -15.10 4.51 3.33
CA MET A 86 -13.89 5.01 2.70
C MET A 86 -12.65 4.38 3.33
N TYR A 87 -11.79 3.79 2.49
CA TYR A 87 -10.58 3.16 2.97
C TYR A 87 -9.34 3.78 2.34
N THR A 88 -8.24 3.81 3.08
CA THR A 88 -6.99 4.38 2.58
C THR A 88 -5.94 3.30 2.36
N PHE A 89 -5.66 3.00 1.10
CA PHE A 89 -4.68 1.98 0.76
C PHE A 89 -3.32 2.62 0.46
N ARG A 90 -2.25 1.85 0.67
CA ARG A 90 -0.91 2.33 0.44
C ARG A 90 -0.01 1.22 -0.09
N VAL A 91 1.20 1.58 -0.49
CA VAL A 91 2.16 0.61 -1.01
C VAL A 91 3.59 1.02 -0.70
N VAL A 92 4.41 0.06 -0.28
CA VAL A 92 5.80 0.31 0.05
C VAL A 92 6.69 -0.87 -0.33
N ALA A 93 7.91 -0.57 -0.75
CA ALA A 93 8.86 -1.60 -1.15
C ALA A 93 9.88 -1.86 -0.04
N TYR A 94 9.98 -3.11 0.38
CA TYR A 94 10.91 -3.49 1.44
C TYR A 94 12.04 -4.34 0.87
N ASN A 95 13.20 -3.73 0.66
CA ASN A 95 14.36 -4.43 0.13
C ASN A 95 15.41 -4.64 1.22
N GLU A 96 16.51 -5.30 0.84
CA GLU A 96 17.59 -5.56 1.79
C GLU A 96 17.77 -4.39 2.76
N TRP A 97 18.05 -3.23 2.21
CA TRP A 97 18.25 -2.03 3.03
C TRP A 97 17.04 -1.78 3.93
N GLY A 98 15.89 -1.53 3.32
CA GLY A 98 14.68 -1.28 4.08
C GLY A 98 13.60 -0.60 3.26
N PRO A 99 12.59 -0.07 3.95
CA PRO A 99 11.46 0.62 3.29
C PRO A 99 11.88 1.95 2.69
N GLY A 100 11.95 2.00 1.36
CA GLY A 100 12.33 3.22 0.68
C GLY A 100 11.26 4.29 0.73
N GLU A 101 11.14 5.06 -0.34
CA GLU A 101 10.14 6.13 -0.41
C GLU A 101 8.73 5.55 -0.35
N SER A 102 7.88 6.15 0.49
CA SER A 102 6.50 5.69 0.64
C SER A 102 5.63 6.22 -0.50
N SER A 103 4.74 5.35 -1.00
CA SER A 103 3.85 5.72 -2.08
C SER A 103 2.79 6.71 -1.59
N GLN A 104 2.04 7.27 -2.53
CA GLN A 104 0.98 8.22 -2.20
C GLN A 104 -0.27 7.50 -1.72
N PRO A 105 -0.81 7.95 -0.58
CA PRO A 105 -2.02 7.37 0.01
C PRO A 105 -3.27 7.67 -0.81
N ILE A 106 -3.96 6.60 -1.23
CA ILE A 106 -5.17 6.75 -2.02
C ILE A 106 -6.41 6.44 -1.20
N LYS A 107 -7.56 6.93 -1.65
CA LYS A 107 -8.82 6.69 -0.95
C LYS A 107 -9.84 6.03 -1.88
N VAL A 108 -10.25 4.81 -1.53
CA VAL A 108 -11.22 4.08 -2.34
C VAL A 108 -12.43 3.69 -1.50
N ALA A 109 -13.62 3.95 -2.04
CA ALA A 109 -14.86 3.63 -1.35
C ALA A 109 -15.41 2.27 -1.80
N THR A 110 -15.43 1.32 -0.88
CA THR A 110 -15.92 -0.02 -1.18
C THR A 110 -17.29 0.03 -1.85
N GLN A 111 -17.58 -0.95 -2.69
CA GLN A 111 -18.85 -1.01 -3.40
C GLN A 111 -19.99 -1.30 -2.43
N PRO A 112 -21.20 -0.84 -2.79
CA PRO A 112 -22.40 -1.04 -1.97
C PRO A 112 -22.85 -2.49 -1.94
N GLU A 113 -22.81 -3.10 -0.76
CA GLU A 113 -23.22 -4.49 -0.61
C GLU A 113 -24.43 -4.59 0.32
N SER A 114 -25.54 -5.09 -0.23
CA SER A 114 -26.77 -5.25 0.55
C SER A 114 -26.91 -4.12 1.58
N GLY A 115 -26.78 -2.89 1.11
CA GLY A 115 -26.90 -1.74 2.00
C GLY A 115 -28.21 -1.71 2.74
N PRO A 116 -28.19 -1.20 3.98
CA PRO A 116 -29.38 -1.11 4.82
C PRO A 116 -30.38 -0.07 4.30
N SER A 117 -29.91 0.80 3.41
CA SER A 117 -30.77 1.84 2.85
C SER A 117 -32.17 1.31 2.60
N SER A 118 -33.16 2.02 3.14
CA SER A 118 -34.56 1.62 2.98
C SER A 118 -35.06 1.96 1.58
N GLY A 119 -34.55 1.27 0.58
CA GLY A 119 -34.96 1.53 -0.79
C GLY A 119 -34.18 2.66 -1.43
N GLY A 1 1.78 16.76 4.57
CA GLY A 1 1.21 15.54 5.11
C GLY A 1 2.22 14.74 5.91
N SER A 2 3.34 14.41 5.28
CA SER A 2 4.39 13.64 5.93
C SER A 2 5.55 14.52 6.34
N SER A 3 6.42 14.00 7.20
CA SER A 3 7.58 14.75 7.68
C SER A 3 8.49 13.87 8.52
N GLY A 4 9.61 14.42 8.95
CA GLY A 4 10.56 13.67 9.76
C GLY A 4 11.97 14.21 9.65
N SER A 5 12.28 15.24 10.42
CA SER A 5 13.60 15.85 10.40
C SER A 5 14.19 15.92 11.80
N SER A 6 14.02 14.85 12.56
CA SER A 6 14.53 14.79 13.93
C SER A 6 16.03 14.52 13.94
N GLY A 7 16.44 13.45 13.27
CA GLY A 7 17.84 13.11 13.21
C GLY A 7 18.09 11.77 12.53
N LYS A 8 19.31 11.58 12.03
CA LYS A 8 19.66 10.35 11.34
C LYS A 8 21.16 10.30 11.06
N PRO A 9 21.75 9.09 11.18
CA PRO A 9 23.19 8.89 10.93
C PRO A 9 23.55 9.04 9.46
N ALA A 10 24.73 8.55 9.09
CA ALA A 10 25.20 8.62 7.72
C ALA A 10 24.77 7.39 6.92
N ILE A 11 23.47 7.21 6.79
CA ILE A 11 22.93 6.07 6.05
C ILE A 11 22.11 6.52 4.85
N PRO A 12 22.07 5.68 3.81
CA PRO A 12 21.33 5.98 2.58
C PRO A 12 19.82 5.93 2.79
N SER A 13 19.22 7.11 2.95
CA SER A 13 17.77 7.19 3.17
C SER A 13 17.01 6.95 1.88
N SER A 14 17.39 7.69 0.83
CA SER A 14 16.74 7.56 -0.47
C SER A 14 17.78 7.50 -1.59
N SER A 15 18.81 6.69 -1.39
CA SER A 15 19.88 6.56 -2.38
C SER A 15 19.87 5.16 -2.99
N VAL A 16 20.35 4.18 -2.23
CA VAL A 16 20.40 2.79 -2.68
C VAL A 16 19.08 2.08 -2.41
N LEU A 17 18.02 2.86 -2.22
CA LEU A 17 16.70 2.29 -1.95
C LEU A 17 15.87 2.18 -3.22
N PRO A 18 14.92 1.23 -3.23
CA PRO A 18 14.05 1.01 -4.38
C PRO A 18 13.06 2.14 -4.60
N SER A 19 13.22 2.86 -5.71
CA SER A 19 12.33 3.98 -6.04
C SER A 19 10.88 3.63 -5.74
N ALA A 20 10.07 4.65 -5.52
CA ALA A 20 8.65 4.45 -5.23
C ALA A 20 7.87 4.09 -6.49
N PRO A 21 6.82 3.28 -6.33
CA PRO A 21 5.97 2.84 -7.44
C PRO A 21 5.14 3.99 -8.01
N ARG A 22 4.69 3.83 -9.26
CA ARG A 22 3.87 4.84 -9.91
C ARG A 22 2.58 5.08 -9.13
N ASP A 23 1.89 6.15 -9.49
CA ASP A 23 0.63 6.51 -8.83
C ASP A 23 -0.26 5.28 -8.68
N VAL A 24 -0.31 4.74 -7.46
CA VAL A 24 -1.12 3.56 -7.18
C VAL A 24 -2.58 3.79 -7.57
N VAL A 25 -3.06 3.02 -8.52
CA VAL A 25 -4.44 3.15 -8.98
C VAL A 25 -5.23 1.87 -8.71
N PRO A 26 -6.49 2.03 -8.29
CA PRO A 26 -7.37 0.89 -7.99
C PRO A 26 -7.79 0.12 -9.24
N VAL A 27 -6.89 -0.74 -9.70
CA VAL A 27 -7.17 -1.55 -10.90
C VAL A 27 -8.51 -2.25 -10.78
N LEU A 28 -8.90 -2.58 -9.57
CA LEU A 28 -10.17 -3.26 -9.33
C LEU A 28 -10.74 -2.88 -7.97
N VAL A 29 -12.05 -3.05 -7.81
CA VAL A 29 -12.72 -2.72 -6.56
C VAL A 29 -13.93 -3.62 -6.33
N SER A 30 -13.90 -4.38 -5.23
CA SER A 30 -15.00 -5.29 -4.90
C SER A 30 -15.75 -4.80 -3.66
N SER A 31 -16.94 -5.35 -3.46
CA SER A 31 -17.77 -4.97 -2.32
C SER A 31 -17.18 -5.52 -1.02
N ARG A 32 -16.33 -6.54 -1.14
CA ARG A 32 -15.71 -7.16 0.02
C ARG A 32 -14.21 -6.89 0.03
N PHE A 33 -13.58 -7.01 -1.13
CA PHE A 33 -12.15 -6.79 -1.26
C PHE A 33 -11.85 -5.65 -2.24
N VAL A 34 -10.57 -5.34 -2.41
CA VAL A 34 -10.16 -4.27 -3.32
C VAL A 34 -8.74 -4.49 -3.81
N ARG A 35 -8.62 -4.91 -5.07
CA ARG A 35 -7.31 -5.15 -5.67
C ARG A 35 -6.67 -3.85 -6.13
N LEU A 36 -5.34 -3.79 -6.06
CA LEU A 36 -4.61 -2.60 -6.47
C LEU A 36 -3.45 -2.96 -7.40
N SER A 37 -3.15 -2.07 -8.34
CA SER A 37 -2.06 -2.31 -9.28
C SER A 37 -1.09 -1.13 -9.30
N TRP A 38 0.20 -1.43 -9.18
CA TRP A 38 1.23 -0.38 -9.19
C TRP A 38 2.45 -0.83 -10.00
N ARG A 39 3.35 0.10 -10.24
CA ARG A 39 4.56 -0.19 -11.01
C ARG A 39 5.74 -0.46 -10.08
N PRO A 40 6.58 -1.44 -10.46
CA PRO A 40 7.76 -1.83 -9.68
C PRO A 40 8.84 -0.74 -9.69
N PRO A 41 9.80 -0.85 -8.76
CA PRO A 41 10.90 0.10 -8.65
C PRO A 41 11.89 -0.02 -9.82
N ALA A 42 12.52 1.09 -10.17
CA ALA A 42 13.50 1.11 -11.26
C ALA A 42 14.86 0.64 -10.79
N GLU A 43 15.25 1.06 -9.58
CA GLU A 43 16.54 0.67 -9.02
C GLU A 43 16.37 0.03 -7.65
N ALA A 44 16.22 -1.29 -7.63
CA ALA A 44 16.04 -2.03 -6.39
C ALA A 44 17.31 -2.01 -5.55
N LYS A 45 18.46 -2.11 -6.23
CA LYS A 45 19.75 -2.10 -5.55
C LYS A 45 19.86 -3.27 -4.59
N GLY A 46 19.44 -4.45 -5.05
CA GLY A 46 19.51 -5.64 -4.21
C GLY A 46 18.49 -6.69 -4.62
N ASN A 47 17.56 -6.99 -3.71
CA ASN A 47 16.53 -7.99 -3.97
C ASN A 47 15.32 -7.75 -3.08
N ILE A 48 14.18 -7.47 -3.70
CA ILE A 48 12.94 -7.23 -2.95
C ILE A 48 12.29 -8.54 -2.54
N GLN A 49 11.72 -8.56 -1.33
CA GLN A 49 11.06 -9.75 -0.82
C GLN A 49 9.56 -9.67 -1.02
N THR A 50 8.96 -8.55 -0.63
CA THR A 50 7.53 -8.36 -0.78
C THR A 50 7.16 -6.88 -0.66
N PHE A 51 5.89 -6.57 -0.91
CA PHE A 51 5.42 -5.19 -0.83
C PHE A 51 4.41 -5.04 0.29
N THR A 52 4.63 -4.02 1.13
CA THR A 52 3.74 -3.76 2.25
C THR A 52 2.59 -2.84 1.85
N VAL A 53 1.36 -3.32 2.07
CA VAL A 53 0.18 -2.54 1.72
C VAL A 53 -0.64 -2.21 2.96
N PHE A 54 -0.63 -0.94 3.36
CA PHE A 54 -1.37 -0.49 4.53
C PHE A 54 -2.85 -0.27 4.19
N PHE A 55 -3.71 -0.50 5.17
CA PHE A 55 -5.15 -0.32 4.97
C PHE A 55 -5.87 -0.16 6.31
N SER A 56 -6.65 0.90 6.43
CA SER A 56 -7.39 1.18 7.66
C SER A 56 -8.73 1.83 7.35
N ARG A 57 -9.59 1.93 8.37
CA ARG A 57 -10.91 2.52 8.21
C ARG A 57 -10.86 4.02 8.47
N GLU A 58 -11.58 4.79 7.66
CA GLU A 58 -11.61 6.24 7.81
C GLU A 58 -11.93 6.63 9.24
N GLY A 59 -11.18 7.59 9.77
CA GLY A 59 -11.40 8.04 11.14
C GLY A 59 -10.40 7.44 12.11
N ASP A 60 -10.17 6.14 11.99
CA ASP A 60 -9.24 5.44 12.87
C ASP A 60 -7.92 6.21 12.98
N ASN A 61 -7.05 5.75 13.87
CA ASN A 61 -5.76 6.39 14.08
C ASN A 61 -4.62 5.47 13.66
N ARG A 62 -4.76 4.19 13.97
CA ARG A 62 -3.73 3.21 13.62
C ARG A 62 -3.99 2.64 12.22
N GLU A 63 -3.00 1.93 11.69
CA GLU A 63 -3.10 1.33 10.37
C GLU A 63 -2.63 -0.12 10.38
N ARG A 64 -3.26 -0.95 9.57
CA ARG A 64 -2.90 -2.36 9.48
C ARG A 64 -1.79 -2.58 8.46
N ALA A 65 -1.23 -3.78 8.45
CA ALA A 65 -0.16 -4.11 7.52
C ALA A 65 -0.39 -5.48 6.89
N LEU A 66 0.02 -5.62 5.62
CA LEU A 66 -0.14 -6.88 4.90
C LEU A 66 1.01 -7.10 3.93
N ASN A 67 1.89 -8.03 4.28
CA ASN A 67 3.04 -8.34 3.43
C ASN A 67 2.85 -9.68 2.72
N THR A 68 2.48 -9.62 1.45
CA THR A 68 2.26 -10.84 0.66
C THR A 68 2.09 -10.50 -0.81
N THR A 69 3.11 -10.81 -1.61
CA THR A 69 3.07 -10.55 -3.04
C THR A 69 3.93 -11.54 -3.81
N GLN A 70 3.41 -12.02 -4.93
CA GLN A 70 4.13 -12.98 -5.76
C GLN A 70 5.45 -12.40 -6.25
N PRO A 71 6.43 -13.27 -6.51
CA PRO A 71 7.75 -12.87 -6.99
C PRO A 71 7.72 -12.34 -8.42
N GLY A 72 7.41 -11.06 -8.56
CA GLY A 72 7.34 -10.45 -9.88
C GLY A 72 6.08 -9.65 -10.09
N SER A 73 5.00 -10.04 -9.41
CA SER A 73 3.72 -9.36 -9.53
C SER A 73 3.66 -8.15 -8.59
N LEU A 74 3.24 -7.01 -9.14
CA LEU A 74 3.14 -5.79 -8.35
C LEU A 74 1.69 -5.49 -7.99
N GLN A 75 0.86 -6.54 -7.97
CA GLN A 75 -0.55 -6.38 -7.63
C GLN A 75 -0.95 -7.32 -6.50
N LEU A 76 -1.69 -6.79 -5.54
CA LEU A 76 -2.14 -7.58 -4.38
C LEU A 76 -3.59 -7.28 -4.06
N THR A 77 -4.34 -8.32 -3.71
CA THR A 77 -5.76 -8.17 -3.38
C THR A 77 -5.95 -8.14 -1.87
N VAL A 78 -6.47 -7.02 -1.36
CA VAL A 78 -6.71 -6.86 0.06
C VAL A 78 -8.19 -7.05 0.39
N GLY A 79 -8.56 -8.27 0.78
CA GLY A 79 -9.94 -8.56 1.11
C GLY A 79 -10.22 -8.39 2.60
N ASN A 80 -11.35 -8.92 3.04
CA ASN A 80 -11.73 -8.83 4.45
C ASN A 80 -12.11 -7.40 4.81
N LEU A 81 -12.93 -6.77 3.98
CA LEU A 81 -13.37 -5.40 4.23
C LEU A 81 -14.88 -5.31 4.28
N LYS A 82 -15.40 -4.11 4.51
CA LYS A 82 -16.83 -3.89 4.60
C LYS A 82 -17.30 -2.91 3.52
N PRO A 83 -18.44 -3.23 2.90
CA PRO A 83 -19.03 -2.39 1.85
C PRO A 83 -19.55 -1.07 2.38
N GLU A 84 -19.63 -0.07 1.50
CA GLU A 84 -20.12 1.25 1.88
C GLU A 84 -19.25 1.85 2.98
N ALA A 85 -17.94 1.87 2.75
CA ALA A 85 -17.00 2.42 3.72
C ALA A 85 -15.68 2.82 3.04
N MET A 86 -15.19 4.00 3.39
CA MET A 86 -13.94 4.50 2.81
C MET A 86 -12.75 3.77 3.40
N TYR A 87 -11.80 3.38 2.53
CA TYR A 87 -10.61 2.67 2.95
C TYR A 87 -9.38 3.16 2.20
N THR A 88 -8.40 3.66 2.94
CA THR A 88 -7.17 4.16 2.35
C THR A 88 -6.15 3.04 2.17
N PHE A 89 -5.56 2.97 0.98
CA PHE A 89 -4.56 1.95 0.68
C PHE A 89 -3.22 2.59 0.30
N ARG A 90 -2.14 1.92 0.68
CA ARG A 90 -0.80 2.43 0.38
C ARG A 90 0.09 1.31 -0.16
N VAL A 91 1.23 1.69 -0.73
CA VAL A 91 2.17 0.73 -1.28
C VAL A 91 3.61 1.14 -1.02
N VAL A 92 4.40 0.21 -0.50
CA VAL A 92 5.80 0.48 -0.19
C VAL A 92 6.68 -0.70 -0.55
N ALA A 93 7.87 -0.42 -1.09
CA ALA A 93 8.81 -1.46 -1.47
C ALA A 93 9.82 -1.73 -0.35
N TYR A 94 9.95 -3.00 0.00
CA TYR A 94 10.88 -3.40 1.06
C TYR A 94 11.97 -4.33 0.51
N ASN A 95 13.21 -3.88 0.57
CA ASN A 95 14.34 -4.66 0.08
C ASN A 95 15.32 -4.95 1.20
N GLU A 96 16.37 -5.72 0.88
CA GLU A 96 17.38 -6.06 1.87
C GLU A 96 17.67 -4.89 2.79
N TRP A 97 17.86 -3.71 2.21
CA TRP A 97 18.14 -2.50 2.97
C TRP A 97 16.97 -2.14 3.89
N GLY A 98 15.84 -1.80 3.28
CA GLY A 98 14.67 -1.44 4.06
C GLY A 98 13.62 -0.73 3.24
N PRO A 99 12.73 0.02 3.91
CA PRO A 99 11.66 0.77 3.26
C PRO A 99 12.19 1.95 2.45
N GLY A 100 12.24 1.80 1.14
CA GLY A 100 12.73 2.86 0.28
C GLY A 100 11.80 4.06 0.25
N GLU A 101 11.43 4.49 -0.95
CA GLU A 101 10.54 5.63 -1.11
C GLU A 101 9.09 5.23 -0.90
N SER A 102 8.32 6.09 -0.25
CA SER A 102 6.91 5.82 0.02
C SER A 102 6.02 6.45 -1.05
N SER A 103 5.05 5.67 -1.53
CA SER A 103 4.14 6.16 -2.56
C SER A 103 3.03 7.01 -1.94
N GLN A 104 2.28 7.70 -2.80
CA GLN A 104 1.18 8.55 -2.33
C GLN A 104 -0.04 7.71 -1.97
N PRO A 105 -0.62 8.00 -0.80
CA PRO A 105 -1.81 7.27 -0.31
C PRO A 105 -3.05 7.60 -1.12
N ILE A 106 -3.93 6.61 -1.29
CA ILE A 106 -5.16 6.79 -2.04
C ILE A 106 -6.37 6.39 -1.22
N LYS A 107 -7.52 6.99 -1.52
CA LYS A 107 -8.76 6.69 -0.81
C LYS A 107 -9.80 6.08 -1.75
N VAL A 108 -10.03 4.78 -1.60
CA VAL A 108 -11.00 4.08 -2.43
C VAL A 108 -12.19 3.61 -1.60
N ALA A 109 -13.38 3.97 -2.03
CA ALA A 109 -14.60 3.58 -1.34
C ALA A 109 -15.20 2.31 -1.94
N THR A 110 -15.33 1.27 -1.12
CA THR A 110 -15.89 0.01 -1.57
C THR A 110 -17.21 0.22 -2.31
N GLN A 111 -17.70 -0.85 -2.93
CA GLN A 111 -18.96 -0.78 -3.67
C GLN A 111 -20.14 -1.03 -2.75
N PRO A 112 -21.29 -0.41 -3.07
CA PRO A 112 -22.52 -0.55 -2.28
C PRO A 112 -23.12 -1.95 -2.39
N GLU A 113 -22.98 -2.74 -1.34
CA GLU A 113 -23.51 -4.10 -1.32
C GLU A 113 -25.03 -4.09 -1.42
N SER A 114 -25.67 -3.48 -0.43
CA SER A 114 -27.13 -3.41 -0.39
C SER A 114 -27.65 -2.62 -1.59
N GLY A 115 -28.36 -3.32 -2.48
CA GLY A 115 -28.91 -2.67 -3.66
C GLY A 115 -27.84 -2.06 -4.54
N PRO A 116 -27.28 -2.87 -5.46
CA PRO A 116 -26.23 -2.42 -6.37
C PRO A 116 -26.75 -1.44 -7.41
N SER A 117 -28.05 -1.13 -7.33
CA SER A 117 -28.67 -0.21 -8.28
C SER A 117 -27.71 0.90 -8.67
N SER A 118 -27.23 1.64 -7.67
CA SER A 118 -26.30 2.74 -7.92
C SER A 118 -24.86 2.25 -7.88
N GLY A 119 -23.96 3.01 -8.49
CA GLY A 119 -22.56 2.64 -8.52
C GLY A 119 -21.85 3.13 -9.76
N GLY A 1 6.66 24.95 17.14
CA GLY A 1 7.89 24.45 16.56
C GLY A 1 8.74 23.69 17.56
N SER A 2 8.42 22.40 17.73
CA SER A 2 9.16 21.56 18.67
C SER A 2 10.28 20.80 17.96
N SER A 3 11.32 20.46 18.70
CA SER A 3 12.46 19.74 18.14
C SER A 3 12.57 18.35 18.76
N GLY A 4 13.45 17.52 18.19
CA GLY A 4 13.64 16.18 18.70
C GLY A 4 13.05 15.13 17.79
N SER A 5 13.73 14.84 16.69
CA SER A 5 13.27 13.85 15.73
C SER A 5 13.87 12.48 16.02
N SER A 6 13.28 11.76 16.97
CA SER A 6 13.77 10.44 17.34
C SER A 6 15.29 10.38 17.29
N GLY A 7 15.93 11.44 17.80
CA GLY A 7 17.39 11.49 17.80
C GLY A 7 17.97 11.45 16.40
N LYS A 8 19.29 11.51 16.31
CA LYS A 8 19.97 11.47 15.03
C LYS A 8 20.85 10.23 14.91
N PRO A 9 20.23 9.08 14.64
CA PRO A 9 20.95 7.81 14.50
C PRO A 9 21.80 7.75 13.24
N ALA A 10 22.59 6.70 13.11
CA ALA A 10 23.45 6.53 11.95
C ALA A 10 22.77 5.70 10.87
N ILE A 11 21.45 5.79 10.80
CA ILE A 11 20.67 5.04 9.81
C ILE A 11 21.01 5.49 8.40
N PRO A 12 20.96 4.55 7.45
CA PRO A 12 21.26 4.82 6.04
C PRO A 12 20.19 5.68 5.38
N SER A 13 20.54 6.93 5.07
CA SER A 13 19.61 7.84 4.43
C SER A 13 18.84 7.16 3.30
N SER A 14 17.69 7.71 2.95
CA SER A 14 16.86 7.16 1.90
C SER A 14 17.43 7.48 0.52
N SER A 15 18.70 7.16 0.33
CA SER A 15 19.37 7.41 -0.94
C SER A 15 19.53 6.13 -1.75
N VAL A 16 20.06 5.09 -1.10
CA VAL A 16 20.26 3.80 -1.76
C VAL A 16 19.03 2.92 -1.63
N LEU A 17 17.86 3.56 -1.47
CA LEU A 17 16.61 2.83 -1.34
C LEU A 17 15.85 2.80 -2.65
N PRO A 18 14.98 1.79 -2.82
CA PRO A 18 14.19 1.62 -4.03
C PRO A 18 13.11 2.70 -4.17
N SER A 19 13.20 3.50 -5.23
CA SER A 19 12.25 4.56 -5.47
C SER A 19 10.81 4.06 -5.25
N ALA A 20 9.90 5.00 -4.99
CA ALA A 20 8.50 4.66 -4.77
C ALA A 20 7.79 4.37 -6.09
N PRO A 21 6.72 3.56 -6.01
CA PRO A 21 5.93 3.19 -7.19
C PRO A 21 5.13 4.36 -7.75
N ARG A 22 4.68 4.22 -8.99
CA ARG A 22 3.90 5.27 -9.64
C ARG A 22 2.48 5.32 -9.09
N ASP A 23 1.82 6.47 -9.25
CA ASP A 23 0.46 6.64 -8.78
C ASP A 23 -0.30 5.32 -8.81
N VAL A 24 -0.50 4.73 -7.64
CA VAL A 24 -1.22 3.46 -7.54
C VAL A 24 -2.71 3.66 -7.78
N VAL A 25 -3.27 2.86 -8.69
CA VAL A 25 -4.69 2.94 -9.01
C VAL A 25 -5.40 1.61 -8.77
N PRO A 26 -6.62 1.67 -8.23
CA PRO A 26 -7.42 0.48 -7.95
C PRO A 26 -7.90 -0.22 -9.22
N VAL A 27 -7.01 -0.99 -9.83
CA VAL A 27 -7.35 -1.72 -11.05
C VAL A 27 -8.74 -2.33 -10.97
N LEU A 28 -9.19 -2.59 -9.74
CA LEU A 28 -10.51 -3.18 -9.51
C LEU A 28 -11.00 -2.88 -8.11
N VAL A 29 -12.32 -2.87 -7.94
CA VAL A 29 -12.92 -2.60 -6.63
C VAL A 29 -14.22 -3.38 -6.46
N SER A 30 -14.35 -4.06 -5.32
CA SER A 30 -15.53 -4.85 -5.04
C SER A 30 -16.19 -4.39 -3.73
N SER A 31 -17.24 -5.10 -3.33
CA SER A 31 -17.96 -4.77 -2.10
C SER A 31 -17.37 -5.52 -0.91
N ARG A 32 -16.31 -6.26 -1.14
CA ARG A 32 -15.65 -7.04 -0.09
C ARG A 32 -14.14 -6.85 -0.14
N PHE A 33 -13.57 -7.05 -1.32
CA PHE A 33 -12.12 -6.91 -1.50
C PHE A 33 -11.81 -5.71 -2.39
N VAL A 34 -10.51 -5.48 -2.61
CA VAL A 34 -10.07 -4.37 -3.44
C VAL A 34 -8.67 -4.62 -4.00
N ARG A 35 -8.61 -4.89 -5.30
CA ARG A 35 -7.33 -5.15 -5.96
C ARG A 35 -6.61 -3.85 -6.29
N LEU A 36 -5.31 -3.82 -6.08
CA LEU A 36 -4.51 -2.64 -6.36
C LEU A 36 -3.25 -3.00 -7.15
N SER A 37 -2.94 -2.19 -8.16
CA SER A 37 -1.77 -2.43 -8.99
C SER A 37 -0.88 -1.19 -9.04
N TRP A 38 0.40 -1.38 -8.74
CA TRP A 38 1.36 -0.28 -8.75
C TRP A 38 2.53 -0.58 -9.69
N ARG A 39 3.47 0.35 -9.77
CA ARG A 39 4.63 0.19 -10.63
C ARG A 39 5.86 -0.23 -9.82
N PRO A 40 6.61 -1.20 -10.36
CA PRO A 40 7.82 -1.70 -9.70
C PRO A 40 8.95 -0.67 -9.69
N PRO A 41 9.82 -0.77 -8.67
CA PRO A 41 10.96 0.15 -8.53
C PRO A 41 12.04 -0.08 -9.58
N ALA A 42 12.37 0.97 -10.33
CA ALA A 42 13.37 0.88 -11.38
C ALA A 42 14.74 0.54 -10.79
N GLU A 43 15.11 1.23 -9.73
CA GLU A 43 16.40 1.02 -9.07
C GLU A 43 16.20 0.38 -7.69
N ALA A 44 16.17 -0.95 -7.66
CA ALA A 44 15.99 -1.67 -6.41
C ALA A 44 17.20 -1.47 -5.49
N LYS A 45 18.39 -1.56 -6.05
CA LYS A 45 19.62 -1.40 -5.29
C LYS A 45 19.75 -2.47 -4.21
N GLY A 46 19.42 -3.71 -4.59
CA GLY A 46 19.50 -4.81 -3.64
C GLY A 46 18.56 -5.95 -3.99
N ASN A 47 17.83 -6.43 -2.98
CA ASN A 47 16.87 -7.51 -3.19
C ASN A 47 15.54 -7.20 -2.53
N ILE A 48 14.47 -7.27 -3.31
CA ILE A 48 13.13 -6.99 -2.80
C ILE A 48 12.44 -8.27 -2.32
N GLN A 49 11.98 -8.26 -1.08
CA GLN A 49 11.30 -9.42 -0.50
C GLN A 49 9.83 -9.43 -0.89
N THR A 50 9.13 -8.32 -0.64
CA THR A 50 7.72 -8.22 -0.95
C THR A 50 7.24 -6.78 -0.84
N PHE A 51 5.96 -6.55 -1.15
CA PHE A 51 5.39 -5.22 -1.08
C PHE A 51 4.38 -5.12 0.07
N THR A 52 4.68 -4.28 1.05
CA THR A 52 3.81 -4.10 2.20
C THR A 52 2.76 -3.03 1.92
N VAL A 53 1.50 -3.39 2.13
CA VAL A 53 0.39 -2.47 1.91
C VAL A 53 -0.39 -2.22 3.20
N PHE A 54 -0.52 -0.96 3.58
CA PHE A 54 -1.25 -0.60 4.79
C PHE A 54 -2.66 -0.13 4.45
N PHE A 55 -3.61 -0.51 5.29
CA PHE A 55 -5.01 -0.13 5.09
C PHE A 55 -5.69 0.18 6.41
N SER A 56 -6.42 1.28 6.45
CA SER A 56 -7.13 1.70 7.66
C SER A 56 -8.48 2.32 7.32
N ARG A 57 -9.48 2.03 8.14
CA ARG A 57 -10.82 2.56 7.92
C ARG A 57 -10.84 4.07 8.08
N GLU A 58 -11.84 4.72 7.47
CA GLU A 58 -11.97 6.17 7.54
C GLU A 58 -12.36 6.62 8.95
N GLY A 59 -11.35 6.79 9.81
CA GLY A 59 -11.62 7.21 11.17
C GLY A 59 -11.08 6.23 12.19
N ASP A 60 -9.77 5.97 12.13
CA ASP A 60 -9.13 5.05 13.06
C ASP A 60 -7.81 5.62 13.57
N ASN A 61 -7.18 4.90 14.50
CA ASN A 61 -5.92 5.34 15.07
C ASN A 61 -4.77 4.46 14.59
N ARG A 62 -5.03 3.16 14.47
CA ARG A 62 -4.03 2.21 14.01
C ARG A 62 -4.44 1.58 12.68
N GLU A 63 -3.45 1.03 11.96
CA GLU A 63 -3.71 0.39 10.68
C GLU A 63 -2.99 -0.94 10.58
N ARG A 64 -3.57 -1.87 9.83
CA ARG A 64 -2.98 -3.19 9.65
C ARG A 64 -1.94 -3.17 8.54
N ALA A 65 -1.23 -4.28 8.38
CA ALA A 65 -0.20 -4.40 7.34
C ALA A 65 -0.16 -5.81 6.77
N LEU A 66 -0.45 -5.94 5.48
CA LEU A 66 -0.44 -7.23 4.81
C LEU A 66 0.66 -7.29 3.74
N ASN A 67 1.75 -7.97 4.07
CA ASN A 67 2.87 -8.11 3.14
C ASN A 67 2.90 -9.51 2.53
N THR A 68 2.42 -9.63 1.30
CA THR A 68 2.40 -10.91 0.61
C THR A 68 2.11 -10.72 -0.87
N THR A 69 3.15 -10.90 -1.69
CA THR A 69 3.01 -10.74 -3.14
C THR A 69 3.99 -11.65 -3.88
N GLN A 70 3.47 -12.51 -4.74
CA GLN A 70 4.31 -13.43 -5.50
C GLN A 70 5.58 -12.73 -5.99
N PRO A 71 6.59 -13.54 -6.35
CA PRO A 71 7.87 -13.02 -6.83
C PRO A 71 7.76 -12.37 -8.21
N GLY A 72 7.45 -11.08 -8.22
CA GLY A 72 7.33 -10.36 -9.47
C GLY A 72 5.92 -9.83 -9.70
N SER A 73 5.06 -9.99 -8.69
CA SER A 73 3.69 -9.52 -8.79
C SER A 73 3.53 -8.13 -8.20
N LEU A 74 2.82 -7.27 -8.91
CA LEU A 74 2.60 -5.89 -8.46
C LEU A 74 1.13 -5.67 -8.09
N GLN A 75 0.35 -6.75 -8.11
CA GLN A 75 -1.07 -6.67 -7.77
C GLN A 75 -1.36 -7.40 -6.47
N LEU A 76 -2.13 -6.76 -5.60
CA LEU A 76 -2.48 -7.35 -4.31
C LEU A 76 -3.98 -7.21 -4.04
N THR A 77 -4.63 -8.34 -3.78
CA THR A 77 -6.06 -8.35 -3.51
C THR A 77 -6.33 -8.39 -2.01
N VAL A 78 -6.69 -7.24 -1.44
CA VAL A 78 -6.97 -7.16 -0.01
C VAL A 78 -8.45 -7.37 0.26
N GLY A 79 -8.79 -8.53 0.81
CA GLY A 79 -10.18 -8.84 1.11
C GLY A 79 -10.54 -8.51 2.55
N ASN A 80 -11.72 -8.95 2.97
CA ASN A 80 -12.19 -8.69 4.33
C ASN A 80 -12.35 -7.19 4.58
N LEU A 81 -13.09 -6.53 3.71
CA LEU A 81 -13.33 -5.09 3.83
C LEU A 81 -14.83 -4.79 3.87
N LYS A 82 -15.23 -3.99 4.86
CA LYS A 82 -16.63 -3.62 5.01
C LYS A 82 -17.11 -2.79 3.81
N PRO A 83 -18.30 -3.13 3.30
CA PRO A 83 -18.88 -2.43 2.16
C PRO A 83 -19.34 -1.01 2.52
N GLU A 84 -19.32 -0.13 1.52
CA GLU A 84 -19.71 1.25 1.73
C GLU A 84 -18.89 1.91 2.83
N ALA A 85 -17.57 1.75 2.74
CA ALA A 85 -16.66 2.32 3.73
C ALA A 85 -15.37 2.81 3.07
N MET A 86 -15.04 4.07 3.30
CA MET A 86 -13.83 4.67 2.73
C MET A 86 -12.59 4.13 3.42
N TYR A 87 -11.62 3.68 2.63
CA TYR A 87 -10.38 3.14 3.17
C TYR A 87 -9.17 3.77 2.49
N THR A 88 -8.05 3.83 3.21
CA THR A 88 -6.82 4.40 2.69
C THR A 88 -5.77 3.34 2.45
N PHE A 89 -5.46 3.09 1.18
CA PHE A 89 -4.46 2.10 0.82
C PHE A 89 -3.15 2.75 0.42
N ARG A 90 -2.03 2.11 0.76
CA ARG A 90 -0.71 2.63 0.45
C ARG A 90 0.27 1.50 0.16
N VAL A 91 1.13 1.70 -0.83
CA VAL A 91 2.12 0.71 -1.20
C VAL A 91 3.52 1.13 -0.78
N VAL A 92 4.37 0.15 -0.48
CA VAL A 92 5.74 0.42 -0.05
C VAL A 92 6.68 -0.71 -0.46
N ALA A 93 7.85 -0.35 -0.95
CA ALA A 93 8.84 -1.34 -1.37
C ALA A 93 9.83 -1.64 -0.25
N TYR A 94 9.91 -2.90 0.14
CA TYR A 94 10.82 -3.32 1.21
C TYR A 94 11.97 -4.15 0.65
N ASN A 95 13.12 -3.52 0.49
CA ASN A 95 14.30 -4.20 -0.04
C ASN A 95 15.30 -4.49 1.07
N GLU A 96 16.46 -5.02 0.70
CA GLU A 96 17.51 -5.34 1.66
C GLU A 96 17.59 -4.27 2.75
N TRP A 97 18.04 -3.08 2.36
CA TRP A 97 18.17 -1.98 3.31
C TRP A 97 16.88 -1.79 4.11
N GLY A 98 15.78 -1.55 3.41
CA GLY A 98 14.51 -1.36 4.08
C GLY A 98 13.49 -0.65 3.20
N PRO A 99 12.44 -0.11 3.82
CA PRO A 99 11.37 0.60 3.11
C PRO A 99 11.85 1.94 2.53
N GLY A 100 11.91 2.02 1.21
CA GLY A 100 12.35 3.24 0.55
C GLY A 100 11.24 4.27 0.45
N GLU A 101 11.41 5.21 -0.48
CA GLU A 101 10.41 6.25 -0.68
C GLU A 101 9.00 5.66 -0.79
N SER A 102 8.08 6.19 0.02
CA SER A 102 6.71 5.71 0.02
C SER A 102 5.87 6.46 -1.01
N SER A 103 4.86 5.78 -1.55
CA SER A 103 3.99 6.38 -2.55
C SER A 103 2.90 7.22 -1.90
N GLN A 104 2.08 7.88 -2.71
CA GLN A 104 1.01 8.72 -2.21
C GLN A 104 -0.19 7.88 -1.80
N PRO A 105 -0.81 8.23 -0.67
CA PRO A 105 -1.98 7.52 -0.14
C PRO A 105 -3.23 7.74 -1.00
N ILE A 106 -3.89 6.65 -1.34
CA ILE A 106 -5.11 6.73 -2.16
C ILE A 106 -6.34 6.36 -1.34
N LYS A 107 -7.47 6.99 -1.67
CA LYS A 107 -8.72 6.73 -0.97
C LYS A 107 -9.71 6.02 -1.88
N VAL A 108 -9.93 4.73 -1.63
CA VAL A 108 -10.86 3.94 -2.43
C VAL A 108 -12.05 3.49 -1.58
N ALA A 109 -13.25 3.78 -2.07
CA ALA A 109 -14.48 3.41 -1.37
C ALA A 109 -15.03 2.09 -1.91
N THR A 110 -15.09 1.09 -1.04
CA THR A 110 -15.60 -0.22 -1.42
C THR A 110 -16.91 -0.10 -2.19
N GLN A 111 -17.36 -1.20 -2.78
CA GLN A 111 -18.60 -1.22 -3.54
C GLN A 111 -19.80 -1.45 -2.63
N PRO A 112 -20.96 -0.91 -3.03
CA PRO A 112 -22.20 -1.05 -2.26
C PRO A 112 -22.73 -2.48 -2.26
N GLU A 113 -22.85 -3.07 -1.07
CA GLU A 113 -23.35 -4.43 -0.94
C GLU A 113 -24.87 -4.44 -0.82
N SER A 114 -25.54 -3.75 -1.73
CA SER A 114 -27.00 -3.67 -1.72
C SER A 114 -27.61 -4.81 -2.56
N GLY A 115 -27.65 -6.00 -1.98
CA GLY A 115 -28.20 -7.15 -2.67
C GLY A 115 -27.58 -7.35 -4.04
N PRO A 116 -28.30 -8.05 -4.93
CA PRO A 116 -27.83 -8.34 -6.29
C PRO A 116 -27.80 -7.09 -7.16
N SER A 117 -26.72 -6.32 -7.04
CA SER A 117 -26.56 -5.10 -7.83
C SER A 117 -27.07 -5.29 -9.25
N SER A 118 -28.23 -4.71 -9.54
CA SER A 118 -28.84 -4.82 -10.85
C SER A 118 -27.85 -4.42 -11.94
N GLY A 119 -28.02 -4.99 -13.13
CA GLY A 119 -27.13 -4.68 -14.24
C GLY A 119 -27.52 -3.40 -14.97
N GLY A 1 11.82 14.50 5.16
CA GLY A 1 11.46 14.78 6.55
C GLY A 1 12.68 14.83 7.45
N SER A 2 12.50 14.39 8.70
CA SER A 2 13.59 14.39 9.67
C SER A 2 13.48 13.19 10.61
N SER A 3 14.60 12.51 10.82
CA SER A 3 14.63 11.34 11.69
C SER A 3 15.49 11.61 12.92
N GLY A 4 14.82 11.84 14.05
CA GLY A 4 15.54 12.11 15.29
C GLY A 4 15.51 10.93 16.24
N SER A 5 16.27 9.89 15.90
CA SER A 5 16.33 8.69 16.74
C SER A 5 17.75 8.19 16.88
N SER A 6 18.17 7.92 18.11
CA SER A 6 19.52 7.43 18.38
C SER A 6 19.66 5.97 17.97
N GLY A 7 20.37 5.75 16.86
CA GLY A 7 20.57 4.39 16.39
C GLY A 7 21.91 4.22 15.68
N LYS A 8 22.07 3.09 14.99
CA LYS A 8 23.31 2.81 14.28
C LYS A 8 23.79 4.04 13.52
N PRO A 9 25.02 4.47 13.83
CA PRO A 9 25.63 5.64 13.18
C PRO A 9 25.98 5.38 11.72
N ALA A 10 25.66 4.18 11.25
CA ALA A 10 25.94 3.81 9.87
C ALA A 10 24.73 3.14 9.22
N ILE A 11 23.91 3.93 8.56
CA ILE A 11 22.71 3.42 7.90
C ILE A 11 22.99 3.08 6.44
N PRO A 12 22.36 2.01 5.95
CA PRO A 12 22.52 1.56 4.56
C PRO A 12 21.88 2.52 3.56
N SER A 13 21.31 3.61 4.07
CA SER A 13 20.66 4.59 3.23
C SER A 13 21.68 5.41 2.45
N SER A 14 22.12 4.89 1.32
CA SER A 14 23.11 5.57 0.50
C SER A 14 22.64 5.68 -0.95
N SER A 15 21.42 6.18 -1.13
CA SER A 15 20.84 6.34 -2.46
C SER A 15 20.78 4.99 -3.18
N VAL A 16 20.29 3.98 -2.49
CA VAL A 16 20.17 2.64 -3.06
C VAL A 16 18.79 2.05 -2.80
N LEU A 17 17.95 2.80 -2.09
CA LEU A 17 16.60 2.35 -1.78
C LEU A 17 15.70 2.44 -3.01
N PRO A 18 14.77 1.48 -3.14
CA PRO A 18 13.83 1.43 -4.27
C PRO A 18 12.81 2.56 -4.22
N SER A 19 12.87 3.44 -5.21
CA SER A 19 11.95 4.57 -5.29
C SER A 19 10.50 4.09 -5.27
N ALA A 20 9.59 4.97 -4.85
CA ALA A 20 8.17 4.64 -4.80
C ALA A 20 7.65 4.24 -6.18
N PRO A 21 6.76 3.24 -6.20
CA PRO A 21 6.17 2.74 -7.44
C PRO A 21 5.20 3.74 -8.07
N ARG A 22 4.75 3.45 -9.29
CA ARG A 22 3.83 4.33 -9.99
C ARG A 22 2.55 4.54 -9.18
N ASP A 23 1.99 5.74 -9.28
CA ASP A 23 0.77 6.07 -8.55
C ASP A 23 -0.16 4.88 -8.48
N VAL A 24 -0.05 4.11 -7.39
CA VAL A 24 -0.89 2.94 -7.19
C VAL A 24 -2.34 3.24 -7.49
N VAL A 25 -2.89 2.58 -8.51
CA VAL A 25 -4.28 2.79 -8.90
C VAL A 25 -5.09 1.51 -8.71
N PRO A 26 -6.31 1.66 -8.18
CA PRO A 26 -7.22 0.54 -7.93
C PRO A 26 -7.75 -0.08 -9.22
N VAL A 27 -6.97 -0.98 -9.81
CA VAL A 27 -7.36 -1.65 -11.04
C VAL A 27 -8.76 -2.23 -10.94
N LEU A 28 -9.23 -2.40 -9.70
CA LEU A 28 -10.56 -2.95 -9.46
C LEU A 28 -11.01 -2.68 -8.04
N VAL A 29 -12.32 -2.64 -7.83
CA VAL A 29 -12.88 -2.39 -6.51
C VAL A 29 -14.08 -3.29 -6.24
N SER A 30 -14.13 -3.86 -5.04
CA SER A 30 -15.22 -4.75 -4.65
C SER A 30 -15.90 -4.27 -3.38
N SER A 31 -16.94 -4.98 -2.96
CA SER A 31 -17.68 -4.62 -1.75
C SER A 31 -17.05 -5.26 -0.52
N ARG A 32 -16.11 -6.17 -0.75
CA ARG A 32 -15.43 -6.87 0.34
C ARG A 32 -13.92 -6.69 0.24
N PHE A 33 -13.40 -6.77 -0.98
CA PHE A 33 -11.96 -6.62 -1.21
C PHE A 33 -11.69 -5.49 -2.20
N VAL A 34 -10.41 -5.22 -2.44
CA VAL A 34 -10.00 -4.18 -3.37
C VAL A 34 -8.64 -4.47 -3.97
N ARG A 35 -8.61 -4.78 -5.25
CA ARG A 35 -7.37 -5.08 -5.95
C ARG A 35 -6.64 -3.80 -6.35
N LEU A 36 -5.32 -3.84 -6.28
CA LEU A 36 -4.50 -2.67 -6.63
C LEU A 36 -3.28 -3.08 -7.44
N SER A 37 -2.95 -2.29 -8.45
CA SER A 37 -1.80 -2.58 -9.31
C SER A 37 -0.89 -1.36 -9.41
N TRP A 38 0.39 -1.58 -9.15
CA TRP A 38 1.38 -0.51 -9.21
C TRP A 38 2.63 -0.96 -9.96
N ARG A 39 3.34 0.00 -10.56
CA ARG A 39 4.55 -0.30 -11.31
C ARG A 39 5.75 -0.42 -10.37
N PRO A 40 6.59 -1.44 -10.61
CA PRO A 40 7.78 -1.70 -9.80
C PRO A 40 8.86 -0.63 -10.00
N PRO A 41 9.75 -0.51 -9.02
CA PRO A 41 10.85 0.48 -9.08
C PRO A 41 11.90 0.11 -10.12
N ALA A 42 12.07 0.99 -11.11
CA ALA A 42 13.04 0.76 -12.17
C ALA A 42 14.40 0.38 -11.60
N GLU A 43 14.66 0.79 -10.36
CA GLU A 43 15.92 0.49 -9.69
C GLU A 43 15.69 0.01 -8.26
N ALA A 44 16.33 -1.09 -7.91
CA ALA A 44 16.19 -1.66 -6.56
C ALA A 44 17.54 -1.69 -5.84
N LYS A 45 18.61 -1.88 -6.60
CA LYS A 45 19.95 -1.94 -6.04
C LYS A 45 20.07 -3.08 -5.04
N GLY A 46 19.67 -4.28 -5.47
CA GLY A 46 19.75 -5.44 -4.60
C GLY A 46 18.70 -6.49 -4.94
N ASN A 47 17.62 -6.52 -4.18
CA ASN A 47 16.56 -7.48 -4.40
C ASN A 47 15.36 -7.20 -3.50
N ILE A 48 14.17 -7.11 -4.10
CA ILE A 48 12.96 -6.83 -3.34
C ILE A 48 12.22 -8.12 -3.00
N GLN A 49 11.97 -8.33 -1.71
CA GLN A 49 11.27 -9.52 -1.25
C GLN A 49 9.78 -9.43 -1.54
N THR A 50 9.09 -8.53 -0.85
CA THR A 50 7.66 -8.34 -1.04
C THR A 50 7.26 -6.88 -0.85
N PHE A 51 5.99 -6.59 -1.08
CA PHE A 51 5.48 -5.22 -0.94
C PHE A 51 4.49 -5.14 0.22
N THR A 52 4.67 -4.13 1.06
CA THR A 52 3.81 -3.92 2.21
C THR A 52 2.68 -2.95 1.89
N VAL A 53 1.44 -3.37 2.14
CA VAL A 53 0.27 -2.53 1.87
C VAL A 53 -0.53 -2.30 3.15
N PHE A 54 -0.62 -1.05 3.57
CA PHE A 54 -1.36 -0.69 4.77
C PHE A 54 -2.79 -0.28 4.42
N PHE A 55 -3.70 -0.46 5.38
CA PHE A 55 -5.09 -0.10 5.17
C PHE A 55 -5.77 0.24 6.50
N SER A 56 -6.63 1.26 6.48
CA SER A 56 -7.33 1.69 7.68
C SER A 56 -8.71 2.24 7.33
N ARG A 57 -9.60 2.23 8.31
CA ARG A 57 -10.97 2.72 8.12
C ARG A 57 -11.01 4.25 8.24
N GLU A 58 -11.94 4.86 7.52
CA GLU A 58 -12.09 6.32 7.55
C GLU A 58 -11.81 6.86 8.95
N GLY A 59 -10.65 7.48 9.12
CA GLY A 59 -10.28 8.04 10.41
C GLY A 59 -10.27 7.00 11.51
N ASP A 60 -9.21 6.21 11.57
CA ASP A 60 -9.08 5.17 12.58
C ASP A 60 -7.84 5.41 13.45
N ASN A 61 -7.81 4.76 14.60
CA ASN A 61 -6.69 4.90 15.54
C ASN A 61 -5.39 4.44 14.89
N ARG A 62 -5.36 3.18 14.44
CA ARG A 62 -4.18 2.62 13.81
C ARG A 62 -4.56 1.82 12.57
N GLU A 63 -3.64 1.74 11.61
CA GLU A 63 -3.87 1.01 10.37
C GLU A 63 -3.18 -0.35 10.40
N ARG A 64 -3.75 -1.32 9.70
CA ARG A 64 -3.19 -2.66 9.65
C ARG A 64 -2.04 -2.74 8.64
N ALA A 65 -1.35 -3.87 8.62
CA ALA A 65 -0.23 -4.06 7.71
C ALA A 65 -0.22 -5.47 7.14
N LEU A 66 -0.05 -5.57 5.82
CA LEU A 66 -0.03 -6.86 5.15
C LEU A 66 1.00 -6.88 4.03
N ASN A 67 1.94 -7.82 4.10
CA ASN A 67 2.99 -7.94 3.10
C ASN A 67 2.96 -9.32 2.44
N THR A 68 2.62 -9.34 1.15
CA THR A 68 2.55 -10.59 0.41
C THR A 68 2.28 -10.33 -1.07
N THR A 69 3.27 -10.63 -1.91
CA THR A 69 3.14 -10.43 -3.35
C THR A 69 3.83 -11.55 -4.13
N GLN A 70 3.10 -12.16 -5.04
CA GLN A 70 3.64 -13.25 -5.86
C GLN A 70 5.04 -12.89 -6.36
N PRO A 71 5.84 -13.93 -6.65
CA PRO A 71 7.21 -13.76 -7.15
C PRO A 71 7.24 -13.20 -8.58
N GLY A 72 7.20 -11.88 -8.69
CA GLY A 72 7.23 -11.25 -10.00
C GLY A 72 5.94 -10.54 -10.32
N SER A 73 5.22 -10.09 -9.29
CA SER A 73 3.96 -9.40 -9.47
C SER A 73 3.81 -8.27 -8.46
N LEU A 74 3.39 -7.11 -8.94
CA LEU A 74 3.20 -5.94 -8.07
C LEU A 74 1.73 -5.73 -7.77
N GLN A 75 0.94 -6.77 -7.90
CA GLN A 75 -0.49 -6.70 -7.64
C GLN A 75 -0.87 -7.49 -6.38
N LEU A 76 -1.64 -6.86 -5.51
CA LEU A 76 -2.06 -7.50 -4.27
C LEU A 76 -3.54 -7.24 -4.00
N THR A 77 -4.29 -8.30 -3.74
CA THR A 77 -5.72 -8.18 -3.46
C THR A 77 -5.98 -8.15 -1.96
N VAL A 78 -6.39 -6.99 -1.46
CA VAL A 78 -6.68 -6.82 -0.04
C VAL A 78 -8.16 -7.07 0.24
N GLY A 79 -8.44 -8.06 1.09
CA GLY A 79 -9.81 -8.38 1.43
C GLY A 79 -10.13 -8.06 2.88
N ASN A 80 -11.31 -8.49 3.33
CA ASN A 80 -11.73 -8.25 4.70
C ASN A 80 -12.09 -6.78 4.90
N LEU A 81 -12.92 -6.25 4.02
CA LEU A 81 -13.35 -4.87 4.10
C LEU A 81 -14.87 -4.76 4.15
N LYS A 82 -15.36 -3.68 4.75
CA LYS A 82 -16.80 -3.45 4.87
C LYS A 82 -17.32 -2.62 3.70
N PRO A 83 -18.51 -2.99 3.20
CA PRO A 83 -19.15 -2.30 2.07
C PRO A 83 -19.62 -0.90 2.45
N GLU A 84 -19.71 -0.02 1.45
CA GLU A 84 -20.16 1.34 1.69
C GLU A 84 -19.32 2.01 2.78
N ALA A 85 -18.01 1.96 2.62
CA ALA A 85 -17.10 2.56 3.58
C ALA A 85 -15.77 2.95 2.94
N MET A 86 -15.36 4.19 3.16
CA MET A 86 -14.10 4.68 2.58
C MET A 86 -12.91 4.03 3.26
N TYR A 87 -11.95 3.57 2.45
CA TYR A 87 -10.75 2.92 2.97
C TYR A 87 -9.51 3.39 2.21
N THR A 88 -8.44 3.65 2.96
CA THR A 88 -7.19 4.11 2.36
C THR A 88 -6.21 2.95 2.19
N PHE A 89 -5.45 2.98 1.11
CA PHE A 89 -4.48 1.93 0.82
C PHE A 89 -3.14 2.53 0.41
N ARG A 90 -2.05 1.95 0.93
CA ARG A 90 -0.71 2.43 0.61
C ARG A 90 0.16 1.30 0.06
N VAL A 91 1.34 1.65 -0.44
CA VAL A 91 2.26 0.67 -0.99
C VAL A 91 3.70 1.07 -0.74
N VAL A 92 4.51 0.12 -0.31
CA VAL A 92 5.93 0.37 -0.03
C VAL A 92 6.78 -0.83 -0.39
N ALA A 93 7.99 -0.57 -0.88
CA ALA A 93 8.91 -1.64 -1.26
C ALA A 93 9.88 -1.95 -0.13
N TYR A 94 9.96 -3.22 0.25
CA TYR A 94 10.84 -3.65 1.32
C TYR A 94 11.94 -4.56 0.78
N ASN A 95 13.11 -3.98 0.53
CA ASN A 95 14.25 -4.74 0.02
C ASN A 95 15.25 -5.04 1.13
N GLU A 96 16.33 -5.73 0.77
CA GLU A 96 17.37 -6.08 1.73
C GLU A 96 17.74 -4.88 2.58
N TRP A 97 17.88 -3.72 1.94
CA TRP A 97 18.24 -2.49 2.63
C TRP A 97 17.14 -2.07 3.60
N GLY A 98 15.93 -1.93 3.08
CA GLY A 98 14.81 -1.53 3.91
C GLY A 98 13.73 -0.82 3.11
N PRO A 99 12.73 -0.26 3.83
CA PRO A 99 11.61 0.45 3.21
C PRO A 99 12.04 1.78 2.59
N GLY A 100 12.19 1.78 1.27
CA GLY A 100 12.59 2.99 0.58
C GLY A 100 11.50 4.04 0.55
N GLU A 101 11.55 4.91 -0.45
CA GLU A 101 10.55 5.97 -0.58
C GLU A 101 9.14 5.43 -0.34
N SER A 102 8.26 6.29 0.16
CA SER A 102 6.89 5.90 0.44
C SER A 102 5.96 6.29 -0.71
N SER A 103 4.79 5.67 -0.75
CA SER A 103 3.82 5.95 -1.80
C SER A 103 2.77 6.94 -1.33
N GLN A 104 1.89 7.36 -2.24
CA GLN A 104 0.84 8.31 -1.92
C GLN A 104 -0.42 7.59 -1.43
N PRO A 105 -1.00 8.09 -0.33
CA PRO A 105 -2.21 7.49 0.26
C PRO A 105 -3.44 7.72 -0.61
N ILE A 106 -3.99 6.63 -1.14
CA ILE A 106 -5.17 6.71 -1.99
C ILE A 106 -6.43 6.29 -1.22
N LYS A 107 -7.56 6.90 -1.57
CA LYS A 107 -8.82 6.58 -0.92
C LYS A 107 -9.78 5.89 -1.89
N VAL A 108 -10.31 4.75 -1.47
CA VAL A 108 -11.25 3.99 -2.30
C VAL A 108 -12.45 3.51 -1.49
N ALA A 109 -13.64 3.83 -1.97
CA ALA A 109 -14.87 3.44 -1.30
C ALA A 109 -15.39 2.11 -1.84
N THR A 110 -15.40 1.09 -0.98
CA THR A 110 -15.88 -0.23 -1.39
C THR A 110 -17.18 -0.13 -2.16
N GLN A 111 -17.52 -1.19 -2.88
CA GLN A 111 -18.74 -1.23 -3.67
C GLN A 111 -19.95 -1.51 -2.80
N PRO A 112 -21.10 -0.94 -3.16
CA PRO A 112 -22.35 -1.11 -2.41
C PRO A 112 -22.91 -2.52 -2.54
N GLU A 113 -23.33 -3.10 -1.41
CA GLU A 113 -23.89 -4.44 -1.41
C GLU A 113 -25.41 -4.40 -1.36
N SER A 114 -25.99 -3.35 -1.93
CA SER A 114 -27.44 -3.20 -1.96
C SER A 114 -28.10 -4.33 -2.72
N GLY A 115 -29.24 -4.78 -2.23
CA GLY A 115 -29.97 -5.86 -2.87
C GLY A 115 -29.99 -5.70 -4.39
N PRO A 116 -30.84 -4.78 -4.87
CA PRO A 116 -30.98 -4.52 -6.31
C PRO A 116 -29.75 -3.85 -6.90
N SER A 117 -28.85 -4.66 -7.45
CA SER A 117 -27.62 -4.15 -8.05
C SER A 117 -27.33 -4.87 -9.37
N SER A 118 -26.41 -4.30 -10.14
CA SER A 118 -26.03 -4.88 -11.43
C SER A 118 -25.58 -6.32 -11.27
N GLY A 119 -26.31 -7.24 -11.90
CA GLY A 119 -25.97 -8.65 -11.82
C GLY A 119 -25.67 -9.09 -10.41
N GLY A 1 13.71 24.96 20.51
CA GLY A 1 14.80 24.32 19.79
C GLY A 1 14.78 22.82 19.94
N SER A 2 14.87 22.11 18.82
CA SER A 2 14.85 20.65 18.83
C SER A 2 15.79 20.10 17.75
N SER A 3 15.92 18.77 17.73
CA SER A 3 16.78 18.11 16.76
C SER A 3 16.05 16.97 16.07
N GLY A 4 15.45 16.09 16.87
CA GLY A 4 14.72 14.96 16.33
C GLY A 4 15.65 13.86 15.84
N SER A 5 15.54 12.68 16.46
CA SER A 5 16.38 11.55 16.10
C SER A 5 15.76 10.24 16.59
N SER A 6 16.25 9.12 16.05
CA SER A 6 15.74 7.81 16.43
C SER A 6 16.77 7.05 17.25
N GLY A 7 17.79 7.76 17.72
CA GLY A 7 18.84 7.15 18.52
C GLY A 7 20.16 7.06 17.77
N LYS A 8 20.52 8.14 17.09
CA LYS A 8 21.76 8.18 16.32
C LYS A 8 22.02 6.87 15.62
N PRO A 9 21.03 6.41 14.84
CA PRO A 9 21.12 5.16 14.09
C PRO A 9 22.12 5.24 12.94
N ALA A 10 22.38 4.11 12.30
CA ALA A 10 23.32 4.06 11.18
C ALA A 10 22.59 3.82 9.87
N ILE A 11 22.02 4.87 9.31
CA ILE A 11 21.30 4.78 8.05
C ILE A 11 22.19 5.14 6.87
N PRO A 12 21.92 4.51 5.71
CA PRO A 12 22.69 4.76 4.48
C PRO A 12 22.44 6.15 3.90
N SER A 13 23.48 6.97 3.88
CA SER A 13 23.38 8.33 3.36
C SER A 13 22.99 8.31 1.88
N SER A 14 23.86 7.74 1.05
CA SER A 14 23.60 7.67 -0.38
C SER A 14 22.27 6.98 -0.66
N SER A 15 21.51 7.54 -1.60
CA SER A 15 20.20 6.99 -1.95
C SER A 15 20.35 5.60 -2.54
N VAL A 16 20.20 4.58 -1.70
CA VAL A 16 20.32 3.19 -2.13
C VAL A 16 19.01 2.45 -1.92
N LEU A 17 18.06 3.10 -1.28
CA LEU A 17 16.75 2.50 -1.01
C LEU A 17 15.94 2.37 -2.29
N PRO A 18 14.99 1.41 -2.29
CA PRO A 18 14.13 1.16 -3.45
C PRO A 18 13.12 2.29 -3.67
N SER A 19 13.17 2.91 -4.85
CA SER A 19 12.27 4.00 -5.18
C SER A 19 10.82 3.60 -4.95
N ALA A 20 9.94 4.59 -4.90
CA ALA A 20 8.52 4.34 -4.68
C ALA A 20 7.84 3.84 -5.96
N PRO A 21 6.78 3.05 -5.80
CA PRO A 21 6.03 2.50 -6.93
C PRO A 21 5.24 3.56 -7.68
N ARG A 22 4.99 3.31 -8.97
CA ARG A 22 4.25 4.26 -9.79
C ARG A 22 2.84 4.47 -9.25
N ASP A 23 2.26 5.64 -9.53
CA ASP A 23 0.92 5.95 -9.06
C ASP A 23 0.05 4.70 -8.99
N VAL A 24 -0.15 4.19 -7.78
CA VAL A 24 -0.95 3.00 -7.58
C VAL A 24 -2.43 3.28 -7.82
N VAL A 25 -2.99 2.62 -8.84
CA VAL A 25 -4.39 2.80 -9.18
C VAL A 25 -5.19 1.52 -8.93
N PRO A 26 -6.41 1.67 -8.41
CA PRO A 26 -7.29 0.53 -8.12
C PRO A 26 -7.81 -0.12 -9.38
N VAL A 27 -7.02 -1.03 -9.95
CA VAL A 27 -7.41 -1.74 -11.16
C VAL A 27 -8.71 -2.50 -10.97
N LEU A 28 -9.05 -2.77 -9.71
CA LEU A 28 -10.27 -3.50 -9.39
C LEU A 28 -10.63 -3.32 -7.92
N VAL A 29 -11.81 -2.76 -7.67
CA VAL A 29 -12.28 -2.54 -6.31
C VAL A 29 -13.62 -3.22 -6.07
N SER A 30 -13.68 -4.08 -5.05
CA SER A 30 -14.90 -4.80 -4.72
C SER A 30 -15.53 -4.24 -3.45
N SER A 31 -16.62 -4.87 -3.01
CA SER A 31 -17.32 -4.43 -1.81
C SER A 31 -16.66 -4.97 -0.56
N ARG A 32 -16.01 -6.13 -0.70
CA ARG A 32 -15.33 -6.76 0.43
C ARG A 32 -13.82 -6.61 0.30
N PHE A 33 -13.32 -6.75 -0.92
CA PHE A 33 -11.88 -6.64 -1.18
C PHE A 33 -11.61 -5.53 -2.19
N VAL A 34 -10.33 -5.20 -2.36
CA VAL A 34 -9.92 -4.17 -3.30
C VAL A 34 -8.52 -4.41 -3.82
N ARG A 35 -8.41 -4.77 -5.10
CA ARG A 35 -7.13 -5.04 -5.72
C ARG A 35 -6.47 -3.74 -6.20
N LEU A 36 -5.14 -3.70 -6.11
CA LEU A 36 -4.39 -2.51 -6.52
C LEU A 36 -3.14 -2.90 -7.31
N SER A 37 -2.97 -2.29 -8.47
CA SER A 37 -1.81 -2.57 -9.31
C SER A 37 -0.92 -1.35 -9.45
N TRP A 38 0.39 -1.56 -9.31
CA TRP A 38 1.36 -0.47 -9.41
C TRP A 38 2.64 -0.95 -10.10
N ARG A 39 3.35 -0.01 -10.71
CA ARG A 39 4.60 -0.33 -11.40
C ARG A 39 5.74 -0.51 -10.41
N PRO A 40 6.54 -1.57 -10.63
CA PRO A 40 7.68 -1.88 -9.77
C PRO A 40 8.81 -0.87 -9.91
N PRO A 41 9.66 -0.78 -8.88
CA PRO A 41 10.81 0.14 -8.87
C PRO A 41 11.90 -0.27 -9.86
N ALA A 42 12.56 0.73 -10.45
CA ALA A 42 13.62 0.46 -11.41
C ALA A 42 14.97 0.38 -10.72
N GLU A 43 15.12 1.13 -9.62
CA GLU A 43 16.37 1.14 -8.88
C GLU A 43 16.20 0.44 -7.53
N ALA A 44 16.23 -0.88 -7.55
CA ALA A 44 16.08 -1.67 -6.34
C ALA A 44 17.43 -1.86 -5.63
N LYS A 45 18.49 -1.95 -6.41
CA LYS A 45 19.83 -2.13 -5.88
C LYS A 45 19.89 -3.33 -4.94
N GLY A 46 19.39 -4.47 -5.41
CA GLY A 46 19.39 -5.67 -4.60
C GLY A 46 18.26 -6.61 -4.94
N ASN A 47 17.64 -7.19 -3.91
CA ASN A 47 16.53 -8.11 -4.12
C ASN A 47 15.35 -7.75 -3.22
N ILE A 48 14.17 -7.63 -3.82
CA ILE A 48 12.97 -7.30 -3.07
C ILE A 48 12.23 -8.54 -2.62
N GLN A 49 11.78 -8.55 -1.36
CA GLN A 49 11.07 -9.69 -0.81
C GLN A 49 9.58 -9.61 -1.14
N THR A 50 8.96 -8.49 -0.80
CA THR A 50 7.54 -8.28 -1.07
C THR A 50 7.15 -6.82 -0.93
N PHE A 51 5.87 -6.53 -1.13
CA PHE A 51 5.37 -5.16 -1.02
C PHE A 51 4.38 -5.04 0.14
N THR A 52 4.64 -4.08 1.02
CA THR A 52 3.77 -3.84 2.17
C THR A 52 2.62 -2.91 1.82
N VAL A 53 1.40 -3.36 2.07
CA VAL A 53 0.21 -2.56 1.78
C VAL A 53 -0.61 -2.32 3.04
N PHE A 54 -0.86 -1.06 3.35
CA PHE A 54 -1.64 -0.70 4.54
C PHE A 54 -3.11 -0.53 4.18
N PHE A 55 -3.96 -0.55 5.20
CA PHE A 55 -5.40 -0.41 5.00
C PHE A 55 -6.12 -0.24 6.33
N SER A 56 -6.96 0.78 6.42
CA SER A 56 -7.71 1.05 7.65
C SER A 56 -8.98 1.83 7.34
N ARG A 57 -9.86 1.92 8.33
CA ARG A 57 -11.12 2.64 8.16
C ARG A 57 -10.98 4.10 8.57
N GLU A 58 -11.31 5.00 7.66
CA GLU A 58 -11.21 6.44 7.92
C GLU A 58 -11.64 6.76 9.35
N GLY A 59 -10.73 7.37 10.11
CA GLY A 59 -11.03 7.72 11.49
C GLY A 59 -10.07 7.08 12.47
N ASP A 60 -9.62 5.87 12.15
CA ASP A 60 -8.69 5.16 13.01
C ASP A 60 -7.29 5.76 12.94
N ASN A 61 -6.60 5.79 14.08
CA ASN A 61 -5.26 6.35 14.13
C ASN A 61 -4.20 5.26 13.96
N ARG A 62 -4.58 4.19 13.28
CA ARG A 62 -3.68 3.08 13.04
C ARG A 62 -3.95 2.43 11.67
N GLU A 63 -2.89 1.95 11.03
CA GLU A 63 -3.02 1.32 9.72
C GLU A 63 -2.35 -0.06 9.72
N ARG A 64 -3.13 -1.09 9.43
CA ARG A 64 -2.62 -2.45 9.38
C ARG A 64 -1.56 -2.60 8.30
N ALA A 65 -1.04 -3.82 8.16
CA ALA A 65 -0.01 -4.09 7.15
C ALA A 65 -0.09 -5.54 6.68
N LEU A 66 -0.30 -5.72 5.39
CA LEU A 66 -0.39 -7.06 4.80
C LEU A 66 0.62 -7.23 3.68
N ASN A 67 1.75 -7.84 4.00
CA ASN A 67 2.81 -8.08 3.01
C ASN A 67 2.70 -9.48 2.42
N THR A 68 2.29 -9.56 1.15
CA THR A 68 2.15 -10.84 0.48
C THR A 68 1.91 -10.64 -1.02
N THR A 69 2.93 -10.92 -1.83
CA THR A 69 2.82 -10.77 -3.26
C THR A 69 3.75 -11.75 -3.99
N GLN A 70 3.20 -12.47 -4.95
CA GLN A 70 3.97 -13.45 -5.71
C GLN A 70 5.26 -12.83 -6.23
N PRO A 71 6.22 -13.69 -6.61
CA PRO A 71 7.51 -13.24 -7.14
C PRO A 71 7.39 -12.61 -8.52
N GLY A 72 7.49 -11.28 -8.57
CA GLY A 72 7.39 -10.57 -9.82
C GLY A 72 6.02 -9.94 -10.03
N SER A 73 5.14 -10.12 -9.05
CA SER A 73 3.79 -9.57 -9.14
C SER A 73 3.67 -8.30 -8.29
N LEU A 74 3.39 -7.19 -8.94
CA LEU A 74 3.24 -5.91 -8.24
C LEU A 74 1.78 -5.64 -7.91
N GLN A 75 0.96 -6.69 -7.94
CA GLN A 75 -0.45 -6.56 -7.63
C GLN A 75 -0.82 -7.36 -6.37
N LEU A 76 -1.56 -6.72 -5.47
CA LEU A 76 -1.98 -7.37 -4.23
C LEU A 76 -3.44 -7.06 -3.92
N THR A 77 -4.18 -8.08 -3.51
CA THR A 77 -5.58 -7.92 -3.18
C THR A 77 -5.80 -7.94 -1.67
N VAL A 78 -6.44 -6.89 -1.15
CA VAL A 78 -6.71 -6.78 0.28
C VAL A 78 -8.17 -7.06 0.58
N GLY A 79 -8.41 -8.02 1.46
CA GLY A 79 -9.77 -8.37 1.83
C GLY A 79 -10.10 -8.00 3.26
N ASN A 80 -11.25 -8.46 3.75
CA ASN A 80 -11.67 -8.17 5.11
C ASN A 80 -12.01 -6.69 5.26
N LEU A 81 -12.74 -6.15 4.29
CA LEU A 81 -13.13 -4.74 4.32
C LEU A 81 -14.65 -4.60 4.42
N LYS A 82 -15.09 -3.51 5.04
CA LYS A 82 -16.51 -3.25 5.19
C LYS A 82 -17.07 -2.48 3.99
N PRO A 83 -18.24 -2.91 3.50
CA PRO A 83 -18.90 -2.28 2.35
C PRO A 83 -19.43 -0.89 2.68
N GLU A 84 -19.56 -0.05 1.66
CA GLU A 84 -20.05 1.31 1.84
C GLU A 84 -19.24 2.05 2.90
N ALA A 85 -17.91 1.97 2.78
CA ALA A 85 -17.02 2.64 3.72
C ALA A 85 -15.73 3.09 3.04
N MET A 86 -15.20 4.22 3.46
CA MET A 86 -13.97 4.75 2.89
C MET A 86 -12.74 4.10 3.52
N TYR A 87 -11.85 3.59 2.70
CA TYR A 87 -10.64 2.93 3.17
C TYR A 87 -9.41 3.46 2.46
N THR A 88 -8.37 3.78 3.22
CA THR A 88 -7.13 4.29 2.65
C THR A 88 -6.11 3.19 2.45
N PHE A 89 -5.63 3.04 1.22
CA PHE A 89 -4.64 2.02 0.90
C PHE A 89 -3.32 2.65 0.50
N ARG A 90 -2.22 2.01 0.93
CA ARG A 90 -0.89 2.52 0.62
C ARG A 90 0.01 1.38 0.14
N VAL A 91 1.10 1.74 -0.54
CA VAL A 91 2.04 0.76 -1.06
C VAL A 91 3.47 1.16 -0.74
N VAL A 92 4.25 0.20 -0.24
CA VAL A 92 5.65 0.45 0.10
C VAL A 92 6.53 -0.71 -0.32
N ALA A 93 7.73 -0.39 -0.81
CA ALA A 93 8.67 -1.41 -1.24
C ALA A 93 9.66 -1.77 -0.13
N TYR A 94 9.92 -3.05 0.04
CA TYR A 94 10.84 -3.51 1.07
C TYR A 94 11.94 -4.38 0.47
N ASN A 95 13.16 -3.84 0.42
CA ASN A 95 14.30 -4.57 -0.13
C ASN A 95 15.34 -4.85 0.95
N GLU A 96 16.45 -5.46 0.55
CA GLU A 96 17.52 -5.80 1.48
C GLU A 96 17.66 -4.70 2.55
N TRP A 97 18.20 -3.56 2.13
CA TRP A 97 18.41 -2.44 3.05
C TRP A 97 17.17 -2.22 3.91
N GLY A 98 16.04 -1.98 3.27
CA GLY A 98 14.80 -1.76 4.00
C GLY A 98 13.78 -0.99 3.18
N PRO A 99 12.78 -0.41 3.86
CA PRO A 99 11.72 0.38 3.21
C PRO A 99 12.23 1.69 2.66
N GLY A 100 12.08 1.87 1.35
CA GLY A 100 12.53 3.10 0.71
C GLY A 100 11.43 4.13 0.59
N GLU A 101 11.45 4.90 -0.50
CA GLU A 101 10.45 5.93 -0.73
C GLU A 101 9.04 5.33 -0.72
N SER A 102 8.10 6.04 -0.09
CA SER A 102 6.72 5.57 -0.01
C SER A 102 5.86 6.27 -1.06
N SER A 103 4.84 5.57 -1.53
CA SER A 103 3.93 6.11 -2.53
C SER A 103 2.84 6.96 -1.88
N GLN A 104 2.14 7.75 -2.68
CA GLN A 104 1.07 8.60 -2.18
C GLN A 104 -0.16 7.78 -1.80
N PRO A 105 -0.73 8.07 -0.62
CA PRO A 105 -1.91 7.37 -0.11
C PRO A 105 -3.16 7.70 -0.91
N ILE A 106 -3.88 6.66 -1.32
CA ILE A 106 -5.10 6.84 -2.10
C ILE A 106 -6.33 6.42 -1.29
N LYS A 107 -7.45 7.07 -1.55
CA LYS A 107 -8.70 6.76 -0.86
C LYS A 107 -9.70 6.11 -1.80
N VAL A 108 -10.01 4.84 -1.53
CA VAL A 108 -10.96 4.10 -2.34
C VAL A 108 -12.16 3.65 -1.53
N ALA A 109 -13.36 3.90 -2.06
CA ALA A 109 -14.60 3.53 -1.37
C ALA A 109 -15.16 2.24 -1.94
N THR A 110 -15.30 1.23 -1.08
CA THR A 110 -15.84 -0.07 -1.51
C THR A 110 -17.20 0.09 -2.17
N GLN A 111 -17.65 -0.96 -2.83
CA GLN A 111 -18.94 -0.94 -3.51
C GLN A 111 -20.04 -1.44 -2.58
N PRO A 112 -21.27 -0.95 -2.81
CA PRO A 112 -22.44 -1.33 -2.01
C PRO A 112 -22.87 -2.78 -2.26
N GLU A 113 -22.52 -3.65 -1.32
CA GLU A 113 -22.88 -5.07 -1.45
C GLU A 113 -24.38 -5.24 -1.62
N SER A 114 -25.14 -4.25 -1.18
CA SER A 114 -26.60 -4.30 -1.29
C SER A 114 -27.04 -4.11 -2.73
N GLY A 115 -28.24 -4.58 -3.05
CA GLY A 115 -28.76 -4.46 -4.40
C GLY A 115 -29.56 -3.18 -4.59
N PRO A 116 -29.45 -2.59 -5.78
CA PRO A 116 -30.16 -1.35 -6.12
C PRO A 116 -31.67 -1.56 -6.26
N SER A 117 -32.44 -0.78 -5.51
CA SER A 117 -33.89 -0.89 -5.55
C SER A 117 -34.41 -0.78 -6.97
N SER A 118 -34.61 -1.93 -7.62
CA SER A 118 -35.10 -1.96 -8.98
C SER A 118 -36.56 -1.55 -9.05
N GLY A 119 -36.81 -0.35 -9.57
CA GLY A 119 -38.17 0.15 -9.67
C GLY A 119 -38.32 1.55 -9.14
N GLY A 1 0.21 18.90 10.20
CA GLY A 1 1.58 19.09 10.65
C GLY A 1 2.49 17.96 10.20
N SER A 2 3.61 17.79 10.89
CA SER A 2 4.57 16.74 10.56
C SER A 2 5.28 16.23 11.80
N SER A 3 5.59 14.94 11.82
CA SER A 3 6.27 14.33 12.95
C SER A 3 7.55 13.65 12.51
N GLY A 4 8.41 13.31 13.48
CA GLY A 4 9.67 12.65 13.16
C GLY A 4 10.03 11.59 14.18
N SER A 5 10.42 10.41 13.69
CA SER A 5 10.79 9.31 14.56
C SER A 5 12.28 9.04 14.50
N SER A 6 12.86 8.62 15.62
CA SER A 6 14.28 8.33 15.70
C SER A 6 14.54 7.06 16.50
N GLY A 7 15.80 6.64 16.53
CA GLY A 7 16.16 5.43 17.26
C GLY A 7 17.66 5.15 17.22
N LYS A 8 18.18 4.98 16.01
CA LYS A 8 19.61 4.70 15.84
C LYS A 8 20.22 5.64 14.82
N PRO A 9 21.32 6.30 15.21
CA PRO A 9 22.03 7.24 14.34
C PRO A 9 22.74 6.55 13.18
N ALA A 10 22.54 5.23 13.08
CA ALA A 10 23.16 4.45 12.02
C ALA A 10 22.14 4.05 10.95
N ILE A 11 21.51 5.06 10.35
CA ILE A 11 20.52 4.81 9.32
C ILE A 11 21.10 5.04 7.93
N PRO A 12 20.62 4.24 6.96
CA PRO A 12 21.08 4.34 5.56
C PRO A 12 20.60 5.62 4.88
N SER A 13 21.50 6.61 4.80
CA SER A 13 21.16 7.88 4.17
C SER A 13 22.02 8.12 2.93
N SER A 14 22.34 7.04 2.22
CA SER A 14 23.16 7.13 1.01
C SER A 14 22.29 6.97 -0.23
N SER A 15 20.99 7.14 -0.07
CA SER A 15 20.05 7.02 -1.19
C SER A 15 20.16 5.64 -1.83
N VAL A 16 20.08 4.61 -1.01
CA VAL A 16 20.17 3.23 -1.49
C VAL A 16 18.80 2.56 -1.48
N LEU A 17 17.79 3.28 -1.00
CA LEU A 17 16.43 2.75 -0.93
C LEU A 17 15.79 2.73 -2.32
N PRO A 18 14.84 1.80 -2.50
CA PRO A 18 14.12 1.65 -3.78
C PRO A 18 13.19 2.83 -4.06
N SER A 19 13.23 3.34 -5.29
CA SER A 19 12.38 4.45 -5.68
C SER A 19 10.91 4.08 -5.60
N ALA A 20 10.09 4.99 -5.09
CA ALA A 20 8.66 4.76 -4.97
C ALA A 20 8.03 4.49 -6.32
N PRO A 21 7.02 3.61 -6.35
CA PRO A 21 6.31 3.25 -7.58
C PRO A 21 5.45 4.39 -8.10
N ARG A 22 4.79 4.16 -9.23
CA ARG A 22 3.93 5.17 -9.84
C ARG A 22 2.67 5.38 -9.01
N ASP A 23 1.81 6.29 -9.47
CA ASP A 23 0.56 6.58 -8.77
C ASP A 23 -0.33 5.34 -8.69
N VAL A 24 -0.07 4.49 -7.70
CA VAL A 24 -0.84 3.28 -7.52
C VAL A 24 -2.33 3.52 -7.79
N VAL A 25 -2.88 2.75 -8.73
CA VAL A 25 -4.29 2.88 -9.08
C VAL A 25 -5.05 1.59 -8.80
N PRO A 26 -6.22 1.72 -8.17
CA PRO A 26 -7.07 0.58 -7.83
C PRO A 26 -7.70 -0.07 -9.07
N VAL A 27 -6.94 -0.93 -9.72
CA VAL A 27 -7.41 -1.62 -10.91
C VAL A 27 -8.82 -2.19 -10.70
N LEU A 28 -9.01 -2.83 -9.55
CA LEU A 28 -10.30 -3.42 -9.22
C LEU A 28 -10.69 -3.12 -7.78
N VAL A 29 -11.99 -3.11 -7.51
CA VAL A 29 -12.49 -2.84 -6.17
C VAL A 29 -13.83 -3.53 -5.92
N SER A 30 -13.89 -4.35 -4.89
CA SER A 30 -15.12 -5.07 -4.55
C SER A 30 -15.81 -4.44 -3.35
N SER A 31 -16.88 -5.08 -2.88
CA SER A 31 -17.63 -4.58 -1.75
C SER A 31 -17.10 -5.15 -0.44
N ARG A 32 -16.23 -6.14 -0.55
CA ARG A 32 -15.64 -6.78 0.62
C ARG A 32 -14.11 -6.74 0.55
N PHE A 33 -13.58 -6.54 -0.65
CA PHE A 33 -12.14 -6.48 -0.84
C PHE A 33 -11.78 -5.50 -1.95
N VAL A 34 -10.49 -5.21 -2.09
CA VAL A 34 -10.02 -4.28 -3.11
C VAL A 34 -8.66 -4.71 -3.66
N ARG A 35 -8.45 -4.47 -4.94
CA ARG A 35 -7.20 -4.83 -5.60
C ARG A 35 -6.45 -3.59 -6.08
N LEU A 36 -5.13 -3.61 -5.96
CA LEU A 36 -4.31 -2.49 -6.39
C LEU A 36 -3.14 -2.96 -7.26
N SER A 37 -2.91 -2.25 -8.36
CA SER A 37 -1.82 -2.60 -9.28
C SER A 37 -0.81 -1.46 -9.37
N TRP A 38 0.47 -1.81 -9.24
CA TRP A 38 1.54 -0.82 -9.32
C TRP A 38 2.72 -1.36 -10.11
N ARG A 39 3.72 -0.52 -10.32
CA ARG A 39 4.90 -0.91 -11.07
C ARG A 39 6.10 -1.11 -10.14
N PRO A 40 7.03 -1.97 -10.56
CA PRO A 40 8.24 -2.28 -9.77
C PRO A 40 9.21 -1.09 -9.72
N PRO A 41 10.00 -1.05 -8.65
CA PRO A 41 10.99 0.03 -8.45
C PRO A 41 12.15 -0.06 -9.43
N ALA A 42 12.21 0.89 -10.36
CA ALA A 42 13.28 0.91 -11.36
C ALA A 42 14.60 0.45 -10.77
N GLU A 43 14.91 0.93 -9.56
CA GLU A 43 16.15 0.56 -8.89
C GLU A 43 15.88 0.18 -7.44
N ALA A 44 16.39 -0.97 -7.03
CA ALA A 44 16.20 -1.45 -5.67
C ALA A 44 17.54 -1.87 -5.05
N LYS A 45 18.63 -1.50 -5.71
CA LYS A 45 19.97 -1.83 -5.23
C LYS A 45 20.02 -3.26 -4.72
N GLY A 46 19.39 -4.17 -5.46
CA GLY A 46 19.38 -5.56 -5.07
C GLY A 46 18.06 -6.26 -5.41
N ASN A 47 17.57 -7.08 -4.49
CA ASN A 47 16.33 -7.80 -4.69
C ASN A 47 15.34 -7.52 -3.56
N ILE A 48 14.08 -7.28 -3.92
CA ILE A 48 13.05 -7.00 -2.94
C ILE A 48 12.20 -8.24 -2.66
N GLN A 49 12.01 -8.55 -1.38
CA GLN A 49 11.22 -9.71 -0.98
C GLN A 49 9.78 -9.57 -1.45
N THR A 50 9.13 -8.46 -1.07
CA THR A 50 7.76 -8.21 -1.45
C THR A 50 7.36 -6.77 -1.13
N PHE A 51 6.10 -6.44 -1.39
CA PHE A 51 5.59 -5.09 -1.13
C PHE A 51 4.54 -5.11 -0.02
N THR A 52 4.58 -4.10 0.83
CA THR A 52 3.63 -4.00 1.95
C THR A 52 2.43 -3.15 1.56
N VAL A 53 1.27 -3.51 2.10
CA VAL A 53 0.04 -2.78 1.82
C VAL A 53 -0.73 -2.48 3.10
N PHE A 54 -0.79 -1.19 3.46
CA PHE A 54 -1.49 -0.77 4.67
C PHE A 54 -2.91 -0.32 4.34
N PHE A 55 -3.83 -0.56 5.27
CA PHE A 55 -5.22 -0.18 5.08
C PHE A 55 -5.89 0.14 6.42
N SER A 56 -6.44 1.35 6.52
CA SER A 56 -7.10 1.77 7.75
C SER A 56 -8.44 2.43 7.44
N ARG A 57 -9.41 2.21 8.33
CA ARG A 57 -10.75 2.78 8.14
C ARG A 57 -10.75 4.27 8.46
N GLU A 58 -11.18 5.08 7.50
CA GLU A 58 -11.23 6.53 7.68
C GLU A 58 -11.84 6.89 9.02
N GLY A 59 -11.00 7.04 10.04
CA GLY A 59 -11.48 7.38 11.35
C GLY A 59 -10.56 6.88 12.46
N ASP A 60 -10.04 5.67 12.28
CA ASP A 60 -9.14 5.08 13.27
C ASP A 60 -7.79 5.77 13.26
N ASN A 61 -6.92 5.39 14.19
CA ASN A 61 -5.59 5.98 14.29
C ASN A 61 -4.53 5.01 13.76
N ARG A 62 -4.74 3.73 13.97
CA ARG A 62 -3.80 2.70 13.51
C ARG A 62 -4.21 2.17 12.14
N GLU A 63 -3.42 1.24 11.61
CA GLU A 63 -3.69 0.66 10.31
C GLU A 63 -3.18 -0.78 10.24
N ARG A 64 -3.83 -1.59 9.42
CA ARG A 64 -3.44 -2.99 9.26
C ARG A 64 -2.24 -3.12 8.33
N ALA A 65 -1.57 -4.27 8.40
CA ALA A 65 -0.39 -4.53 7.57
C ALA A 65 -0.52 -5.86 6.85
N LEU A 66 -0.12 -5.88 5.58
CA LEU A 66 -0.19 -7.09 4.78
C LEU A 66 0.80 -7.03 3.61
N ASN A 67 1.79 -7.92 3.65
CA ASN A 67 2.81 -7.97 2.59
C ASN A 67 2.90 -9.37 2.00
N THR A 68 2.49 -9.50 0.74
CA THR A 68 2.53 -10.78 0.05
C THR A 68 2.12 -10.64 -1.40
N THR A 69 3.09 -10.78 -2.31
CA THR A 69 2.83 -10.67 -3.73
C THR A 69 3.51 -11.79 -4.51
N GLN A 70 2.78 -12.39 -5.45
CA GLN A 70 3.31 -13.47 -6.26
C GLN A 70 4.69 -13.12 -6.80
N PRO A 71 5.44 -14.15 -7.23
CA PRO A 71 6.79 -13.97 -7.77
C PRO A 71 6.78 -13.30 -9.13
N GLY A 72 6.67 -11.97 -9.13
CA GLY A 72 6.66 -11.22 -10.37
C GLY A 72 5.41 -10.39 -10.52
N SER A 73 4.42 -10.63 -9.66
CA SER A 73 3.16 -9.89 -9.71
C SER A 73 3.22 -8.67 -8.81
N LEU A 74 2.87 -7.51 -9.36
CA LEU A 74 2.87 -6.26 -8.61
C LEU A 74 1.48 -5.93 -8.09
N GLN A 75 0.58 -6.89 -8.18
CA GLN A 75 -0.79 -6.71 -7.71
C GLN A 75 -1.07 -7.55 -6.47
N LEU A 76 -1.67 -6.93 -5.46
CA LEU A 76 -1.99 -7.62 -4.22
C LEU A 76 -3.42 -7.33 -3.79
N THR A 77 -4.21 -8.39 -3.62
CA THR A 77 -5.60 -8.26 -3.21
C THR A 77 -5.71 -8.07 -1.70
N VAL A 78 -6.48 -7.06 -1.29
CA VAL A 78 -6.67 -6.77 0.12
C VAL A 78 -8.14 -6.94 0.53
N GLY A 79 -8.45 -8.08 1.13
CA GLY A 79 -9.82 -8.33 1.55
C GLY A 79 -10.05 -7.99 3.00
N ASN A 80 -11.17 -8.44 3.55
CA ASN A 80 -11.51 -8.17 4.94
C ASN A 80 -11.86 -6.71 5.15
N LEU A 81 -12.70 -6.17 4.26
CA LEU A 81 -13.12 -4.78 4.34
C LEU A 81 -14.64 -4.68 4.48
N LYS A 82 -15.11 -3.48 4.83
CA LYS A 82 -16.55 -3.25 4.98
C LYS A 82 -17.07 -2.38 3.84
N PRO A 83 -18.27 -2.74 3.33
CA PRO A 83 -18.91 -2.02 2.24
C PRO A 83 -19.41 -0.65 2.67
N GLU A 84 -19.70 0.20 1.69
CA GLU A 84 -20.18 1.55 1.97
C GLU A 84 -19.26 2.27 2.95
N ALA A 85 -17.97 2.32 2.62
CA ALA A 85 -16.98 2.97 3.48
C ALA A 85 -15.73 3.35 2.69
N MET A 86 -14.98 4.30 3.21
CA MET A 86 -13.75 4.75 2.56
C MET A 86 -12.52 4.17 3.25
N TYR A 87 -11.65 3.54 2.47
CA TYR A 87 -10.43 2.94 3.00
C TYR A 87 -9.19 3.49 2.31
N THR A 88 -8.16 3.76 3.09
CA THR A 88 -6.91 4.30 2.55
C THR A 88 -5.87 3.20 2.39
N PHE A 89 -5.51 2.91 1.14
CA PHE A 89 -4.53 1.88 0.84
C PHE A 89 -3.19 2.50 0.46
N ARG A 90 -2.13 2.11 1.15
CA ARG A 90 -0.79 2.63 0.88
C ARG A 90 0.15 1.52 0.44
N VAL A 91 1.01 1.82 -0.53
CA VAL A 91 1.96 0.85 -1.04
C VAL A 91 3.38 1.24 -0.70
N VAL A 92 4.19 0.27 -0.29
CA VAL A 92 5.58 0.51 0.07
C VAL A 92 6.47 -0.66 -0.35
N ALA A 93 7.68 -0.33 -0.82
CA ALA A 93 8.62 -1.35 -1.26
C ALA A 93 9.59 -1.70 -0.15
N TYR A 94 9.58 -2.96 0.28
CA TYR A 94 10.47 -3.42 1.34
C TYR A 94 11.63 -4.23 0.76
N ASN A 95 12.78 -3.58 0.64
CA ASN A 95 13.98 -4.23 0.11
C ASN A 95 14.92 -4.65 1.23
N GLU A 96 16.06 -5.22 0.86
CA GLU A 96 17.04 -5.66 1.84
C GLU A 96 17.09 -4.72 3.03
N TRP A 97 17.29 -3.43 2.76
CA TRP A 97 17.36 -2.42 3.81
C TRP A 97 16.02 -2.30 4.52
N GLY A 98 15.06 -1.69 3.86
CA GLY A 98 13.74 -1.51 4.45
C GLY A 98 12.75 -0.89 3.48
N PRO A 99 11.68 -0.29 4.03
CA PRO A 99 10.63 0.36 3.22
C PRO A 99 11.13 1.63 2.55
N GLY A 100 11.45 1.52 1.26
CA GLY A 100 11.93 2.69 0.53
C GLY A 100 10.93 3.82 0.53
N GLU A 101 10.97 4.64 -0.53
CA GLU A 101 10.07 5.78 -0.64
C GLU A 101 8.61 5.34 -0.43
N SER A 102 7.78 6.28 0.02
CA SER A 102 6.37 5.99 0.27
C SER A 102 5.50 6.60 -0.82
N SER A 103 4.69 5.76 -1.47
CA SER A 103 3.81 6.21 -2.53
C SER A 103 2.69 7.09 -1.97
N GLN A 104 2.04 7.83 -2.86
CA GLN A 104 0.95 8.72 -2.46
C GLN A 104 -0.25 7.93 -1.96
N PRO A 105 -0.88 8.41 -0.89
CA PRO A 105 -2.05 7.76 -0.29
C PRO A 105 -3.29 7.85 -1.18
N ILE A 106 -3.97 6.73 -1.35
CA ILE A 106 -5.17 6.68 -2.17
C ILE A 106 -6.40 6.32 -1.35
N LYS A 107 -7.55 6.89 -1.72
CA LYS A 107 -8.80 6.62 -1.02
C LYS A 107 -9.81 5.97 -1.93
N VAL A 108 -10.01 4.66 -1.77
CA VAL A 108 -10.95 3.92 -2.59
C VAL A 108 -12.20 3.55 -1.78
N ALA A 109 -13.37 3.91 -2.29
CA ALA A 109 -14.63 3.61 -1.63
C ALA A 109 -15.23 2.32 -2.15
N THR A 110 -15.44 1.36 -1.26
CA THR A 110 -16.01 0.07 -1.63
C THR A 110 -17.35 0.25 -2.34
N GLN A 111 -17.78 -0.79 -3.04
CA GLN A 111 -19.05 -0.75 -3.77
C GLN A 111 -20.22 -0.96 -2.82
N PRO A 112 -21.34 -0.29 -3.11
CA PRO A 112 -22.56 -0.38 -2.30
C PRO A 112 -23.23 -1.75 -2.43
N GLU A 113 -23.08 -2.57 -1.39
CA GLU A 113 -23.68 -3.91 -1.38
C GLU A 113 -25.18 -3.83 -1.17
N SER A 114 -25.93 -4.56 -1.99
CA SER A 114 -27.39 -4.57 -1.89
C SER A 114 -27.90 -5.98 -1.60
N GLY A 115 -28.95 -6.07 -0.79
CA GLY A 115 -29.52 -7.36 -0.44
C GLY A 115 -29.74 -8.23 -1.66
N PRO A 116 -30.93 -8.12 -2.26
CA PRO A 116 -31.30 -8.91 -3.44
C PRO A 116 -30.53 -8.47 -4.68
N SER A 117 -29.84 -9.42 -5.31
CA SER A 117 -29.05 -9.14 -6.51
C SER A 117 -29.85 -9.47 -7.77
N SER A 118 -30.68 -8.52 -8.19
CA SER A 118 -31.51 -8.71 -9.38
C SER A 118 -30.76 -8.28 -10.63
N GLY A 119 -30.01 -9.21 -11.21
CA GLY A 119 -29.25 -8.92 -12.41
C GLY A 119 -28.96 -10.17 -13.23
N GLY A 1 5.92 18.06 7.73
CA GLY A 1 7.26 18.49 8.11
C GLY A 1 7.84 17.64 9.22
N SER A 2 9.15 17.43 9.17
CA SER A 2 9.83 16.64 10.19
C SER A 2 10.88 17.47 10.92
N SER A 3 11.21 17.05 12.15
CA SER A 3 12.19 17.75 12.96
C SER A 3 13.33 16.83 13.36
N GLY A 4 12.98 15.68 13.93
CA GLY A 4 13.98 14.72 14.36
C GLY A 4 14.37 14.89 15.81
N SER A 5 13.37 14.88 16.69
CA SER A 5 13.61 15.03 18.13
C SER A 5 13.90 13.68 18.77
N SER A 6 14.67 12.85 18.08
CA SER A 6 15.03 11.53 18.59
C SER A 6 16.46 11.19 18.24
N GLY A 7 16.93 10.04 18.74
CA GLY A 7 18.29 9.61 18.47
C GLY A 7 18.53 9.33 17.00
N LYS A 8 19.80 9.21 16.62
CA LYS A 8 20.17 8.94 15.24
C LYS A 8 20.61 7.49 15.06
N PRO A 9 19.65 6.63 14.69
CA PRO A 9 19.92 5.20 14.48
C PRO A 9 20.77 4.95 13.23
N ALA A 10 21.15 3.70 13.02
CA ALA A 10 21.95 3.32 11.87
C ALA A 10 21.19 3.52 10.56
N ILE A 11 21.17 4.75 10.08
CA ILE A 11 20.47 5.08 8.84
C ILE A 11 21.41 4.99 7.63
N PRO A 12 20.87 4.53 6.50
CA PRO A 12 21.65 4.38 5.26
C PRO A 12 22.00 5.74 4.65
N SER A 13 23.22 6.20 4.93
CA SER A 13 23.68 7.48 4.41
C SER A 13 23.18 7.71 2.99
N SER A 14 23.68 6.93 2.05
CA SER A 14 23.28 7.04 0.66
C SER A 14 21.89 6.44 0.43
N SER A 15 21.16 6.99 -0.52
CA SER A 15 19.81 6.51 -0.83
C SER A 15 19.87 5.18 -1.58
N VAL A 16 19.93 4.08 -0.82
CA VAL A 16 19.99 2.75 -1.42
C VAL A 16 18.62 2.08 -1.39
N LEU A 17 17.66 2.73 -0.73
CA LEU A 17 16.31 2.20 -0.64
C LEU A 17 15.61 2.24 -2.00
N PRO A 18 14.67 1.31 -2.21
CA PRO A 18 13.90 1.23 -3.46
C PRO A 18 12.92 2.38 -3.63
N SER A 19 13.05 3.10 -4.73
CA SER A 19 12.17 4.24 -5.01
C SER A 19 10.71 3.80 -5.08
N ALA A 20 9.90 4.30 -4.15
CA ALA A 20 8.49 3.95 -4.12
C ALA A 20 7.90 3.89 -5.52
N PRO A 21 6.82 3.11 -5.68
CA PRO A 21 6.14 2.94 -6.97
C PRO A 21 5.41 4.21 -7.40
N ARG A 22 4.90 4.21 -8.64
CA ARG A 22 4.19 5.35 -9.17
C ARG A 22 2.79 5.46 -8.55
N ASP A 23 2.03 6.44 -9.01
CA ASP A 23 0.67 6.65 -8.51
C ASP A 23 -0.11 5.34 -8.49
N VAL A 24 -0.43 4.87 -7.29
CA VAL A 24 -1.19 3.63 -7.14
C VAL A 24 -2.68 3.85 -7.35
N VAL A 25 -3.27 3.07 -8.25
CA VAL A 25 -4.69 3.19 -8.55
C VAL A 25 -5.40 1.85 -8.37
N PRO A 26 -6.68 1.91 -7.96
CA PRO A 26 -7.49 0.71 -7.75
C PRO A 26 -7.85 0.01 -9.05
N VAL A 27 -6.98 -0.90 -9.47
CA VAL A 27 -7.19 -1.66 -10.71
C VAL A 27 -8.44 -2.53 -10.61
N LEU A 28 -8.90 -2.75 -9.38
CA LEU A 28 -10.09 -3.56 -9.14
C LEU A 28 -10.61 -3.37 -7.73
N VAL A 29 -11.83 -2.84 -7.63
CA VAL A 29 -12.46 -2.61 -6.34
C VAL A 29 -13.70 -3.46 -6.16
N SER A 30 -13.82 -4.08 -4.99
CA SER A 30 -14.96 -4.94 -4.68
C SER A 30 -15.69 -4.46 -3.43
N SER A 31 -16.80 -5.10 -3.12
CA SER A 31 -17.60 -4.75 -1.94
C SER A 31 -17.08 -5.47 -0.70
N ARG A 32 -16.11 -6.35 -0.90
CA ARG A 32 -15.53 -7.11 0.21
C ARG A 32 -14.01 -6.95 0.24
N PHE A 33 -13.41 -6.83 -0.95
CA PHE A 33 -11.96 -6.68 -1.06
C PHE A 33 -11.61 -5.55 -2.02
N VAL A 34 -10.32 -5.22 -2.09
CA VAL A 34 -9.85 -4.16 -2.97
C VAL A 34 -8.44 -4.46 -3.49
N ARG A 35 -8.35 -4.84 -4.75
CA ARG A 35 -7.06 -5.16 -5.36
C ARG A 35 -6.45 -3.92 -6.02
N LEU A 36 -5.14 -3.80 -5.92
CA LEU A 36 -4.43 -2.65 -6.50
C LEU A 36 -3.29 -3.12 -7.40
N SER A 37 -2.89 -2.27 -8.33
CA SER A 37 -1.81 -2.58 -9.26
C SER A 37 -0.91 -1.38 -9.48
N TRP A 38 0.38 -1.54 -9.21
CA TRP A 38 1.35 -0.47 -9.38
C TRP A 38 2.57 -0.96 -10.15
N ARG A 39 3.48 -0.04 -10.45
CA ARG A 39 4.70 -0.38 -11.17
C ARG A 39 5.87 -0.57 -10.22
N PRO A 40 6.79 -1.48 -10.58
CA PRO A 40 7.97 -1.78 -9.77
C PRO A 40 8.97 -0.63 -9.77
N PRO A 41 9.83 -0.59 -8.73
CA PRO A 41 10.84 0.44 -8.58
C PRO A 41 11.96 0.32 -9.61
N ALA A 42 12.11 1.34 -10.45
CA ALA A 42 13.13 1.34 -11.48
C ALA A 42 14.43 0.72 -10.97
N GLU A 43 14.79 1.05 -9.72
CA GLU A 43 16.01 0.53 -9.12
C GLU A 43 15.77 0.18 -7.65
N ALA A 44 15.86 -1.11 -7.34
CA ALA A 44 15.67 -1.57 -5.97
C ALA A 44 17.00 -1.88 -5.29
N LYS A 45 18.08 -1.41 -5.90
CA LYS A 45 19.42 -1.64 -5.36
C LYS A 45 19.65 -3.12 -5.10
N GLY A 46 19.17 -3.96 -6.00
CA GLY A 46 19.33 -5.40 -5.85
C GLY A 46 18.06 -6.16 -6.11
N ASN A 47 17.44 -6.68 -5.05
CA ASN A 47 16.21 -7.43 -5.17
C ASN A 47 15.30 -7.20 -3.96
N ILE A 48 13.99 -7.11 -4.22
CA ILE A 48 13.03 -6.89 -3.16
C ILE A 48 12.37 -8.20 -2.72
N GLN A 49 11.95 -8.25 -1.46
CA GLN A 49 11.32 -9.45 -0.92
C GLN A 49 9.83 -9.45 -1.20
N THR A 50 9.13 -8.45 -0.67
CA THR A 50 7.68 -8.32 -0.86
C THR A 50 7.24 -6.87 -0.79
N PHE A 51 5.96 -6.62 -1.07
CA PHE A 51 5.41 -5.28 -1.02
C PHE A 51 4.40 -5.13 0.11
N THR A 52 4.62 -4.14 0.97
CA THR A 52 3.73 -3.90 2.10
C THR A 52 2.57 -3.00 1.70
N VAL A 53 1.35 -3.47 1.95
CA VAL A 53 0.16 -2.70 1.63
C VAL A 53 -0.67 -2.42 2.88
N PHE A 54 -0.70 -1.15 3.29
CA PHE A 54 -1.45 -0.74 4.47
C PHE A 54 -2.91 -0.46 4.11
N PHE A 55 -3.76 -0.45 5.12
CA PHE A 55 -5.18 -0.20 4.92
C PHE A 55 -5.88 0.11 6.24
N SER A 56 -6.67 1.18 6.27
CA SER A 56 -7.38 1.58 7.46
C SER A 56 -8.68 2.31 7.10
N ARG A 57 -9.55 2.47 8.10
CA ARG A 57 -10.83 3.15 7.88
C ARG A 57 -10.70 4.64 8.19
N GLU A 58 -11.24 5.47 7.30
CA GLU A 58 -11.19 6.92 7.48
C GLU A 58 -11.64 7.31 8.88
N GLY A 59 -10.84 8.15 9.54
CA GLY A 59 -11.17 8.59 10.88
C GLY A 59 -10.39 7.86 11.94
N ASP A 60 -10.18 6.56 11.74
CA ASP A 60 -9.43 5.75 12.69
C ASP A 60 -7.98 6.21 12.78
N ASN A 61 -7.19 5.51 13.58
CA ASN A 61 -5.78 5.85 13.76
C ASN A 61 -4.89 4.64 13.46
N ARG A 62 -5.30 3.48 13.94
CA ARG A 62 -4.54 2.25 13.72
C ARG A 62 -4.59 1.84 12.26
N GLU A 63 -3.47 1.34 11.75
CA GLU A 63 -3.38 0.90 10.37
C GLU A 63 -2.91 -0.55 10.27
N ARG A 64 -3.56 -1.33 9.42
CA ARG A 64 -3.20 -2.73 9.24
C ARG A 64 -2.01 -2.88 8.31
N ALA A 65 -1.47 -4.08 8.23
CA ALA A 65 -0.33 -4.36 7.36
C ALA A 65 -0.44 -5.73 6.72
N LEU A 66 0.17 -5.89 5.55
CA LEU A 66 0.15 -7.16 4.82
C LEU A 66 1.06 -7.11 3.61
N ASN A 67 2.04 -8.00 3.58
CA ASN A 67 2.99 -8.06 2.47
C ASN A 67 3.05 -9.47 1.88
N THR A 68 2.36 -9.67 0.76
CA THR A 68 2.34 -10.98 0.11
C THR A 68 2.10 -10.83 -1.39
N THR A 69 3.15 -11.02 -2.18
CA THR A 69 3.05 -10.91 -3.63
C THR A 69 4.00 -11.88 -4.31
N GLN A 70 3.77 -12.12 -5.60
CA GLN A 70 4.61 -13.02 -6.38
C GLN A 70 5.89 -12.34 -6.82
N PRO A 71 6.89 -13.14 -7.20
CA PRO A 71 8.19 -12.62 -7.65
C PRO A 71 8.10 -11.94 -9.01
N GLY A 72 7.81 -10.65 -8.99
CA GLY A 72 7.70 -9.89 -10.23
C GLY A 72 6.31 -9.30 -10.43
N SER A 73 5.38 -9.68 -9.57
CA SER A 73 4.01 -9.20 -9.65
C SER A 73 3.80 -7.99 -8.74
N LEU A 74 3.23 -6.93 -9.30
CA LEU A 74 2.97 -5.71 -8.53
C LEU A 74 1.49 -5.58 -8.21
N GLN A 75 0.80 -6.71 -8.13
CA GLN A 75 -0.64 -6.71 -7.83
C GLN A 75 -0.91 -7.47 -6.54
N LEU A 76 -1.80 -6.92 -5.73
CA LEU A 76 -2.16 -7.55 -4.45
C LEU A 76 -3.64 -7.34 -4.14
N THR A 77 -4.32 -8.43 -3.78
CA THR A 77 -5.73 -8.36 -3.45
C THR A 77 -5.95 -8.35 -1.94
N VAL A 78 -6.44 -7.23 -1.42
CA VAL A 78 -6.70 -7.10 0.00
C VAL A 78 -8.17 -7.30 0.32
N GLY A 79 -8.47 -8.39 1.03
CA GLY A 79 -9.85 -8.69 1.38
C GLY A 79 -10.16 -8.35 2.83
N ASN A 80 -11.25 -8.91 3.34
CA ASN A 80 -11.65 -8.66 4.73
C ASN A 80 -11.99 -7.18 4.93
N LEU A 81 -12.86 -6.65 4.08
CA LEU A 81 -13.27 -5.26 4.16
C LEU A 81 -14.79 -5.14 4.23
N LYS A 82 -15.28 -3.95 4.58
CA LYS A 82 -16.70 -3.70 4.67
C LYS A 82 -17.18 -2.87 3.49
N PRO A 83 -18.38 -3.22 2.96
CA PRO A 83 -18.98 -2.51 1.83
C PRO A 83 -19.44 -1.11 2.19
N GLU A 84 -19.56 -0.26 1.19
CA GLU A 84 -20.00 1.13 1.40
C GLU A 84 -19.19 1.78 2.52
N ALA A 85 -17.87 1.75 2.38
CA ALA A 85 -16.98 2.34 3.38
C ALA A 85 -15.66 2.77 2.75
N MET A 86 -15.27 4.02 3.01
CA MET A 86 -14.02 4.55 2.46
C MET A 86 -12.82 4.00 3.23
N TYR A 87 -11.76 3.67 2.49
CA TYR A 87 -10.56 3.14 3.11
C TYR A 87 -9.31 3.65 2.40
N THR A 88 -8.34 4.12 3.18
CA THR A 88 -7.10 4.65 2.63
C THR A 88 -6.05 3.55 2.47
N PHE A 89 -5.65 3.29 1.24
CA PHE A 89 -4.66 2.27 0.96
C PHE A 89 -3.30 2.90 0.65
N ARG A 90 -2.25 2.08 0.74
CA ARG A 90 -0.89 2.56 0.47
C ARG A 90 0.00 1.42 0.00
N VAL A 91 1.14 1.77 -0.59
CA VAL A 91 2.08 0.77 -1.08
C VAL A 91 3.51 1.13 -0.69
N VAL A 92 4.30 0.11 -0.37
CA VAL A 92 5.69 0.31 0.02
C VAL A 92 6.55 -0.88 -0.37
N ALA A 93 7.76 -0.61 -0.85
CA ALA A 93 8.67 -1.65 -1.26
C ALA A 93 9.67 -1.98 -0.14
N TYR A 94 9.60 -3.22 0.35
CA TYR A 94 10.48 -3.66 1.42
C TYR A 94 11.63 -4.50 0.87
N ASN A 95 12.81 -3.88 0.74
CA ASN A 95 13.97 -4.57 0.23
C ASN A 95 14.94 -4.94 1.36
N GLU A 96 16.08 -5.51 1.00
CA GLU A 96 17.07 -5.91 1.98
C GLU A 96 17.13 -4.91 3.14
N TRP A 97 17.48 -3.66 2.81
CA TRP A 97 17.57 -2.61 3.82
C TRP A 97 16.25 -2.47 4.57
N GLY A 98 15.23 -1.98 3.88
CA GLY A 98 13.93 -1.80 4.50
C GLY A 98 12.97 -1.01 3.63
N PRO A 99 11.92 -0.45 4.25
CA PRO A 99 10.92 0.35 3.54
C PRO A 99 11.47 1.68 3.05
N GLY A 100 11.71 1.76 1.74
CA GLY A 100 12.25 2.99 1.17
C GLY A 100 11.25 4.14 1.26
N GLU A 101 11.09 4.86 0.16
CA GLU A 101 10.18 6.00 0.11
C GLU A 101 8.74 5.55 0.32
N SER A 102 7.91 6.45 0.84
CA SER A 102 6.51 6.14 1.10
C SER A 102 5.63 6.59 -0.06
N SER A 103 4.74 5.71 -0.52
CA SER A 103 3.85 6.02 -1.62
C SER A 103 2.81 7.05 -1.20
N GLN A 104 1.99 7.48 -2.16
CA GLN A 104 0.96 8.47 -1.90
C GLN A 104 -0.31 7.80 -1.40
N PRO A 105 -0.91 8.36 -0.33
CA PRO A 105 -2.14 7.83 0.26
C PRO A 105 -3.35 8.04 -0.64
N ILE A 106 -3.94 6.93 -1.09
CA ILE A 106 -5.11 6.99 -1.95
C ILE A 106 -6.37 6.55 -1.22
N LYS A 107 -7.50 7.14 -1.58
CA LYS A 107 -8.78 6.81 -0.96
C LYS A 107 -9.68 6.05 -1.92
N VAL A 108 -10.09 4.85 -1.52
CA VAL A 108 -10.96 4.03 -2.34
C VAL A 108 -12.14 3.49 -1.53
N ALA A 109 -13.34 3.62 -2.11
CA ALA A 109 -14.54 3.14 -1.44
C ALA A 109 -15.03 1.82 -2.04
N THR A 110 -15.18 0.81 -1.20
CA THR A 110 -15.63 -0.49 -1.65
C THR A 110 -16.90 -0.39 -2.48
N GLN A 111 -17.31 -1.49 -3.09
CA GLN A 111 -18.51 -1.52 -3.91
C GLN A 111 -19.74 -1.79 -3.05
N PRO A 112 -20.86 -1.12 -3.40
CA PRO A 112 -22.12 -1.28 -2.68
C PRO A 112 -22.76 -2.65 -2.90
N GLU A 113 -23.14 -3.30 -1.81
CA GLU A 113 -23.76 -4.62 -1.89
C GLU A 113 -25.28 -4.50 -1.91
N SER A 114 -25.84 -4.30 -3.10
CA SER A 114 -27.29 -4.17 -3.25
C SER A 114 -27.82 -3.01 -2.42
N GLY A 115 -27.09 -1.89 -2.43
CA GLY A 115 -27.50 -0.73 -1.67
C GLY A 115 -28.57 0.08 -2.39
N PRO A 116 -28.80 1.31 -1.92
CA PRO A 116 -29.80 2.21 -2.51
C PRO A 116 -29.39 2.70 -3.90
N SER A 117 -30.25 3.52 -4.50
CA SER A 117 -29.98 4.07 -5.83
C SER A 117 -29.31 3.02 -6.71
N SER A 118 -29.79 1.77 -6.61
CA SER A 118 -29.24 0.67 -7.40
C SER A 118 -30.36 -0.15 -8.03
N GLY A 119 -29.98 -1.11 -8.87
CA GLY A 119 -30.96 -1.95 -9.53
C GLY A 119 -31.64 -1.25 -10.68
N GLY A 1 7.17 11.41 16.59
CA GLY A 1 8.16 12.46 16.46
C GLY A 1 9.50 11.95 16.03
N SER A 2 10.50 12.83 15.97
CA SER A 2 11.84 12.46 15.56
C SER A 2 12.88 13.00 16.54
N SER A 3 13.44 12.10 17.35
CA SER A 3 14.45 12.49 18.34
C SER A 3 15.69 11.61 18.22
N GLY A 4 16.58 11.97 17.31
CA GLY A 4 17.79 11.21 17.11
C GLY A 4 18.38 10.70 18.41
N SER A 5 18.22 9.40 18.67
CA SER A 5 18.74 8.80 19.89
C SER A 5 18.85 7.29 19.75
N SER A 6 19.35 6.63 20.79
CA SER A 6 19.51 5.19 20.78
C SER A 6 18.20 4.50 20.41
N GLY A 7 18.29 3.24 20.00
CA GLY A 7 17.10 2.49 19.62
C GLY A 7 17.13 2.08 18.16
N LYS A 8 17.18 3.06 17.27
CA LYS A 8 17.21 2.78 15.84
C LYS A 8 18.63 2.51 15.36
N PRO A 9 18.76 1.58 14.40
CA PRO A 9 20.06 1.20 13.84
C PRO A 9 20.66 2.32 12.97
N ALA A 10 21.85 2.06 12.44
CA ALA A 10 22.53 3.04 11.61
C ALA A 10 21.79 3.26 10.29
N ILE A 11 21.33 4.48 10.07
CA ILE A 11 20.60 4.83 8.86
C ILE A 11 21.54 4.96 7.67
N PRO A 12 21.07 4.53 6.49
CA PRO A 12 21.85 4.60 5.25
C PRO A 12 22.05 6.03 4.76
N SER A 13 23.27 6.53 4.91
CA SER A 13 23.58 7.89 4.47
C SER A 13 23.23 8.10 3.01
N SER A 14 23.43 7.05 2.21
CA SER A 14 23.14 7.12 0.78
C SER A 14 21.71 6.67 0.49
N SER A 15 21.14 7.18 -0.59
CA SER A 15 19.77 6.84 -0.98
C SER A 15 19.74 5.55 -1.79
N VAL A 16 20.13 4.46 -1.16
CA VAL A 16 20.15 3.16 -1.82
C VAL A 16 18.81 2.45 -1.69
N LEU A 17 17.77 3.22 -1.43
CA LEU A 17 16.43 2.68 -1.28
C LEU A 17 15.66 2.73 -2.60
N PRO A 18 14.72 1.80 -2.78
CA PRO A 18 13.90 1.72 -3.99
C PRO A 18 12.91 2.87 -4.11
N SER A 19 12.95 3.57 -5.23
CA SER A 19 12.05 4.70 -5.46
C SER A 19 10.59 4.28 -5.31
N ALA A 20 9.74 5.23 -4.96
CA ALA A 20 8.32 4.96 -4.79
C ALA A 20 7.67 4.59 -6.11
N PRO A 21 6.66 3.70 -6.05
CA PRO A 21 5.94 3.24 -7.24
C PRO A 21 5.08 4.33 -7.85
N ARG A 22 4.68 4.14 -9.11
CA ARG A 22 3.85 5.12 -9.81
C ARG A 22 2.53 5.33 -9.08
N ASP A 23 1.70 6.22 -9.61
CA ASP A 23 0.41 6.52 -9.00
C ASP A 23 -0.44 5.27 -8.89
N VAL A 24 -0.41 4.64 -7.72
CA VAL A 24 -1.18 3.42 -7.48
C VAL A 24 -2.67 3.65 -7.71
N VAL A 25 -3.24 2.91 -8.65
CA VAL A 25 -4.67 3.05 -8.96
C VAL A 25 -5.40 1.74 -8.68
N PRO A 26 -6.64 1.86 -8.16
CA PRO A 26 -7.47 0.71 -7.84
C PRO A 26 -7.98 -0.01 -9.09
N VAL A 27 -7.14 -0.88 -9.65
CA VAL A 27 -7.50 -1.63 -10.85
C VAL A 27 -8.83 -2.34 -10.67
N LEU A 28 -9.03 -2.92 -9.49
CA LEU A 28 -10.27 -3.64 -9.20
C LEU A 28 -10.68 -3.44 -7.74
N VAL A 29 -11.84 -2.84 -7.53
CA VAL A 29 -12.35 -2.59 -6.18
C VAL A 29 -13.62 -3.38 -5.93
N SER A 30 -13.53 -4.38 -5.06
CA SER A 30 -14.68 -5.21 -4.73
C SER A 30 -15.37 -4.70 -3.47
N SER A 31 -16.41 -5.41 -3.04
CA SER A 31 -17.16 -5.03 -1.86
C SER A 31 -16.50 -5.56 -0.59
N ARG A 32 -15.84 -6.71 -0.72
CA ARG A 32 -15.15 -7.33 0.41
C ARG A 32 -13.64 -7.11 0.33
N PHE A 33 -13.13 -7.05 -0.89
CA PHE A 33 -11.70 -6.85 -1.11
C PHE A 33 -11.46 -5.77 -2.17
N VAL A 34 -10.20 -5.42 -2.37
CA VAL A 34 -9.83 -4.41 -3.36
C VAL A 34 -8.41 -4.63 -3.87
N ARG A 35 -8.30 -4.95 -5.16
CA ARG A 35 -7.01 -5.19 -5.78
C ARG A 35 -6.36 -3.88 -6.21
N LEU A 36 -5.03 -3.83 -6.13
CA LEU A 36 -4.28 -2.64 -6.51
C LEU A 36 -3.04 -3.00 -7.32
N SER A 37 -2.79 -2.23 -8.38
CA SER A 37 -1.64 -2.48 -9.23
C SER A 37 -0.73 -1.25 -9.28
N TRP A 38 0.56 -1.48 -9.01
CA TRP A 38 1.54 -0.40 -9.02
C TRP A 38 2.80 -0.81 -9.79
N ARG A 39 3.63 0.17 -10.12
CA ARG A 39 4.86 -0.08 -10.85
C ARG A 39 6.02 -0.32 -9.88
N PRO A 40 6.84 -1.34 -10.20
CA PRO A 40 8.01 -1.69 -9.38
C PRO A 40 9.11 -0.64 -9.44
N PRO A 41 9.95 -0.60 -8.40
CA PRO A 41 11.05 0.36 -8.30
C PRO A 41 12.16 0.06 -9.30
N ALA A 42 12.53 1.06 -10.10
CA ALA A 42 13.59 0.89 -11.10
C ALA A 42 14.92 0.55 -10.44
N GLU A 43 15.26 1.28 -9.38
CA GLU A 43 16.50 1.04 -8.67
C GLU A 43 16.24 0.33 -7.34
N ALA A 44 16.00 -0.96 -7.40
CA ALA A 44 15.74 -1.76 -6.21
C ALA A 44 16.96 -1.80 -5.30
N LYS A 45 18.14 -1.64 -5.90
CA LYS A 45 19.40 -1.66 -5.16
C LYS A 45 19.53 -2.96 -4.36
N GLY A 46 19.24 -4.09 -5.01
CA GLY A 46 19.33 -5.37 -4.36
C GLY A 46 18.20 -6.30 -4.75
N ASN A 47 17.79 -7.16 -3.81
CA ASN A 47 16.72 -8.11 -4.07
C ASN A 47 15.53 -7.86 -3.14
N ILE A 48 14.37 -7.60 -3.73
CA ILE A 48 13.16 -7.34 -2.96
C ILE A 48 12.46 -8.64 -2.57
N GLN A 49 11.82 -8.64 -1.42
CA GLN A 49 11.11 -9.82 -0.93
C GLN A 49 9.62 -9.72 -1.23
N THR A 50 9.00 -8.62 -0.79
CA THR A 50 7.57 -8.40 -1.01
C THR A 50 7.21 -6.94 -0.81
N PHE A 51 5.95 -6.61 -1.08
CA PHE A 51 5.47 -5.24 -0.92
C PHE A 51 4.43 -5.16 0.18
N THR A 52 4.59 -4.19 1.08
CA THR A 52 3.66 -4.00 2.18
C THR A 52 2.61 -2.96 1.85
N VAL A 53 1.34 -3.34 1.96
CA VAL A 53 0.23 -2.44 1.66
C VAL A 53 -0.62 -2.18 2.91
N PHE A 54 -0.60 -0.95 3.37
CA PHE A 54 -1.37 -0.56 4.56
C PHE A 54 -2.81 -0.24 4.20
N PHE A 55 -3.73 -0.57 5.10
CA PHE A 55 -5.15 -0.32 4.87
C PHE A 55 -5.91 -0.28 6.18
N SER A 56 -6.62 0.84 6.42
CA SER A 56 -7.39 1.00 7.65
C SER A 56 -8.63 1.82 7.39
N ARG A 57 -9.66 1.62 8.22
CA ARG A 57 -10.91 2.35 8.08
C ARG A 57 -10.75 3.81 8.49
N GLU A 58 -11.11 4.71 7.59
CA GLU A 58 -11.00 6.14 7.86
C GLU A 58 -11.63 6.49 9.21
N GLY A 59 -10.78 6.60 10.23
CA GLY A 59 -11.27 6.93 11.56
C GLY A 59 -10.86 5.90 12.60
N ASP A 60 -9.68 5.32 12.43
CA ASP A 60 -9.17 4.32 13.35
C ASP A 60 -8.01 4.87 14.17
N ASN A 61 -7.51 4.06 15.10
CA ASN A 61 -6.39 4.46 15.95
C ASN A 61 -5.06 4.15 15.29
N ARG A 62 -4.97 2.96 14.69
CA ARG A 62 -3.75 2.54 14.01
C ARG A 62 -4.06 1.93 12.65
N GLU A 63 -3.01 1.73 11.85
CA GLU A 63 -3.18 1.14 10.52
C GLU A 63 -2.75 -0.32 10.51
N ARG A 64 -3.27 -1.08 9.55
CA ARG A 64 -2.93 -2.50 9.43
C ARG A 64 -1.72 -2.69 8.53
N ALA A 65 -1.33 -3.95 8.34
CA ALA A 65 -0.19 -4.27 7.50
C ALA A 65 -0.36 -5.64 6.83
N LEU A 66 -0.16 -5.67 5.51
CA LEU A 66 -0.30 -6.91 4.76
C LEU A 66 0.71 -6.96 3.61
N ASN A 67 1.75 -7.78 3.79
CA ASN A 67 2.78 -7.92 2.77
C ASN A 67 2.78 -9.34 2.18
N THR A 68 2.24 -9.47 0.99
CA THR A 68 2.17 -10.76 0.31
C THR A 68 1.86 -10.60 -1.17
N THR A 69 2.83 -10.92 -2.01
CA THR A 69 2.66 -10.82 -3.45
C THR A 69 3.40 -11.93 -4.18
N GLN A 70 3.09 -12.10 -5.46
CA GLN A 70 3.73 -13.13 -6.27
C GLN A 70 5.12 -12.70 -6.73
N PRO A 71 5.94 -13.67 -7.13
CA PRO A 71 7.30 -13.41 -7.60
C PRO A 71 7.33 -12.71 -8.96
N GLY A 72 7.19 -11.38 -8.93
CA GLY A 72 7.20 -10.60 -10.15
C GLY A 72 5.95 -9.77 -10.31
N SER A 73 4.86 -10.22 -9.71
CA SER A 73 3.58 -9.50 -9.80
C SER A 73 3.53 -8.36 -8.78
N LEU A 74 3.27 -7.16 -9.26
CA LEU A 74 3.19 -5.99 -8.39
C LEU A 74 1.75 -5.70 -7.99
N GLN A 75 0.89 -6.71 -8.12
CA GLN A 75 -0.52 -6.57 -7.78
C GLN A 75 -0.86 -7.38 -6.54
N LEU A 76 -1.68 -6.79 -5.67
CA LEU A 76 -2.09 -7.45 -4.44
C LEU A 76 -3.57 -7.21 -4.15
N THR A 77 -4.24 -8.22 -3.59
CA THR A 77 -5.65 -8.11 -3.27
C THR A 77 -5.87 -8.08 -1.76
N VAL A 78 -6.43 -6.98 -1.26
CA VAL A 78 -6.70 -6.83 0.15
C VAL A 78 -8.16 -7.13 0.48
N GLY A 79 -8.37 -8.12 1.33
CA GLY A 79 -9.72 -8.50 1.71
C GLY A 79 -10.09 -8.03 3.11
N ASN A 80 -11.12 -8.63 3.68
CA ASN A 80 -11.56 -8.27 5.03
C ASN A 80 -11.93 -6.79 5.09
N LEU A 81 -12.76 -6.35 4.16
CA LEU A 81 -13.18 -4.95 4.11
C LEU A 81 -14.70 -4.85 4.27
N LYS A 82 -15.18 -3.63 4.53
CA LYS A 82 -16.60 -3.39 4.70
C LYS A 82 -17.16 -2.55 3.55
N PRO A 83 -18.37 -2.90 3.09
CA PRO A 83 -19.03 -2.20 1.99
C PRO A 83 -19.49 -0.80 2.40
N GLU A 84 -19.61 0.09 1.42
CA GLU A 84 -20.04 1.45 1.69
C GLU A 84 -19.19 2.10 2.77
N ALA A 85 -17.88 1.91 2.67
CA ALA A 85 -16.95 2.47 3.64
C ALA A 85 -15.66 2.93 2.97
N MET A 86 -15.16 4.09 3.39
CA MET A 86 -13.93 4.64 2.83
C MET A 86 -12.70 4.00 3.47
N TYR A 87 -11.69 3.72 2.65
CA TYR A 87 -10.46 3.11 3.14
C TYR A 87 -9.24 3.71 2.45
N THR A 88 -8.20 3.96 3.23
CA THR A 88 -6.96 4.54 2.70
C THR A 88 -5.90 3.47 2.48
N PHE A 89 -5.49 3.30 1.23
CA PHE A 89 -4.47 2.31 0.88
C PHE A 89 -3.12 2.98 0.62
N ARG A 90 -2.04 2.26 0.91
CA ARG A 90 -0.70 2.78 0.70
C ARG A 90 0.28 1.65 0.37
N VAL A 91 0.96 1.79 -0.75
CA VAL A 91 1.93 0.78 -1.18
C VAL A 91 3.35 1.17 -0.77
N VAL A 92 4.13 0.18 -0.38
CA VAL A 92 5.52 0.41 0.03
C VAL A 92 6.42 -0.74 -0.38
N ALA A 93 7.62 -0.41 -0.83
CA ALA A 93 8.59 -1.42 -1.26
C ALA A 93 9.55 -1.77 -0.13
N TYR A 94 9.66 -3.06 0.17
CA TYR A 94 10.55 -3.53 1.23
C TYR A 94 11.66 -4.42 0.67
N ASN A 95 12.85 -3.86 0.55
CA ASN A 95 13.99 -4.60 0.02
C ASN A 95 15.00 -4.90 1.13
N GLU A 96 16.10 -5.56 0.76
CA GLU A 96 17.13 -5.91 1.72
C GLU A 96 17.32 -4.80 2.75
N TRP A 97 17.57 -3.59 2.26
CA TRP A 97 17.78 -2.44 3.14
C TRP A 97 16.55 -2.21 4.02
N GLY A 98 15.43 -1.86 3.39
CA GLY A 98 14.21 -1.61 4.13
C GLY A 98 13.19 -0.85 3.31
N PRO A 99 12.21 -0.24 4.00
CA PRO A 99 11.15 0.54 3.36
C PRO A 99 11.66 1.83 2.73
N GLY A 100 11.74 1.85 1.40
CA GLY A 100 12.21 3.03 0.70
C GLY A 100 11.25 4.19 0.81
N GLU A 101 10.83 4.72 -0.34
CA GLU A 101 9.90 5.84 -0.37
C GLU A 101 8.45 5.37 -0.26
N SER A 102 7.58 6.22 0.26
CA SER A 102 6.18 5.89 0.42
C SER A 102 5.34 6.55 -0.67
N SER A 103 4.47 5.76 -1.29
CA SER A 103 3.61 6.27 -2.36
C SER A 103 2.49 7.14 -1.79
N GLN A 104 1.89 7.97 -2.64
CA GLN A 104 0.82 8.85 -2.21
C GLN A 104 -0.40 8.05 -1.76
N PRO A 105 -1.02 8.47 -0.65
CA PRO A 105 -2.19 7.81 -0.09
C PRO A 105 -3.43 7.99 -0.96
N ILE A 106 -4.05 6.88 -1.34
CA ILE A 106 -5.25 6.93 -2.17
C ILE A 106 -6.49 6.56 -1.37
N LYS A 107 -7.64 7.07 -1.81
CA LYS A 107 -8.91 6.79 -1.13
C LYS A 107 -9.87 6.05 -2.06
N VAL A 108 -10.12 4.78 -1.75
CA VAL A 108 -11.02 3.97 -2.55
C VAL A 108 -12.26 3.56 -1.75
N ALA A 109 -13.43 3.85 -2.30
CA ALA A 109 -14.68 3.52 -1.63
C ALA A 109 -15.24 2.19 -2.15
N THR A 110 -15.28 1.19 -1.27
CA THR A 110 -15.79 -0.13 -1.62
C THR A 110 -17.12 -0.02 -2.35
N GLN A 111 -17.60 -1.16 -2.87
CA GLN A 111 -18.88 -1.19 -3.58
C GLN A 111 -20.04 -1.32 -2.61
N PRO A 112 -21.21 -0.82 -3.02
CA PRO A 112 -22.43 -0.86 -2.20
C PRO A 112 -22.98 -2.28 -2.06
N GLU A 113 -22.22 -3.26 -2.56
CA GLU A 113 -22.63 -4.65 -2.50
C GLU A 113 -24.09 -4.81 -2.93
N SER A 114 -24.48 -4.06 -3.96
CA SER A 114 -25.85 -4.11 -4.46
C SER A 114 -25.87 -4.48 -5.94
N GLY A 115 -25.72 -5.77 -6.22
CA GLY A 115 -25.73 -6.24 -7.59
C GLY A 115 -24.68 -5.54 -8.45
N PRO A 116 -24.89 -5.54 -9.77
CA PRO A 116 -23.97 -4.91 -10.72
C PRO A 116 -23.98 -3.39 -10.61
N SER A 117 -23.01 -2.84 -9.89
CA SER A 117 -22.91 -1.39 -9.71
C SER A 117 -21.86 -0.80 -10.64
N SER A 118 -22.32 -0.17 -11.71
CA SER A 118 -21.41 0.45 -12.67
C SER A 118 -21.80 1.90 -12.94
N GLY A 119 -20.83 2.79 -12.80
CA GLY A 119 -21.09 4.20 -13.02
C GLY A 119 -20.84 4.62 -14.47
N GLY A 1 7.30 23.49 9.95
CA GLY A 1 7.90 23.02 11.18
C GLY A 1 8.77 21.79 10.98
N SER A 2 9.70 21.57 11.89
CA SER A 2 10.61 20.42 11.80
C SER A 2 10.97 19.91 13.19
N SER A 3 11.51 18.69 13.25
CA SER A 3 11.90 18.08 14.51
C SER A 3 13.34 17.57 14.44
N GLY A 4 13.82 17.04 15.56
CA GLY A 4 15.18 16.52 15.60
C GLY A 4 16.20 17.58 15.97
N SER A 5 16.64 17.56 17.23
CA SER A 5 17.62 18.53 17.70
C SER A 5 19.02 17.93 17.74
N SER A 6 19.18 16.87 18.53
CA SER A 6 20.46 16.19 18.66
C SER A 6 20.33 14.71 18.37
N GLY A 7 21.46 14.05 18.14
CA GLY A 7 21.45 12.62 17.85
C GLY A 7 20.94 12.32 16.46
N LYS A 8 21.22 11.13 15.97
CA LYS A 8 20.78 10.71 14.64
C LYS A 8 20.66 9.20 14.55
N PRO A 9 19.66 8.71 13.81
CA PRO A 9 19.42 7.28 13.61
C PRO A 9 20.50 6.62 12.77
N ALA A 10 20.44 5.29 12.68
CA ALA A 10 21.40 4.54 11.88
C ALA A 10 20.92 4.36 10.46
N ILE A 11 20.50 5.45 9.83
CA ILE A 11 20.01 5.41 8.46
C ILE A 11 21.16 5.59 7.45
N PRO A 12 21.03 4.93 6.29
CA PRO A 12 22.04 5.00 5.24
C PRO A 12 22.09 6.38 4.58
N SER A 13 23.10 7.16 4.94
CA SER A 13 23.26 8.51 4.39
C SER A 13 23.03 8.50 2.88
N SER A 14 23.62 7.52 2.20
CA SER A 14 23.49 7.40 0.76
C SER A 14 22.09 6.93 0.38
N SER A 15 21.75 7.07 -0.91
CA SER A 15 20.45 6.66 -1.40
C SER A 15 20.50 5.27 -2.01
N VAL A 16 20.25 4.25 -1.20
CA VAL A 16 20.27 2.87 -1.67
C VAL A 16 18.90 2.21 -1.51
N LEU A 17 17.87 3.03 -1.35
CA LEU A 17 16.51 2.54 -1.18
C LEU A 17 15.76 2.57 -2.51
N PRO A 18 14.80 1.65 -2.66
CA PRO A 18 13.98 1.56 -3.88
C PRO A 18 13.02 2.73 -4.03
N SER A 19 12.83 3.18 -5.27
CA SER A 19 11.93 4.30 -5.54
C SER A 19 10.47 3.87 -5.42
N ALA A 20 9.66 4.73 -4.80
CA ALA A 20 8.24 4.43 -4.64
C ALA A 20 7.55 4.23 -5.98
N PRO A 21 6.49 3.42 -5.99
CA PRO A 21 5.72 3.13 -7.20
C PRO A 21 4.93 4.33 -7.69
N ARG A 22 4.53 4.29 -8.96
CA ARG A 22 3.77 5.38 -9.55
C ARG A 22 2.35 5.42 -8.98
N ASP A 23 1.55 6.35 -9.47
CA ASP A 23 0.17 6.50 -9.03
C ASP A 23 -0.49 5.13 -8.86
N VAL A 24 -0.90 4.82 -7.64
CA VAL A 24 -1.55 3.54 -7.35
C VAL A 24 -3.04 3.61 -7.65
N VAL A 25 -3.46 2.91 -8.71
CA VAL A 25 -4.86 2.88 -9.10
C VAL A 25 -5.49 1.52 -8.82
N PRO A 26 -6.65 1.52 -8.16
CA PRO A 26 -7.37 0.29 -7.82
C PRO A 26 -7.97 -0.39 -9.05
N VAL A 27 -7.16 -1.23 -9.69
CA VAL A 27 -7.61 -1.95 -10.89
C VAL A 27 -9.02 -2.48 -10.71
N LEU A 28 -9.42 -2.67 -9.45
CA LEU A 28 -10.75 -3.18 -9.15
C LEU A 28 -11.06 -3.04 -7.66
N VAL A 29 -12.34 -2.95 -7.32
CA VAL A 29 -12.77 -2.82 -5.93
C VAL A 29 -13.88 -3.80 -5.60
N SER A 30 -13.81 -4.40 -4.42
CA SER A 30 -14.81 -5.37 -3.98
C SER A 30 -15.44 -4.94 -2.66
N SER A 31 -16.55 -5.57 -2.31
CA SER A 31 -17.26 -5.26 -1.07
C SER A 31 -16.55 -5.87 0.14
N ARG A 32 -15.51 -6.66 -0.14
CA ARG A 32 -14.76 -7.31 0.92
C ARG A 32 -13.26 -7.05 0.76
N PHE A 33 -12.82 -6.91 -0.49
CA PHE A 33 -11.41 -6.66 -0.78
C PHE A 33 -11.27 -5.53 -1.80
N VAL A 34 -10.02 -5.18 -2.10
CA VAL A 34 -9.73 -4.12 -3.06
C VAL A 34 -8.45 -4.39 -3.82
N ARG A 35 -8.57 -4.71 -5.10
CA ARG A 35 -7.41 -4.99 -5.94
C ARG A 35 -6.75 -3.70 -6.40
N LEU A 36 -5.42 -3.67 -6.34
CA LEU A 36 -4.65 -2.49 -6.76
C LEU A 36 -3.44 -2.89 -7.58
N SER A 37 -3.12 -2.08 -8.58
CA SER A 37 -1.99 -2.34 -9.45
C SER A 37 -1.10 -1.10 -9.58
N TRP A 38 0.19 -1.28 -9.33
CA TRP A 38 1.15 -0.19 -9.41
C TRP A 38 2.39 -0.60 -10.21
N ARG A 39 3.32 0.33 -10.38
CA ARG A 39 4.54 0.06 -11.11
C ARG A 39 5.67 -0.33 -10.16
N PRO A 40 6.49 -1.31 -10.60
CA PRO A 40 7.63 -1.79 -9.80
C PRO A 40 8.75 -0.76 -9.68
N PRO A 41 9.53 -0.85 -8.60
CA PRO A 41 10.65 0.07 -8.36
C PRO A 41 11.80 -0.14 -9.33
N ALA A 42 11.86 0.69 -10.36
CA ALA A 42 12.91 0.59 -11.37
C ALA A 42 14.23 0.20 -10.74
N GLU A 43 14.43 0.60 -9.48
CA GLU A 43 15.66 0.30 -8.76
C GLU A 43 15.35 -0.32 -7.40
N ALA A 44 16.17 -1.30 -7.00
CA ALA A 44 15.99 -1.97 -5.72
C ALA A 44 17.27 -1.96 -4.91
N LYS A 45 18.40 -1.93 -5.59
CA LYS A 45 19.71 -1.92 -4.95
C LYS A 45 19.93 -3.21 -4.15
N GLY A 46 19.59 -4.34 -4.77
CA GLY A 46 19.76 -5.61 -4.10
C GLY A 46 18.67 -6.60 -4.46
N ASN A 47 17.73 -6.80 -3.54
CA ASN A 47 16.62 -7.72 -3.77
C ASN A 47 15.41 -7.34 -2.94
N ILE A 48 14.26 -7.21 -3.59
CA ILE A 48 13.02 -6.85 -2.91
C ILE A 48 12.30 -8.09 -2.37
N GLN A 49 12.17 -8.16 -1.06
CA GLN A 49 11.51 -9.30 -0.42
C GLN A 49 10.04 -9.35 -0.81
N THR A 50 9.27 -8.37 -0.35
CA THR A 50 7.84 -8.30 -0.64
C THR A 50 7.32 -6.87 -0.49
N PHE A 51 6.13 -6.63 -1.03
CA PHE A 51 5.52 -5.31 -0.95
C PHE A 51 4.48 -5.25 0.18
N THR A 52 4.53 -4.16 0.95
CA THR A 52 3.61 -3.98 2.06
C THR A 52 2.48 -3.04 1.69
N VAL A 53 1.24 -3.46 1.98
CA VAL A 53 0.07 -2.64 1.67
C VAL A 53 -0.80 -2.46 2.91
N PHE A 54 -0.85 -1.22 3.40
CA PHE A 54 -1.66 -0.91 4.59
C PHE A 54 -3.01 -0.35 4.19
N PHE A 55 -3.97 -0.40 5.12
CA PHE A 55 -5.31 0.10 4.87
C PHE A 55 -6.06 0.31 6.17
N SER A 56 -6.62 1.51 6.33
CA SER A 56 -7.36 1.85 7.55
C SER A 56 -8.66 2.58 7.20
N ARG A 57 -9.66 2.44 8.06
CA ARG A 57 -10.95 3.09 7.84
C ARG A 57 -10.84 4.59 8.07
N GLU A 58 -11.75 5.34 7.45
CA GLU A 58 -11.76 6.79 7.57
C GLU A 58 -12.04 7.21 9.01
N GLY A 59 -10.97 7.49 9.75
CA GLY A 59 -11.11 7.90 11.13
C GLY A 59 -10.18 7.16 12.06
N ASP A 60 -10.37 5.85 12.17
CA ASP A 60 -9.54 5.02 13.03
C ASP A 60 -8.09 5.47 12.98
N ASN A 61 -7.34 5.16 14.04
CA ASN A 61 -5.93 5.55 14.12
C ASN A 61 -5.03 4.42 13.63
N ARG A 62 -5.31 3.20 14.10
CA ARG A 62 -4.53 2.04 13.72
C ARG A 62 -4.88 1.59 12.29
N GLU A 63 -3.99 0.82 11.69
CA GLU A 63 -4.20 0.32 10.34
C GLU A 63 -3.71 -1.11 10.19
N ARG A 64 -4.22 -1.81 9.18
CA ARG A 64 -3.84 -3.20 8.93
C ARG A 64 -2.56 -3.27 8.12
N ALA A 65 -2.02 -4.48 7.96
CA ALA A 65 -0.80 -4.68 7.20
C ALA A 65 -0.82 -6.02 6.47
N LEU A 66 -0.78 -5.96 5.14
CA LEU A 66 -0.79 -7.17 4.32
C LEU A 66 0.38 -7.19 3.36
N ASN A 67 1.41 -7.96 3.71
CA ASN A 67 2.60 -8.06 2.87
C ASN A 67 2.72 -9.46 2.27
N THR A 68 2.36 -9.58 0.99
CA THR A 68 2.43 -10.87 0.31
C THR A 68 2.20 -10.70 -1.20
N THR A 69 3.25 -10.91 -1.98
CA THR A 69 3.16 -10.78 -3.43
C THR A 69 4.06 -11.80 -4.12
N GLN A 70 3.99 -11.83 -5.46
CA GLN A 70 4.79 -12.77 -6.24
C GLN A 70 5.97 -12.06 -6.88
N PRO A 71 7.03 -12.82 -7.19
CA PRO A 71 8.24 -12.29 -7.81
C PRO A 71 8.01 -11.87 -9.25
N GLY A 72 7.69 -10.59 -9.46
CA GLY A 72 7.45 -10.09 -10.80
C GLY A 72 6.17 -9.29 -10.89
N SER A 73 5.20 -9.63 -10.05
CA SER A 73 3.92 -8.95 -10.05
C SER A 73 3.87 -7.89 -8.95
N LEU A 74 3.28 -6.74 -9.27
CA LEU A 74 3.17 -5.64 -8.31
C LEU A 74 1.72 -5.44 -7.90
N GLN A 75 0.91 -6.49 -8.00
CA GLN A 75 -0.50 -6.41 -7.64
C GLN A 75 -0.78 -7.26 -6.41
N LEU A 76 -1.46 -6.68 -5.43
CA LEU A 76 -1.81 -7.38 -4.20
C LEU A 76 -3.24 -7.08 -3.78
N THR A 77 -4.07 -8.12 -3.77
CA THR A 77 -5.47 -7.97 -3.38
C THR A 77 -5.63 -7.95 -1.87
N VAL A 78 -6.17 -6.86 -1.34
CA VAL A 78 -6.38 -6.71 0.09
C VAL A 78 -7.82 -7.02 0.46
N GLY A 79 -8.02 -8.12 1.18
CA GLY A 79 -9.36 -8.50 1.60
C GLY A 79 -9.62 -8.20 3.06
N ASN A 80 -10.75 -8.69 3.57
CA ASN A 80 -11.11 -8.47 4.96
C ASN A 80 -11.41 -7.00 5.23
N LEU A 81 -12.19 -6.38 4.34
CA LEU A 81 -12.54 -4.98 4.46
C LEU A 81 -14.02 -4.83 4.80
N LYS A 82 -14.48 -3.58 4.86
CA LYS A 82 -15.87 -3.29 5.17
C LYS A 82 -16.56 -2.58 4.00
N PRO A 83 -17.71 -3.11 3.57
CA PRO A 83 -18.48 -2.54 2.46
C PRO A 83 -19.12 -1.21 2.83
N GLU A 84 -19.23 -0.32 1.84
CA GLU A 84 -19.82 0.99 2.06
C GLU A 84 -18.90 1.87 2.91
N ALA A 85 -17.60 1.79 2.64
CA ALA A 85 -16.62 2.57 3.39
C ALA A 85 -15.36 2.79 2.56
N MET A 86 -14.61 3.83 2.90
CA MET A 86 -13.37 4.15 2.19
C MET A 86 -12.17 4.07 3.13
N TYR A 87 -11.13 3.37 2.69
CA TYR A 87 -9.92 3.22 3.49
C TYR A 87 -8.70 3.79 2.76
N THR A 88 -7.68 4.15 3.52
CA THR A 88 -6.47 4.71 2.94
C THR A 88 -5.46 3.60 2.61
N PHE A 89 -5.32 3.31 1.32
CA PHE A 89 -4.41 2.27 0.87
C PHE A 89 -3.07 2.88 0.45
N ARG A 90 -1.98 2.20 0.80
CA ARG A 90 -0.64 2.67 0.48
C ARG A 90 0.30 1.49 0.23
N VAL A 91 1.12 1.59 -0.81
CA VAL A 91 2.07 0.54 -1.15
C VAL A 91 3.50 0.98 -0.84
N VAL A 92 4.32 0.02 -0.40
CA VAL A 92 5.71 0.31 -0.08
C VAL A 92 6.62 -0.83 -0.50
N ALA A 93 7.80 -0.49 -1.01
CA ALA A 93 8.76 -1.50 -1.45
C ALA A 93 9.79 -1.79 -0.36
N TYR A 94 9.87 -3.06 0.05
CA TYR A 94 10.82 -3.46 1.08
C TYR A 94 11.93 -4.31 0.51
N ASN A 95 13.16 -3.82 0.62
CA ASN A 95 14.32 -4.54 0.10
C ASN A 95 15.31 -4.87 1.21
N GLU A 96 16.44 -5.45 0.85
CA GLU A 96 17.47 -5.81 1.82
C GLU A 96 17.62 -4.72 2.87
N TRP A 97 18.03 -3.54 2.44
CA TRP A 97 18.23 -2.40 3.34
C TRP A 97 16.98 -2.16 4.18
N GLY A 98 15.89 -1.76 3.52
CA GLY A 98 14.65 -1.50 4.22
C GLY A 98 13.64 -0.77 3.36
N PRO A 99 12.63 -0.17 4.00
CA PRO A 99 11.58 0.58 3.32
C PRO A 99 12.10 1.89 2.72
N GLY A 100 12.03 2.00 1.40
CA GLY A 100 12.49 3.20 0.72
C GLY A 100 11.44 4.29 0.69
N GLU A 101 11.32 4.96 -0.46
CA GLU A 101 10.35 6.03 -0.60
C GLU A 101 8.92 5.47 -0.67
N SER A 102 7.98 6.21 -0.08
CA SER A 102 6.59 5.78 -0.07
C SER A 102 5.80 6.46 -1.18
N SER A 103 4.71 5.81 -1.61
CA SER A 103 3.88 6.36 -2.67
C SER A 103 2.82 7.30 -2.10
N GLN A 104 2.05 7.91 -2.99
CA GLN A 104 0.99 8.84 -2.58
C GLN A 104 -0.20 8.08 -2.01
N PRO A 105 -0.78 8.63 -0.93
CA PRO A 105 -1.94 8.02 -0.26
C PRO A 105 -3.20 8.12 -1.10
N ILE A 106 -3.94 7.01 -1.19
CA ILE A 106 -5.17 6.97 -1.97
C ILE A 106 -6.34 6.45 -1.13
N LYS A 107 -7.54 6.91 -1.44
CA LYS A 107 -8.73 6.49 -0.71
C LYS A 107 -9.71 5.77 -1.64
N VAL A 108 -9.91 4.48 -1.41
CA VAL A 108 -10.83 3.69 -2.23
C VAL A 108 -12.03 3.23 -1.42
N ALA A 109 -13.22 3.41 -1.97
CA ALA A 109 -14.45 3.00 -1.30
C ALA A 109 -14.97 1.68 -1.85
N THR A 110 -15.12 0.69 -0.97
CA THR A 110 -15.59 -0.63 -1.38
C THR A 110 -16.95 -0.52 -2.09
N GLN A 111 -17.51 -1.67 -2.43
CA GLN A 111 -18.80 -1.71 -3.12
C GLN A 111 -19.94 -1.85 -2.12
N PRO A 112 -21.13 -1.34 -2.49
CA PRO A 112 -22.33 -1.41 -1.65
C PRO A 112 -22.86 -2.82 -1.51
N GLU A 113 -22.47 -3.50 -0.42
CA GLU A 113 -22.91 -4.87 -0.18
C GLU A 113 -24.43 -4.98 -0.32
N SER A 114 -24.88 -5.92 -1.15
CA SER A 114 -26.31 -6.12 -1.37
C SER A 114 -27.03 -4.79 -1.52
N GLY A 115 -26.32 -3.80 -2.05
CA GLY A 115 -26.91 -2.48 -2.25
C GLY A 115 -27.24 -2.20 -3.71
N PRO A 116 -28.45 -2.59 -4.13
CA PRO A 116 -28.90 -2.39 -5.51
C PRO A 116 -29.15 -0.91 -5.83
N SER A 117 -28.88 -0.05 -4.85
CA SER A 117 -29.08 1.39 -5.04
C SER A 117 -28.40 1.88 -6.31
N SER A 118 -28.87 3.00 -6.83
CA SER A 118 -28.31 3.57 -8.05
C SER A 118 -26.83 3.89 -7.88
N GLY A 119 -26.14 4.10 -8.99
CA GLY A 119 -24.72 4.41 -8.94
C GLY A 119 -24.39 5.72 -9.62
N GLY A 1 -4.03 9.10 22.38
CA GLY A 1 -4.31 10.48 22.04
C GLY A 1 -3.04 11.30 21.88
N SER A 2 -2.13 11.18 22.84
CA SER A 2 -0.87 11.91 22.80
C SER A 2 0.08 11.31 21.78
N SER A 3 1.25 11.94 21.62
CA SER A 3 2.24 11.46 20.66
C SER A 3 2.91 10.20 21.16
N GLY A 4 3.76 9.61 20.32
CA GLY A 4 4.47 8.39 20.70
C GLY A 4 5.10 7.69 19.51
N SER A 5 6.42 7.77 19.42
CA SER A 5 7.14 7.15 18.32
C SER A 5 8.65 7.19 18.57
N SER A 6 9.36 6.19 18.05
CA SER A 6 10.81 6.10 18.23
C SER A 6 11.48 7.38 17.72
N GLY A 7 11.30 7.68 16.44
CA GLY A 7 11.90 8.86 15.86
C GLY A 7 13.21 8.56 15.16
N LYS A 8 14.31 8.87 15.81
CA LYS A 8 15.63 8.64 15.23
C LYS A 8 15.64 7.39 14.35
N PRO A 9 15.47 7.60 13.04
CA PRO A 9 15.44 6.50 12.06
C PRO A 9 16.80 5.85 11.89
N ALA A 10 16.86 4.54 12.08
CA ALA A 10 18.10 3.79 11.95
C ALA A 10 18.23 3.18 10.56
N ILE A 11 17.54 3.78 9.58
CA ILE A 11 17.57 3.30 8.22
C ILE A 11 18.77 3.85 7.46
N PRO A 12 19.32 3.04 6.54
CA PRO A 12 20.48 3.44 5.73
C PRO A 12 20.14 4.51 4.71
N SER A 13 20.46 5.76 5.04
CA SER A 13 20.19 6.88 4.14
C SER A 13 21.28 7.02 3.09
N SER A 14 21.70 5.89 2.52
CA SER A 14 22.74 5.88 1.50
C SER A 14 22.12 5.80 0.10
N SER A 15 21.03 6.53 -0.09
CA SER A 15 20.34 6.54 -1.38
C SER A 15 20.27 5.13 -1.97
N VAL A 16 20.00 4.15 -1.12
CA VAL A 16 19.91 2.76 -1.55
C VAL A 16 18.48 2.25 -1.44
N LEU A 17 17.64 3.00 -0.74
CA LEU A 17 16.24 2.62 -0.55
C LEU A 17 15.46 2.83 -1.85
N PRO A 18 14.44 1.97 -2.06
CA PRO A 18 13.58 2.05 -3.25
C PRO A 18 12.69 3.29 -3.25
N SER A 19 12.53 3.90 -4.41
CA SER A 19 11.71 5.10 -4.55
C SER A 19 10.23 4.73 -4.54
N ALA A 20 9.39 5.70 -4.18
CA ALA A 20 7.95 5.49 -4.13
C ALA A 20 7.38 5.29 -5.53
N PRO A 21 6.46 4.33 -5.66
CA PRO A 21 5.81 4.02 -6.95
C PRO A 21 4.86 5.12 -7.39
N ARG A 22 4.23 4.91 -8.55
CA ARG A 22 3.29 5.89 -9.08
C ARG A 22 2.00 5.91 -8.28
N ASP A 23 1.11 6.84 -8.60
CA ASP A 23 -0.17 6.96 -7.90
C ASP A 23 -0.94 5.65 -7.95
N VAL A 24 -0.67 4.77 -6.99
CA VAL A 24 -1.34 3.47 -6.93
C VAL A 24 -2.79 3.59 -7.34
N VAL A 25 -3.14 2.93 -8.44
CA VAL A 25 -4.51 2.96 -8.95
C VAL A 25 -5.24 1.66 -8.61
N PRO A 26 -6.50 1.80 -8.15
CA PRO A 26 -7.34 0.66 -7.78
C PRO A 26 -7.76 -0.17 -9.00
N VAL A 27 -6.85 -1.02 -9.47
CA VAL A 27 -7.14 -1.87 -10.62
C VAL A 27 -8.51 -2.52 -10.50
N LEU A 28 -8.94 -2.76 -9.27
CA LEU A 28 -10.24 -3.37 -9.02
C LEU A 28 -10.73 -3.06 -7.61
N VAL A 29 -12.02 -3.21 -7.39
CA VAL A 29 -12.62 -2.96 -6.08
C VAL A 29 -13.84 -3.85 -5.84
N SER A 30 -13.68 -4.79 -4.92
CA SER A 30 -14.77 -5.72 -4.58
C SER A 30 -15.50 -5.28 -3.32
N SER A 31 -16.66 -5.88 -3.06
CA SER A 31 -17.45 -5.55 -1.89
C SER A 31 -16.85 -6.17 -0.64
N ARG A 32 -15.80 -6.95 -0.82
CA ARG A 32 -15.12 -7.61 0.30
C ARG A 32 -13.62 -7.34 0.27
N PHE A 33 -13.08 -7.18 -0.94
CA PHE A 33 -11.65 -6.93 -1.11
C PHE A 33 -11.43 -5.78 -2.08
N VAL A 34 -10.17 -5.33 -2.18
CA VAL A 34 -9.82 -4.23 -3.06
C VAL A 34 -8.48 -4.48 -3.74
N ARG A 35 -8.50 -4.59 -5.07
CA ARG A 35 -7.28 -4.84 -5.83
C ARG A 35 -6.58 -3.53 -6.17
N LEU A 36 -5.26 -3.58 -6.25
CA LEU A 36 -4.47 -2.39 -6.56
C LEU A 36 -3.28 -2.75 -7.45
N SER A 37 -3.05 -1.93 -8.48
CA SER A 37 -1.95 -2.16 -9.40
C SER A 37 -1.00 -0.97 -9.44
N TRP A 38 0.29 -1.24 -9.27
CA TRP A 38 1.29 -0.18 -9.28
C TRP A 38 2.55 -0.63 -10.01
N ARG A 39 3.49 0.29 -10.22
CA ARG A 39 4.73 -0.02 -10.90
C ARG A 39 5.86 -0.25 -9.91
N PRO A 40 6.83 -1.09 -10.29
CA PRO A 40 7.99 -1.40 -9.43
C PRO A 40 8.93 -0.23 -9.27
N PRO A 41 9.72 -0.25 -8.18
CA PRO A 41 10.69 0.81 -7.89
C PRO A 41 11.85 0.83 -8.87
N ALA A 42 11.87 1.82 -9.76
CA ALA A 42 12.92 1.94 -10.75
C ALA A 42 14.27 1.48 -10.17
N GLU A 43 14.54 1.87 -8.94
CA GLU A 43 15.79 1.50 -8.28
C GLU A 43 15.51 0.71 -7.00
N ALA A 44 16.00 -0.52 -6.95
CA ALA A 44 15.82 -1.37 -5.79
C ALA A 44 17.12 -1.56 -5.03
N LYS A 45 18.21 -1.68 -5.76
CA LYS A 45 19.53 -1.87 -5.16
C LYS A 45 19.61 -3.20 -4.43
N GLY A 46 19.12 -4.26 -5.07
CA GLY A 46 19.14 -5.57 -4.47
C GLY A 46 17.95 -6.42 -4.86
N ASN A 47 17.68 -7.46 -4.08
CA ASN A 47 16.56 -8.35 -4.34
C ASN A 47 15.43 -8.13 -3.34
N ILE A 48 14.32 -7.59 -3.80
CA ILE A 48 13.17 -7.33 -2.94
C ILE A 48 12.46 -8.62 -2.56
N GLN A 49 11.85 -8.63 -1.38
CA GLN A 49 11.14 -9.81 -0.91
C GLN A 49 9.65 -9.72 -1.25
N THR A 50 9.04 -8.59 -0.92
CA THR A 50 7.62 -8.38 -1.20
C THR A 50 7.24 -6.91 -1.05
N PHE A 51 5.97 -6.61 -1.24
CA PHE A 51 5.48 -5.24 -1.13
C PHE A 51 4.46 -5.12 0.01
N THR A 52 4.69 -4.16 0.89
CA THR A 52 3.79 -3.94 2.02
C THR A 52 2.66 -3.00 1.64
N VAL A 53 1.47 -3.30 2.15
CA VAL A 53 0.29 -2.47 1.86
C VAL A 53 -0.54 -2.24 3.12
N PHE A 54 -0.56 -1.01 3.59
CA PHE A 54 -1.32 -0.65 4.80
C PHE A 54 -2.74 -0.22 4.43
N PHE A 55 -3.65 -0.34 5.40
CA PHE A 55 -5.04 0.04 5.18
C PHE A 55 -5.75 0.28 6.52
N SER A 56 -6.36 1.45 6.64
CA SER A 56 -7.08 1.81 7.87
C SER A 56 -8.42 2.44 7.54
N ARG A 57 -9.28 2.54 8.55
CA ARG A 57 -10.61 3.12 8.38
C ARG A 57 -10.61 4.59 8.80
N GLU A 58 -11.22 5.43 7.97
CA GLU A 58 -11.30 6.86 8.25
C GLU A 58 -11.94 7.11 9.62
N GLY A 59 -11.11 7.12 10.66
CA GLY A 59 -11.61 7.36 11.99
C GLY A 59 -10.71 6.76 13.06
N ASP A 60 -10.17 5.58 12.78
CA ASP A 60 -9.29 4.90 13.72
C ASP A 60 -7.98 5.66 13.90
N ASN A 61 -7.12 5.17 14.78
CA ASN A 61 -5.83 5.81 15.04
C ASN A 61 -4.69 4.96 14.48
N ARG A 62 -4.87 3.65 14.49
CA ARG A 62 -3.86 2.74 13.99
C ARG A 62 -4.27 2.15 12.64
N GLU A 63 -3.36 1.40 12.03
CA GLU A 63 -3.63 0.79 10.73
C GLU A 63 -3.03 -0.61 10.66
N ARG A 64 -3.54 -1.43 9.73
CA ARG A 64 -3.06 -2.79 9.56
C ARG A 64 -1.98 -2.86 8.50
N ALA A 65 -1.40 -4.04 8.30
CA ALA A 65 -0.36 -4.24 7.31
C ALA A 65 -0.39 -5.66 6.75
N LEU A 66 -0.30 -5.78 5.43
CA LEU A 66 -0.31 -7.07 4.77
C LEU A 66 0.67 -7.10 3.61
N ASN A 67 1.70 -7.92 3.73
CA ASN A 67 2.71 -8.05 2.69
C ASN A 67 2.78 -9.48 2.16
N THR A 68 2.24 -9.69 0.97
CA THR A 68 2.24 -11.01 0.35
C THR A 68 1.87 -10.92 -1.13
N THR A 69 2.87 -11.12 -2.00
CA THR A 69 2.65 -11.07 -3.43
C THR A 69 3.86 -11.62 -4.19
N GLN A 70 3.60 -12.57 -5.08
CA GLN A 70 4.66 -13.19 -5.86
C GLN A 70 5.72 -12.16 -6.25
N PRO A 71 6.96 -12.63 -6.43
CA PRO A 71 8.08 -11.76 -6.80
C PRO A 71 7.97 -11.25 -8.24
N GLY A 72 8.09 -9.93 -8.40
CA GLY A 72 8.01 -9.35 -9.72
C GLY A 72 6.64 -8.73 -9.99
N SER A 73 5.61 -9.29 -9.38
CA SER A 73 4.25 -8.79 -9.56
C SER A 73 3.99 -7.60 -8.65
N LEU A 74 3.39 -6.56 -9.21
CA LEU A 74 3.08 -5.35 -8.45
C LEU A 74 1.58 -5.26 -8.17
N GLN A 75 0.90 -6.40 -8.25
CA GLN A 75 -0.54 -6.44 -8.00
C GLN A 75 -0.85 -7.26 -6.76
N LEU A 76 -1.72 -6.72 -5.90
CA LEU A 76 -2.10 -7.40 -4.67
C LEU A 76 -3.57 -7.16 -4.34
N THR A 77 -4.27 -8.23 -3.95
CA THR A 77 -5.69 -8.12 -3.62
C THR A 77 -5.89 -8.16 -2.10
N VAL A 78 -6.28 -7.02 -1.54
CA VAL A 78 -6.52 -6.93 -0.11
C VAL A 78 -7.97 -7.22 0.23
N GLY A 79 -8.19 -8.37 0.89
CA GLY A 79 -9.54 -8.76 1.27
C GLY A 79 -9.81 -8.56 2.74
N ASN A 80 -10.95 -9.05 3.20
CA ASN A 80 -11.33 -8.92 4.60
C ASN A 80 -11.70 -7.48 4.93
N LEU A 81 -12.61 -6.92 4.16
CA LEU A 81 -13.06 -5.54 4.37
C LEU A 81 -14.57 -5.46 4.35
N LYS A 82 -15.11 -4.36 4.87
CA LYS A 82 -16.55 -4.15 4.91
C LYS A 82 -16.99 -3.22 3.79
N PRO A 83 -18.13 -3.55 3.17
CA PRO A 83 -18.69 -2.76 2.06
C PRO A 83 -19.24 -1.41 2.54
N GLU A 84 -19.43 -0.50 1.60
CA GLU A 84 -19.95 0.83 1.92
C GLU A 84 -19.09 1.50 2.98
N ALA A 85 -17.79 1.59 2.72
CA ALA A 85 -16.86 2.21 3.65
C ALA A 85 -15.58 2.65 2.95
N MET A 86 -15.19 3.91 3.15
CA MET A 86 -13.99 4.44 2.53
C MET A 86 -12.75 3.94 3.25
N TYR A 87 -11.77 3.49 2.47
CA TYR A 87 -10.52 2.98 3.03
C TYR A 87 -9.31 3.52 2.26
N THR A 88 -8.27 3.89 2.99
CA THR A 88 -7.06 4.42 2.38
C THR A 88 -5.96 3.35 2.32
N PHE A 89 -5.50 3.07 1.10
CA PHE A 89 -4.45 2.07 0.91
C PHE A 89 -3.16 2.73 0.44
N ARG A 90 -2.03 2.18 0.87
CA ARG A 90 -0.72 2.71 0.49
C ARG A 90 0.27 1.57 0.24
N VAL A 91 0.94 1.62 -0.91
CA VAL A 91 1.92 0.61 -1.26
C VAL A 91 3.34 1.04 -0.88
N VAL A 92 4.12 0.10 -0.37
CA VAL A 92 5.49 0.38 0.04
C VAL A 92 6.42 -0.76 -0.34
N ALA A 93 7.63 -0.41 -0.77
CA ALA A 93 8.62 -1.41 -1.15
C ALA A 93 9.55 -1.74 0.01
N TYR A 94 9.68 -3.03 0.33
CA TYR A 94 10.53 -3.47 1.41
C TYR A 94 11.63 -4.39 0.90
N ASN A 95 12.86 -3.89 0.91
CA ASN A 95 14.01 -4.66 0.44
C ASN A 95 14.95 -4.99 1.59
N GLU A 96 16.05 -5.66 1.27
CA GLU A 96 17.03 -6.04 2.28
C GLU A 96 17.42 -4.85 3.14
N TRP A 97 17.36 -3.66 2.54
CA TRP A 97 17.70 -2.43 3.25
C TRP A 97 16.62 -2.06 4.25
N GLY A 98 15.41 -1.82 3.75
CA GLY A 98 14.31 -1.46 4.61
C GLY A 98 13.23 -0.68 3.87
N PRO A 99 12.29 -0.09 4.64
CA PRO A 99 11.20 0.70 4.07
C PRO A 99 11.68 2.01 3.46
N GLY A 100 11.63 2.11 2.15
CA GLY A 100 12.06 3.31 1.46
C GLY A 100 10.96 4.33 1.33
N GLU A 101 11.02 5.15 0.27
CA GLU A 101 10.01 6.17 0.04
C GLU A 101 8.63 5.54 -0.19
N SER A 102 7.64 6.04 0.52
CA SER A 102 6.28 5.52 0.39
C SER A 102 5.53 6.24 -0.72
N SER A 103 4.44 5.64 -1.18
CA SER A 103 3.62 6.22 -2.24
C SER A 103 2.54 7.13 -1.67
N GLN A 104 1.79 7.77 -2.55
CA GLN A 104 0.71 8.66 -2.13
C GLN A 104 -0.51 7.88 -1.65
N PRO A 105 -1.11 8.34 -0.55
CA PRO A 105 -2.30 7.70 0.03
C PRO A 105 -3.53 7.87 -0.84
N ILE A 106 -4.07 6.75 -1.32
CA ILE A 106 -5.25 6.77 -2.17
C ILE A 106 -6.48 6.33 -1.40
N LYS A 107 -7.65 6.84 -1.79
CA LYS A 107 -8.90 6.50 -1.13
C LYS A 107 -9.83 5.77 -2.10
N VAL A 108 -10.25 4.57 -1.72
CA VAL A 108 -11.15 3.77 -2.54
C VAL A 108 -12.34 3.27 -1.75
N ALA A 109 -13.54 3.52 -2.25
CA ALA A 109 -14.77 3.10 -1.59
C ALA A 109 -15.22 1.73 -2.08
N THR A 110 -15.26 0.75 -1.18
CA THR A 110 -15.66 -0.59 -1.53
C THR A 110 -17.00 -0.59 -2.27
N GLN A 111 -17.42 -1.77 -2.72
CA GLN A 111 -18.67 -1.90 -3.45
C GLN A 111 -19.82 -2.25 -2.51
N PRO A 112 -21.02 -1.73 -2.80
CA PRO A 112 -22.21 -1.98 -1.99
C PRO A 112 -22.70 -3.41 -2.11
N GLU A 113 -22.82 -4.09 -0.97
CA GLU A 113 -23.28 -5.47 -0.94
C GLU A 113 -24.79 -5.55 -1.16
N SER A 114 -25.26 -4.96 -2.25
CA SER A 114 -26.68 -4.96 -2.57
C SER A 114 -27.14 -6.35 -3.03
N GLY A 115 -28.44 -6.58 -2.98
CA GLY A 115 -28.98 -7.86 -3.38
C GLY A 115 -30.04 -7.72 -4.47
N PRO A 116 -29.67 -7.10 -5.60
CA PRO A 116 -30.57 -6.88 -6.72
C PRO A 116 -30.91 -8.19 -7.44
N SER A 117 -30.23 -9.26 -7.07
CA SER A 117 -30.46 -10.57 -7.68
C SER A 117 -31.94 -10.89 -7.72
N SER A 118 -32.62 -10.72 -6.60
CA SER A 118 -34.05 -11.00 -6.51
C SER A 118 -34.87 -9.81 -6.99
N GLY A 119 -34.53 -8.62 -6.49
CA GLY A 119 -35.25 -7.43 -6.90
C GLY A 119 -34.77 -6.87 -8.22
N GLY A 1 -4.05 10.63 13.74
CA GLY A 1 -3.03 9.85 14.44
C GLY A 1 -1.63 10.16 13.97
N SER A 2 -0.70 9.25 14.24
CA SER A 2 0.69 9.44 13.85
C SER A 2 1.43 8.11 13.81
N SER A 3 2.17 7.88 12.74
CA SER A 3 2.92 6.64 12.57
C SER A 3 3.72 6.32 13.83
N GLY A 4 4.59 7.25 14.23
CA GLY A 4 5.40 7.05 15.40
C GLY A 4 6.28 5.82 15.31
N SER A 5 7.46 5.98 14.71
CA SER A 5 8.39 4.87 14.54
C SER A 5 9.83 5.35 14.70
N SER A 6 10.75 4.40 14.85
CA SER A 6 12.16 4.72 15.02
C SER A 6 13.02 3.46 14.96
N GLY A 7 14.31 3.64 14.71
CA GLY A 7 15.21 2.50 14.63
C GLY A 7 16.63 2.87 15.00
N LYS A 8 17.60 2.42 14.20
CA LYS A 8 19.00 2.71 14.45
C LYS A 8 19.48 3.85 13.57
N PRO A 9 20.24 4.78 14.18
CA PRO A 9 20.79 5.94 13.46
C PRO A 9 21.89 5.55 12.48
N ALA A 10 22.13 4.25 12.35
CA ALA A 10 23.15 3.74 11.44
C ALA A 10 22.56 3.43 10.07
N ILE A 11 21.65 4.28 9.61
CA ILE A 11 21.00 4.10 8.32
C ILE A 11 22.01 3.65 7.27
N PRO A 12 21.53 2.87 6.29
CA PRO A 12 22.36 2.36 5.20
C PRO A 12 22.82 3.46 4.24
N SER A 13 23.49 3.06 3.16
CA SER A 13 23.97 4.01 2.17
C SER A 13 22.89 5.05 1.84
N SER A 14 23.32 6.17 1.26
CA SER A 14 22.39 7.23 0.89
C SER A 14 22.00 7.13 -0.58
N SER A 15 20.71 7.24 -0.85
CA SER A 15 20.20 7.15 -2.22
C SER A 15 20.39 5.75 -2.78
N VAL A 16 20.11 4.74 -1.96
CA VAL A 16 20.25 3.35 -2.37
C VAL A 16 18.93 2.61 -2.24
N LEU A 17 17.87 3.34 -1.89
CA LEU A 17 16.55 2.73 -1.71
C LEU A 17 15.80 2.68 -3.04
N PRO A 18 14.88 1.73 -3.16
CA PRO A 18 14.06 1.55 -4.37
C PRO A 18 13.07 2.68 -4.57
N SER A 19 13.11 3.32 -5.74
CA SER A 19 12.20 4.42 -6.05
C SER A 19 10.75 4.00 -5.81
N ALA A 20 9.91 4.97 -5.44
CA ALA A 20 8.50 4.72 -5.19
C ALA A 20 7.80 4.26 -6.46
N PRO A 21 6.86 3.30 -6.30
CA PRO A 21 6.10 2.75 -7.42
C PRO A 21 5.11 3.76 -8.01
N ARG A 22 4.76 3.56 -9.28
CA ARG A 22 3.83 4.46 -9.95
C ARG A 22 2.57 4.68 -9.11
N ASP A 23 1.98 5.86 -9.26
CA ASP A 23 0.77 6.20 -8.51
C ASP A 23 -0.20 5.02 -8.48
N VAL A 24 -0.18 4.27 -7.38
CA VAL A 24 -1.06 3.11 -7.22
C VAL A 24 -2.49 3.47 -7.58
N VAL A 25 -3.10 2.65 -8.44
CA VAL A 25 -4.48 2.88 -8.87
C VAL A 25 -5.33 1.63 -8.64
N PRO A 26 -6.59 1.85 -8.23
CA PRO A 26 -7.54 0.76 -7.96
C PRO A 26 -7.97 0.06 -9.23
N VAL A 27 -7.15 -0.86 -9.72
CA VAL A 27 -7.46 -1.61 -10.93
C VAL A 27 -8.74 -2.41 -10.78
N LEU A 28 -8.96 -2.93 -9.57
CA LEU A 28 -10.15 -3.73 -9.29
C LEU A 28 -10.62 -3.51 -7.85
N VAL A 29 -11.81 -2.92 -7.71
CA VAL A 29 -12.37 -2.65 -6.39
C VAL A 29 -13.68 -3.41 -6.19
N SER A 30 -13.76 -4.15 -5.09
CA SER A 30 -14.96 -4.93 -4.78
C SER A 30 -15.62 -4.41 -3.51
N SER A 31 -16.74 -5.04 -3.13
CA SER A 31 -17.47 -4.65 -1.95
C SER A 31 -16.89 -5.32 -0.70
N ARG A 32 -16.20 -6.43 -0.90
CA ARG A 32 -15.59 -7.18 0.20
C ARG A 32 -14.07 -7.07 0.15
N PHE A 33 -13.54 -6.75 -1.03
CA PHE A 33 -12.10 -6.62 -1.20
C PHE A 33 -11.77 -5.55 -2.24
N VAL A 34 -10.49 -5.25 -2.38
CA VAL A 34 -10.04 -4.24 -3.34
C VAL A 34 -8.60 -4.50 -3.77
N ARG A 35 -8.43 -4.98 -5.00
CA ARG A 35 -7.10 -5.26 -5.53
C ARG A 35 -6.43 -3.99 -6.02
N LEU A 36 -5.12 -3.90 -5.84
CA LEU A 36 -4.36 -2.74 -6.26
C LEU A 36 -3.13 -3.16 -7.06
N SER A 37 -2.89 -2.47 -8.18
CA SER A 37 -1.74 -2.76 -9.02
C SER A 37 -0.88 -1.52 -9.24
N TRP A 38 0.39 -1.62 -8.91
CA TRP A 38 1.32 -0.51 -9.06
C TRP A 38 2.50 -0.90 -9.95
N ARG A 39 3.24 0.11 -10.42
CA ARG A 39 4.39 -0.13 -11.29
C ARG A 39 5.64 -0.38 -10.45
N PRO A 40 6.36 -1.47 -10.78
CA PRO A 40 7.60 -1.84 -10.08
C PRO A 40 8.74 -0.88 -10.36
N PRO A 41 9.61 -0.67 -9.36
CA PRO A 41 10.75 0.23 -9.48
C PRO A 41 11.83 -0.32 -10.41
N ALA A 42 11.92 0.26 -11.60
CA ALA A 42 12.91 -0.17 -12.59
C ALA A 42 14.28 -0.35 -11.94
N GLU A 43 14.56 0.45 -10.92
CA GLU A 43 15.84 0.37 -10.22
C GLU A 43 15.63 0.13 -8.72
N ALA A 44 15.59 -1.15 -8.34
CA ALA A 44 15.41 -1.52 -6.95
C ALA A 44 16.74 -1.64 -6.22
N LYS A 45 17.77 -1.02 -6.78
CA LYS A 45 19.10 -1.06 -6.19
C LYS A 45 19.41 -2.44 -5.63
N GLY A 46 18.91 -3.47 -6.31
CA GLY A 46 19.15 -4.83 -5.86
C GLY A 46 17.97 -5.74 -6.12
N ASN A 47 17.38 -6.26 -5.05
CA ASN A 47 16.22 -7.15 -5.17
C ASN A 47 15.25 -6.95 -4.00
N ILE A 48 13.97 -6.85 -4.32
CA ILE A 48 12.95 -6.65 -3.30
C ILE A 48 12.30 -7.98 -2.91
N GLN A 49 11.92 -8.09 -1.64
CA GLN A 49 11.28 -9.31 -1.15
C GLN A 49 9.79 -9.31 -1.46
N THR A 50 9.07 -8.35 -0.88
CA THR A 50 7.63 -8.25 -1.10
C THR A 50 7.17 -6.81 -0.99
N PHE A 51 5.88 -6.58 -1.23
CA PHE A 51 5.31 -5.25 -1.15
C PHE A 51 4.26 -5.16 -0.05
N THR A 52 4.49 -4.28 0.91
CA THR A 52 3.56 -4.10 2.03
C THR A 52 2.50 -3.07 1.69
N VAL A 53 1.25 -3.38 2.05
CA VAL A 53 0.14 -2.48 1.79
C VAL A 53 -0.72 -2.28 3.04
N PHE A 54 -0.53 -1.14 3.70
CA PHE A 54 -1.29 -0.82 4.91
C PHE A 54 -2.64 -0.20 4.56
N PHE A 55 -3.67 -0.58 5.30
CA PHE A 55 -5.01 -0.06 5.08
C PHE A 55 -5.73 0.17 6.40
N SER A 56 -6.62 1.15 6.42
CA SER A 56 -7.37 1.48 7.63
C SER A 56 -8.75 2.04 7.27
N ARG A 57 -9.70 1.88 8.18
CA ARG A 57 -11.05 2.37 7.97
C ARG A 57 -11.15 3.86 8.28
N GLU A 58 -12.01 4.56 7.55
CA GLU A 58 -12.20 5.99 7.74
C GLU A 58 -12.53 6.31 9.20
N GLY A 59 -11.52 6.78 9.93
CA GLY A 59 -11.72 7.12 11.33
C GLY A 59 -10.76 6.38 12.24
N ASP A 60 -10.61 5.07 12.00
CA ASP A 60 -9.72 4.25 12.81
C ASP A 60 -8.27 4.68 12.62
N ASN A 61 -7.50 4.68 13.71
CA ASN A 61 -6.09 5.05 13.66
C ASN A 61 -5.23 3.88 13.23
N ARG A 62 -5.35 2.78 13.96
CA ARG A 62 -4.57 1.58 13.66
C ARG A 62 -4.74 1.18 12.20
N GLU A 63 -3.62 0.80 11.56
CA GLU A 63 -3.65 0.40 10.16
C GLU A 63 -3.07 -1.00 9.99
N ARG A 64 -3.90 -1.92 9.49
CA ARG A 64 -3.48 -3.30 9.28
C ARG A 64 -2.21 -3.35 8.43
N ALA A 65 -1.70 -4.57 8.23
CA ALA A 65 -0.49 -4.75 7.44
C ALA A 65 -0.53 -6.09 6.70
N LEU A 66 -0.15 -6.06 5.42
CA LEU A 66 -0.15 -7.26 4.60
C LEU A 66 0.98 -7.21 3.57
N ASN A 67 1.87 -8.19 3.62
CA ASN A 67 2.99 -8.25 2.68
C ASN A 67 3.07 -9.63 2.03
N THR A 68 2.61 -9.72 0.78
CA THR A 68 2.63 -10.97 0.04
C THR A 68 2.34 -10.74 -1.44
N THR A 69 3.34 -10.94 -2.28
CA THR A 69 3.20 -10.76 -3.72
C THR A 69 4.07 -11.73 -4.49
N GLN A 70 3.49 -12.36 -5.51
CA GLN A 70 4.21 -13.32 -6.34
C GLN A 70 5.57 -12.76 -6.75
N PRO A 71 6.49 -13.66 -7.14
CA PRO A 71 7.84 -13.28 -7.57
C PRO A 71 7.83 -12.57 -8.91
N GLY A 72 7.63 -11.26 -8.89
CA GLY A 72 7.60 -10.48 -10.11
C GLY A 72 6.33 -9.66 -10.24
N SER A 73 5.25 -10.14 -9.65
CA SER A 73 3.97 -9.45 -9.73
C SER A 73 3.80 -8.51 -8.53
N LEU A 74 3.39 -7.28 -8.82
CA LEU A 74 3.19 -6.28 -7.78
C LEU A 74 1.70 -6.07 -7.51
N GLN A 75 0.93 -7.15 -7.63
CA GLN A 75 -0.51 -7.08 -7.40
C GLN A 75 -0.88 -7.80 -6.10
N LEU A 76 -1.65 -7.11 -5.26
CA LEU A 76 -2.08 -7.68 -3.99
C LEU A 76 -3.54 -7.35 -3.72
N THR A 77 -4.34 -8.38 -3.42
CA THR A 77 -5.74 -8.21 -3.14
C THR A 77 -6.00 -8.12 -1.63
N VAL A 78 -6.83 -7.16 -1.23
CA VAL A 78 -7.16 -6.97 0.18
C VAL A 78 -8.65 -7.17 0.43
N GLY A 79 -8.98 -8.10 1.32
CA GLY A 79 -10.37 -8.37 1.63
C GLY A 79 -10.74 -7.90 3.03
N ASN A 80 -11.85 -8.43 3.55
CA ASN A 80 -12.32 -8.06 4.88
C ASN A 80 -12.68 -6.58 4.94
N LEU A 81 -13.49 -6.13 3.99
CA LEU A 81 -13.91 -4.73 3.95
C LEU A 81 -15.43 -4.62 3.96
N LYS A 82 -15.93 -3.44 4.31
CA LYS A 82 -17.37 -3.20 4.36
C LYS A 82 -17.80 -2.23 3.26
N PRO A 83 -18.97 -2.50 2.67
CA PRO A 83 -19.52 -1.65 1.60
C PRO A 83 -19.96 -0.28 2.10
N GLU A 84 -19.87 0.72 1.23
CA GLU A 84 -20.26 2.07 1.59
C GLU A 84 -19.36 2.63 2.70
N ALA A 85 -18.05 2.59 2.47
CA ALA A 85 -17.10 3.08 3.45
C ALA A 85 -15.80 3.53 2.77
N MET A 86 -15.28 4.67 3.20
CA MET A 86 -14.04 5.20 2.64
C MET A 86 -12.82 4.56 3.32
N TYR A 87 -11.90 4.07 2.51
CA TYR A 87 -10.69 3.44 3.03
C TYR A 87 -9.44 4.05 2.40
N THR A 88 -8.30 3.85 3.05
CA THR A 88 -7.03 4.37 2.56
C THR A 88 -5.99 3.28 2.41
N PHE A 89 -5.32 3.25 1.27
CA PHE A 89 -4.30 2.24 1.00
C PHE A 89 -2.98 2.90 0.62
N ARG A 90 -1.88 2.20 0.90
CA ARG A 90 -0.54 2.72 0.60
C ARG A 90 0.44 1.57 0.39
N VAL A 91 1.17 1.63 -0.73
CA VAL A 91 2.16 0.60 -1.06
C VAL A 91 3.57 1.07 -0.72
N VAL A 92 4.40 0.13 -0.29
CA VAL A 92 5.79 0.44 0.05
C VAL A 92 6.73 -0.66 -0.39
N ALA A 93 7.94 -0.28 -0.78
CA ALA A 93 8.94 -1.24 -1.22
C ALA A 93 9.91 -1.59 -0.11
N TYR A 94 10.02 -2.87 0.21
CA TYR A 94 10.91 -3.33 1.26
C TYR A 94 12.01 -4.24 0.69
N ASN A 95 13.20 -3.68 0.54
CA ASN A 95 14.33 -4.43 0.01
C ASN A 95 15.40 -4.64 1.08
N GLU A 96 16.39 -5.47 0.77
CA GLU A 96 17.47 -5.76 1.71
C GLU A 96 17.81 -4.53 2.54
N TRP A 97 18.15 -3.44 1.85
CA TRP A 97 18.51 -2.20 2.53
C TRP A 97 17.41 -1.78 3.51
N GLY A 98 16.22 -1.53 2.99
CA GLY A 98 15.11 -1.13 3.84
C GLY A 98 14.00 -0.44 3.07
N PRO A 99 13.07 0.21 3.79
CA PRO A 99 11.94 0.90 3.18
C PRO A 99 12.38 2.16 2.43
N GLY A 100 12.13 2.18 1.12
CA GLY A 100 12.51 3.33 0.31
C GLY A 100 11.44 4.42 0.33
N GLU A 101 11.21 5.03 -0.83
CA GLU A 101 10.22 6.09 -0.94
C GLU A 101 8.80 5.51 -0.92
N SER A 102 7.98 6.03 -0.01
CA SER A 102 6.60 5.57 0.12
C SER A 102 5.70 6.27 -0.90
N SER A 103 4.74 5.51 -1.43
CA SER A 103 3.81 6.06 -2.42
C SER A 103 2.76 6.94 -1.75
N GLN A 104 2.01 7.67 -2.56
CA GLN A 104 0.98 8.56 -2.06
C GLN A 104 -0.27 7.77 -1.64
N PRO A 105 -0.86 8.16 -0.50
CA PRO A 105 -2.06 7.50 0.03
C PRO A 105 -3.29 7.76 -0.83
N ILE A 106 -3.90 6.69 -1.34
CA ILE A 106 -5.08 6.80 -2.18
C ILE A 106 -6.35 6.51 -1.38
N LYS A 107 -7.46 7.09 -1.80
CA LYS A 107 -8.74 6.88 -1.12
C LYS A 107 -9.75 6.22 -2.06
N VAL A 108 -10.12 4.99 -1.75
CA VAL A 108 -11.08 4.25 -2.56
C VAL A 108 -12.32 3.89 -1.75
N ALA A 109 -13.49 4.22 -2.29
CA ALA A 109 -14.76 3.92 -1.62
C ALA A 109 -15.30 2.56 -2.05
N THR A 110 -15.49 1.68 -1.07
CA THR A 110 -16.00 0.35 -1.35
C THR A 110 -17.25 0.41 -2.22
N GLN A 111 -17.68 -0.76 -2.71
CA GLN A 111 -18.85 -0.83 -3.57
C GLN A 111 -20.13 -0.97 -2.73
N PRO A 112 -21.23 -0.37 -3.23
CA PRO A 112 -22.52 -0.40 -2.54
C PRO A 112 -23.15 -1.79 -2.56
N GLU A 113 -22.39 -2.78 -3.04
CA GLU A 113 -22.87 -4.15 -3.10
C GLU A 113 -24.14 -4.23 -3.95
N SER A 114 -24.19 -3.44 -5.01
CA SER A 114 -25.34 -3.42 -5.90
C SER A 114 -24.94 -3.04 -7.32
N GLY A 115 -25.32 -3.88 -8.28
CA GLY A 115 -24.98 -3.62 -9.67
C GLY A 115 -25.61 -4.63 -10.61
N PRO A 116 -26.84 -4.35 -11.06
CA PRO A 116 -27.58 -5.22 -11.97
C PRO A 116 -26.97 -5.23 -13.37
N SER A 117 -26.09 -6.18 -13.63
CA SER A 117 -25.44 -6.30 -14.92
C SER A 117 -24.89 -4.96 -15.38
N SER A 118 -24.35 -4.19 -14.43
CA SER A 118 -23.79 -2.88 -14.73
C SER A 118 -22.57 -3.00 -15.64
N GLY A 119 -22.15 -1.88 -16.21
CA GLY A 119 -20.99 -1.89 -17.10
C GLY A 119 -20.42 -0.50 -17.31
N GLY A 1 18.81 21.31 8.46
CA GLY A 1 17.66 20.42 8.66
C GLY A 1 16.85 20.80 9.88
N SER A 2 15.56 21.04 9.67
CA SER A 2 14.67 21.41 10.76
C SER A 2 13.76 20.25 11.14
N SER A 3 14.20 19.45 12.10
CA SER A 3 13.42 18.30 12.56
C SER A 3 13.82 17.90 13.97
N GLY A 4 12.84 17.43 14.75
CA GLY A 4 13.10 17.03 16.11
C GLY A 4 11.85 16.56 16.82
N SER A 5 11.29 15.45 16.36
CA SER A 5 10.08 14.89 16.95
C SER A 5 10.42 13.69 17.83
N SER A 6 10.94 12.64 17.20
CA SER A 6 11.30 11.42 17.92
C SER A 6 12.72 10.99 17.59
N GLY A 7 13.15 9.89 18.19
CA GLY A 7 14.50 9.39 17.96
C GLY A 7 14.61 8.62 16.65
N LYS A 8 15.71 8.83 15.93
CA LYS A 8 15.94 8.15 14.67
C LYS A 8 17.21 7.30 14.72
N PRO A 9 17.07 6.00 14.43
CA PRO A 9 18.20 5.06 14.44
C PRO A 9 19.17 5.32 13.30
N ALA A 10 20.18 4.46 13.17
CA ALA A 10 21.18 4.59 12.12
C ALA A 10 20.56 4.37 10.74
N ILE A 11 20.00 5.42 10.17
CA ILE A 11 19.38 5.33 8.86
C ILE A 11 20.41 5.49 7.74
N PRO A 12 20.16 4.84 6.60
CA PRO A 12 21.06 4.90 5.44
C PRO A 12 21.05 6.27 4.78
N SER A 13 22.04 7.09 5.12
CA SER A 13 22.14 8.43 4.56
C SER A 13 22.04 8.40 3.04
N SER A 14 23.00 7.75 2.40
CA SER A 14 23.02 7.64 0.94
C SER A 14 21.68 7.14 0.41
N SER A 15 21.33 7.58 -0.78
CA SER A 15 20.06 7.19 -1.40
C SER A 15 20.18 5.82 -2.06
N VAL A 16 20.16 4.78 -1.24
CA VAL A 16 20.26 3.41 -1.74
C VAL A 16 18.93 2.67 -1.60
N LEU A 17 17.85 3.44 -1.46
CA LEU A 17 16.52 2.86 -1.33
C LEU A 17 15.77 2.90 -2.66
N PRO A 18 14.84 1.95 -2.85
CA PRO A 18 14.03 1.86 -4.08
C PRO A 18 13.04 3.01 -4.19
N SER A 19 13.06 3.70 -5.33
CA SER A 19 12.16 4.81 -5.56
C SER A 19 10.71 4.38 -5.41
N ALA A 20 9.83 5.35 -5.16
CA ALA A 20 8.42 5.06 -4.99
C ALA A 20 7.78 4.62 -6.30
N PRO A 21 6.83 3.68 -6.22
CA PRO A 21 6.13 3.15 -7.40
C PRO A 21 5.20 4.17 -8.02
N ARG A 22 4.31 3.70 -8.89
CA ARG A 22 3.37 4.57 -9.57
C ARG A 22 2.09 4.74 -8.76
N ASP A 23 1.49 5.93 -8.82
CA ASP A 23 0.27 6.21 -8.08
C ASP A 23 -0.65 4.99 -8.08
N VAL A 24 -0.55 4.16 -7.06
CA VAL A 24 -1.38 2.97 -6.94
C VAL A 24 -2.83 3.28 -7.27
N VAL A 25 -3.35 2.64 -8.31
CA VAL A 25 -4.73 2.85 -8.74
C VAL A 25 -5.57 1.59 -8.50
N PRO A 26 -6.83 1.78 -8.10
CA PRO A 26 -7.76 0.68 -7.85
C PRO A 26 -8.18 -0.04 -9.12
N VAL A 27 -7.31 -0.93 -9.61
CA VAL A 27 -7.59 -1.69 -10.81
C VAL A 27 -8.85 -2.53 -10.66
N LEU A 28 -9.31 -2.68 -9.43
CA LEU A 28 -10.52 -3.45 -9.15
C LEU A 28 -10.95 -3.27 -7.70
N VAL A 29 -12.13 -2.66 -7.51
CA VAL A 29 -12.67 -2.43 -6.18
C VAL A 29 -13.90 -3.30 -5.92
N SER A 30 -13.78 -4.22 -4.97
CA SER A 30 -14.88 -5.11 -4.63
C SER A 30 -15.53 -4.69 -3.31
N SER A 31 -16.80 -5.03 -3.15
CA SER A 31 -17.54 -4.69 -1.95
C SER A 31 -17.01 -5.46 -0.75
N ARG A 32 -16.08 -6.38 -1.00
CA ARG A 32 -15.47 -7.19 0.05
C ARG A 32 -13.96 -7.00 0.09
N PHE A 33 -13.37 -6.83 -1.09
CA PHE A 33 -11.92 -6.64 -1.19
C PHE A 33 -11.59 -5.51 -2.16
N VAL A 34 -10.30 -5.24 -2.31
CA VAL A 34 -9.85 -4.17 -3.20
C VAL A 34 -8.46 -4.49 -3.77
N ARG A 35 -8.41 -4.69 -5.09
CA ARG A 35 -7.15 -5.01 -5.75
C ARG A 35 -6.42 -3.73 -6.15
N LEU A 36 -5.09 -3.78 -6.13
CA LEU A 36 -4.28 -2.62 -6.49
C LEU A 36 -3.05 -3.06 -7.29
N SER A 37 -2.72 -2.27 -8.32
CA SER A 37 -1.57 -2.57 -9.17
C SER A 37 -0.68 -1.35 -9.34
N TRP A 38 0.58 -1.49 -9.00
CA TRP A 38 1.54 -0.38 -9.11
C TRP A 38 2.74 -0.80 -9.96
N ARG A 39 3.55 0.19 -10.34
CA ARG A 39 4.74 -0.08 -11.16
C ARG A 39 5.95 -0.33 -10.27
N PRO A 40 6.68 -1.41 -10.57
CA PRO A 40 7.88 -1.79 -9.82
C PRO A 40 9.03 -0.81 -10.04
N PRO A 41 9.86 -0.63 -8.99
CA PRO A 41 11.02 0.28 -9.05
C PRO A 41 12.12 -0.27 -9.95
N ALA A 42 12.23 0.29 -11.15
CA ALA A 42 13.25 -0.12 -12.10
C ALA A 42 14.62 -0.23 -11.43
N GLU A 43 14.83 0.57 -10.40
CA GLU A 43 16.09 0.58 -9.67
C GLU A 43 15.88 0.20 -8.21
N ALA A 44 15.87 -1.09 -7.93
CA ALA A 44 15.67 -1.58 -6.57
C ALA A 44 17.00 -1.69 -5.83
N LYS A 45 18.08 -1.32 -6.51
CA LYS A 45 19.41 -1.37 -5.91
C LYS A 45 19.70 -2.74 -5.31
N GLY A 46 19.28 -3.79 -6.03
CA GLY A 46 19.50 -5.14 -5.56
C GLY A 46 18.33 -6.05 -5.86
N ASN A 47 17.43 -6.21 -4.89
CA ASN A 47 16.26 -7.07 -5.06
C ASN A 47 15.29 -6.89 -3.90
N ILE A 48 14.00 -6.90 -4.22
CA ILE A 48 12.97 -6.74 -3.20
C ILE A 48 12.32 -8.08 -2.86
N GLN A 49 12.02 -8.27 -1.57
CA GLN A 49 11.41 -9.51 -1.11
C GLN A 49 9.90 -9.48 -1.34
N THR A 50 9.23 -8.50 -0.76
CA THR A 50 7.79 -8.37 -0.90
C THR A 50 7.36 -6.91 -0.78
N PHE A 51 6.07 -6.66 -1.00
CA PHE A 51 5.53 -5.30 -0.90
C PHE A 51 4.48 -5.21 0.20
N THR A 52 4.58 -4.17 1.01
CA THR A 52 3.64 -3.96 2.11
C THR A 52 2.45 -3.11 1.67
N VAL A 53 1.26 -3.50 2.10
CA VAL A 53 0.04 -2.78 1.75
C VAL A 53 -0.81 -2.49 2.98
N PHE A 54 -0.76 -1.25 3.46
CA PHE A 54 -1.52 -0.85 4.63
C PHE A 54 -2.91 -0.33 4.23
N PHE A 55 -3.87 -0.46 5.14
CA PHE A 55 -5.23 0.00 4.90
C PHE A 55 -5.96 0.28 6.20
N SER A 56 -6.69 1.38 6.23
CA SER A 56 -7.44 1.78 7.43
C SER A 56 -8.75 2.45 7.05
N ARG A 57 -9.70 2.44 7.97
CA ARG A 57 -11.01 3.04 7.73
C ARG A 57 -10.99 4.53 8.04
N GLU A 58 -11.85 5.29 7.38
CA GLU A 58 -11.93 6.73 7.58
C GLU A 58 -12.22 7.06 9.04
N GLY A 59 -11.35 7.88 9.64
CA GLY A 59 -11.53 8.26 11.04
C GLY A 59 -10.50 7.63 11.94
N ASP A 60 -10.46 6.30 11.96
CA ASP A 60 -9.50 5.57 12.80
C ASP A 60 -8.10 6.15 12.64
N ASN A 61 -7.20 5.75 13.53
CA ASN A 61 -5.83 6.22 13.49
C ASN A 61 -4.88 5.11 13.08
N ARG A 62 -5.04 3.93 13.68
CA ARG A 62 -4.20 2.78 13.38
C ARG A 62 -4.57 2.19 12.02
N GLU A 63 -3.88 1.12 11.64
CA GLU A 63 -4.12 0.46 10.37
C GLU A 63 -3.50 -0.93 10.34
N ARG A 64 -3.98 -1.76 9.41
CA ARG A 64 -3.47 -3.12 9.29
C ARG A 64 -2.27 -3.17 8.35
N ALA A 65 -1.72 -4.37 8.15
CA ALA A 65 -0.57 -4.54 7.27
C ALA A 65 -0.59 -5.92 6.62
N LEU A 66 -0.33 -5.96 5.31
CA LEU A 66 -0.32 -7.21 4.56
C LEU A 66 0.79 -7.22 3.53
N ASN A 67 1.81 -8.04 3.78
CA ASN A 67 2.95 -8.15 2.86
C ASN A 67 2.95 -9.50 2.15
N THR A 68 2.51 -9.50 0.90
CA THR A 68 2.47 -10.73 0.11
C THR A 68 2.27 -10.43 -1.37
N THR A 69 3.30 -10.70 -2.17
CA THR A 69 3.25 -10.46 -3.60
C THR A 69 4.09 -11.46 -4.36
N GLN A 70 3.48 -12.13 -5.34
CA GLN A 70 4.18 -13.13 -6.14
C GLN A 70 5.58 -12.64 -6.50
N PRO A 71 6.46 -13.59 -6.86
CA PRO A 71 7.84 -13.29 -7.24
C PRO A 71 7.93 -12.55 -8.58
N GLY A 72 7.80 -11.22 -8.52
CA GLY A 72 7.88 -10.43 -9.74
C GLY A 72 6.63 -9.59 -9.94
N SER A 73 5.50 -10.09 -9.50
CA SER A 73 4.22 -9.38 -9.64
C SER A 73 4.00 -8.43 -8.47
N LEU A 74 3.61 -7.20 -8.77
CA LEU A 74 3.36 -6.20 -7.74
C LEU A 74 1.87 -5.98 -7.54
N GLN A 75 1.09 -7.05 -7.71
CA GLN A 75 -0.36 -6.97 -7.55
C GLN A 75 -0.81 -7.69 -6.28
N LEU A 76 -1.60 -7.00 -5.47
CA LEU A 76 -2.10 -7.56 -4.23
C LEU A 76 -3.58 -7.23 -4.03
N THR A 77 -4.34 -8.21 -3.58
CA THR A 77 -5.77 -8.03 -3.35
C THR A 77 -6.10 -8.08 -1.87
N VAL A 78 -6.44 -6.93 -1.30
CA VAL A 78 -6.78 -6.83 0.11
C VAL A 78 -8.27 -7.08 0.34
N GLY A 79 -8.58 -8.16 1.04
CA GLY A 79 -9.97 -8.49 1.32
C GLY A 79 -10.36 -8.20 2.76
N ASN A 80 -11.45 -8.81 3.20
CA ASN A 80 -11.93 -8.60 4.57
C ASN A 80 -12.28 -7.14 4.81
N LEU A 81 -13.12 -6.57 3.94
CA LEU A 81 -13.53 -5.18 4.06
C LEU A 81 -15.05 -5.07 4.17
N LYS A 82 -15.52 -3.87 4.46
CA LYS A 82 -16.96 -3.62 4.59
C LYS A 82 -17.46 -2.72 3.47
N PRO A 83 -18.68 -3.00 2.98
CA PRO A 83 -19.29 -2.22 1.91
C PRO A 83 -19.69 -0.81 2.35
N GLU A 84 -19.64 0.14 1.42
CA GLU A 84 -20.00 1.52 1.73
C GLU A 84 -19.06 2.10 2.78
N ALA A 85 -17.76 2.03 2.53
CA ALA A 85 -16.76 2.55 3.45
C ALA A 85 -15.51 3.00 2.71
N MET A 86 -14.90 4.09 3.17
CA MET A 86 -13.68 4.62 2.56
C MET A 86 -12.44 4.09 3.26
N TYR A 87 -11.49 3.58 2.48
CA TYR A 87 -10.26 3.04 3.03
C TYR A 87 -9.05 3.64 2.32
N THR A 88 -7.99 3.89 3.08
CA THR A 88 -6.76 4.46 2.53
C THR A 88 -5.69 3.39 2.34
N PHE A 89 -5.40 3.08 1.09
CA PHE A 89 -4.38 2.07 0.77
C PHE A 89 -3.05 2.72 0.43
N ARG A 90 -1.97 2.05 0.77
CA ARG A 90 -0.62 2.56 0.51
C ARG A 90 0.36 1.41 0.29
N VAL A 91 1.14 1.52 -0.78
CA VAL A 91 2.13 0.49 -1.11
C VAL A 91 3.54 0.94 -0.74
N VAL A 92 4.35 0.00 -0.27
CA VAL A 92 5.72 0.30 0.13
C VAL A 92 6.67 -0.83 -0.28
N ALA A 93 7.84 -0.45 -0.78
CA ALA A 93 8.83 -1.43 -1.21
C ALA A 93 9.85 -1.69 -0.10
N TYR A 94 9.88 -2.92 0.39
CA TYR A 94 10.81 -3.30 1.46
C TYR A 94 11.96 -4.15 0.90
N ASN A 95 13.07 -3.51 0.61
CA ASN A 95 14.24 -4.21 0.08
C ASN A 95 15.23 -4.53 1.19
N GLU A 96 16.31 -5.22 0.83
CA GLU A 96 17.34 -5.59 1.79
C GLU A 96 17.59 -4.45 2.78
N TRP A 97 17.80 -3.25 2.26
CA TRP A 97 18.05 -2.09 3.09
C TRP A 97 16.84 -1.77 3.96
N GLY A 98 15.76 -1.34 3.32
CA GLY A 98 14.55 -1.00 4.05
C GLY A 98 13.49 -0.36 3.16
N PRO A 99 12.46 0.20 3.80
CA PRO A 99 11.36 0.87 3.07
C PRO A 99 11.80 2.17 2.41
N GLY A 100 11.81 2.17 1.08
CA GLY A 100 12.22 3.36 0.35
C GLY A 100 11.14 4.42 0.33
N GLU A 101 11.06 5.17 -0.76
CA GLU A 101 10.06 6.23 -0.89
C GLU A 101 8.65 5.66 -0.90
N SER A 102 7.81 6.16 -0.02
CA SER A 102 6.42 5.70 0.08
C SER A 102 5.55 6.36 -0.98
N SER A 103 4.69 5.58 -1.61
CA SER A 103 3.80 6.09 -2.64
C SER A 103 2.74 7.02 -2.03
N GLN A 104 1.96 7.65 -2.90
CA GLN A 104 0.91 8.55 -2.45
C GLN A 104 -0.30 7.78 -1.95
N PRO A 105 -0.81 8.18 -0.77
CA PRO A 105 -1.97 7.52 -0.15
C PRO A 105 -3.26 7.82 -0.90
N ILE A 106 -3.93 6.76 -1.34
CA ILE A 106 -5.19 6.90 -2.08
C ILE A 106 -6.37 6.41 -1.24
N LYS A 107 -7.54 7.00 -1.47
CA LYS A 107 -8.75 6.62 -0.75
C LYS A 107 -9.79 6.03 -1.71
N VAL A 108 -10.03 4.73 -1.57
CA VAL A 108 -11.00 4.04 -2.40
C VAL A 108 -12.17 3.51 -1.57
N ALA A 109 -13.38 3.89 -1.97
CA ALA A 109 -14.58 3.45 -1.27
C ALA A 109 -15.18 2.21 -1.93
N THR A 110 -15.38 1.17 -1.13
CA THR A 110 -15.95 -0.08 -1.64
C THR A 110 -17.23 0.18 -2.43
N GLN A 111 -17.84 -0.90 -2.93
CA GLN A 111 -19.07 -0.78 -3.70
C GLN A 111 -20.29 -0.97 -2.81
N PRO A 112 -21.41 -0.36 -3.21
CA PRO A 112 -22.67 -0.45 -2.46
C PRO A 112 -23.29 -1.85 -2.53
N GLU A 113 -23.05 -2.65 -1.49
CA GLU A 113 -23.58 -4.01 -1.44
C GLU A 113 -25.10 -4.00 -1.60
N SER A 114 -25.60 -4.87 -2.46
CA SER A 114 -27.03 -4.96 -2.71
C SER A 114 -27.54 -6.36 -2.41
N GLY A 115 -28.50 -6.46 -1.50
CA GLY A 115 -29.06 -7.74 -1.13
C GLY A 115 -30.44 -7.96 -1.71
N PRO A 116 -31.47 -7.84 -0.86
CA PRO A 116 -32.87 -8.02 -1.28
C PRO A 116 -33.35 -6.89 -2.19
N SER A 117 -32.53 -5.86 -2.35
CA SER A 117 -32.88 -4.73 -3.18
C SER A 117 -32.43 -4.96 -4.63
N SER A 118 -33.28 -5.61 -5.40
CA SER A 118 -32.98 -5.91 -6.80
C SER A 118 -32.81 -4.61 -7.59
N GLY A 119 -33.72 -3.67 -7.38
CA GLY A 119 -33.65 -2.40 -8.08
C GLY A 119 -33.72 -2.57 -9.59
N GLY A 1 -2.73 25.07 15.08
CA GLY A 1 -2.14 23.91 14.45
C GLY A 1 -1.06 23.28 15.29
N SER A 2 -0.49 22.17 14.80
CA SER A 2 0.56 21.47 15.52
C SER A 2 1.23 20.43 14.64
N SER A 3 2.39 19.96 15.06
CA SER A 3 3.13 18.95 14.30
C SER A 3 4.21 18.32 15.16
N GLY A 4 4.88 17.30 14.61
CA GLY A 4 5.93 16.61 15.34
C GLY A 4 6.52 15.46 14.56
N SER A 5 7.62 15.72 13.86
CA SER A 5 8.29 14.70 13.06
C SER A 5 8.46 13.40 13.86
N SER A 6 9.09 13.52 15.02
CA SER A 6 9.32 12.37 15.88
C SER A 6 9.75 11.16 15.07
N GLY A 7 10.65 11.38 14.11
CA GLY A 7 11.13 10.30 13.27
C GLY A 7 12.61 10.05 13.43
N LYS A 8 13.38 10.46 12.43
CA LYS A 8 14.84 10.28 12.47
C LYS A 8 15.20 8.82 12.73
N PRO A 9 14.64 7.91 11.91
CA PRO A 9 14.89 6.47 12.04
C PRO A 9 16.31 6.09 11.64
N ALA A 10 16.59 4.80 11.60
CA ALA A 10 17.91 4.30 11.23
C ALA A 10 18.13 4.40 9.73
N ILE A 11 18.36 5.62 9.25
CA ILE A 11 18.59 5.84 7.83
C ILE A 11 19.98 5.39 7.41
N PRO A 12 20.09 4.84 6.19
CA PRO A 12 21.36 4.35 5.66
C PRO A 12 22.32 5.49 5.33
N SER A 13 21.82 6.72 5.37
CA SER A 13 22.63 7.89 5.08
C SER A 13 23.00 7.94 3.60
N SER A 14 22.12 7.40 2.76
CA SER A 14 22.36 7.37 1.32
C SER A 14 21.09 6.99 0.57
N SER A 15 20.97 7.47 -0.66
CA SER A 15 19.81 7.17 -1.49
C SER A 15 19.94 5.81 -2.15
N VAL A 16 19.82 4.75 -1.34
CA VAL A 16 19.92 3.38 -1.85
C VAL A 16 18.56 2.69 -1.83
N LEU A 17 17.60 3.29 -1.13
CA LEU A 17 16.26 2.73 -1.03
C LEU A 17 15.57 2.75 -2.39
N PRO A 18 14.64 1.80 -2.59
CA PRO A 18 13.88 1.69 -3.83
C PRO A 18 12.90 2.85 -4.03
N SER A 19 12.88 3.40 -5.25
CA SER A 19 12.00 4.51 -5.56
C SER A 19 10.54 4.12 -5.35
N ALA A 20 9.73 5.08 -4.90
CA ALA A 20 8.31 4.83 -4.67
C ALA A 20 7.56 4.61 -5.98
N PRO A 21 6.59 3.70 -5.95
CA PRO A 21 5.78 3.38 -7.14
C PRO A 21 4.83 4.51 -7.52
N ARG A 22 4.38 4.50 -8.76
CA ARG A 22 3.47 5.53 -9.26
C ARG A 22 2.20 5.58 -8.42
N ASP A 23 1.30 6.49 -8.78
CA ASP A 23 0.03 6.64 -8.05
C ASP A 23 -0.83 5.39 -8.19
N VAL A 24 -0.68 4.47 -7.24
CA VAL A 24 -1.45 3.23 -7.26
C VAL A 24 -2.93 3.50 -7.49
N VAL A 25 -3.50 2.81 -8.48
CA VAL A 25 -4.90 2.97 -8.81
C VAL A 25 -5.70 1.70 -8.51
N PRO A 26 -6.93 1.87 -8.03
CA PRO A 26 -7.81 0.75 -7.69
C PRO A 26 -8.30 0.01 -8.93
N VAL A 27 -7.50 -0.96 -9.39
CA VAL A 27 -7.85 -1.75 -10.55
C VAL A 27 -9.24 -2.33 -10.44
N LEU A 28 -9.53 -2.94 -9.28
CA LEU A 28 -10.83 -3.54 -9.04
C LEU A 28 -11.36 -3.15 -7.67
N VAL A 29 -12.53 -2.52 -7.63
CA VAL A 29 -13.15 -2.09 -6.38
C VAL A 29 -14.44 -2.86 -6.12
N SER A 30 -14.37 -3.85 -5.24
CA SER A 30 -15.53 -4.66 -4.90
C SER A 30 -16.02 -4.35 -3.49
N SER A 31 -17.02 -5.10 -3.03
CA SER A 31 -17.58 -4.90 -1.70
C SER A 31 -16.95 -5.87 -0.70
N ARG A 32 -15.98 -6.64 -1.16
CA ARG A 32 -15.30 -7.61 -0.32
C ARG A 32 -13.78 -7.39 -0.35
N PHE A 33 -13.25 -7.20 -1.55
CA PHE A 33 -11.81 -6.97 -1.71
C PHE A 33 -11.55 -5.83 -2.68
N VAL A 34 -10.27 -5.53 -2.90
CA VAL A 34 -9.88 -4.46 -3.80
C VAL A 34 -8.53 -4.75 -4.45
N ARG A 35 -8.55 -4.94 -5.77
CA ARG A 35 -7.33 -5.23 -6.50
C ARG A 35 -6.56 -3.95 -6.82
N LEU A 36 -5.27 -3.95 -6.51
CA LEU A 36 -4.42 -2.78 -6.76
C LEU A 36 -3.22 -3.15 -7.61
N SER A 37 -2.97 -2.38 -8.65
CA SER A 37 -1.85 -2.63 -9.55
C SER A 37 -0.94 -1.40 -9.64
N TRP A 38 0.35 -1.61 -9.42
CA TRP A 38 1.33 -0.53 -9.46
C TRP A 38 2.59 -0.97 -10.19
N ARG A 39 3.49 -0.01 -10.43
CA ARG A 39 4.74 -0.30 -11.12
C ARG A 39 5.88 -0.52 -10.11
N PRO A 40 6.76 -1.48 -10.43
CA PRO A 40 7.90 -1.81 -9.56
C PRO A 40 8.95 -0.70 -9.55
N PRO A 41 9.81 -0.72 -8.51
CA PRO A 41 10.87 0.28 -8.35
C PRO A 41 11.97 0.11 -9.38
N ALA A 42 12.23 1.17 -10.14
CA ALA A 42 13.26 1.16 -11.17
C ALA A 42 14.63 0.85 -10.56
N GLU A 43 15.02 1.62 -9.56
CA GLU A 43 16.30 1.42 -8.89
C GLU A 43 16.13 0.70 -7.56
N ALA A 44 15.96 -0.62 -7.63
CA ALA A 44 15.79 -1.43 -6.44
C ALA A 44 17.05 -1.42 -5.57
N LYS A 45 18.21 -1.47 -6.22
CA LYS A 45 19.48 -1.47 -5.52
C LYS A 45 19.61 -2.70 -4.63
N GLY A 46 19.42 -3.88 -5.23
CA GLY A 46 19.53 -5.11 -4.48
C GLY A 46 18.48 -6.13 -4.89
N ASN A 47 17.75 -6.65 -3.90
CA ASN A 47 16.71 -7.64 -4.17
C ASN A 47 15.51 -7.42 -3.24
N ILE A 48 14.35 -7.18 -3.83
CA ILE A 48 13.13 -6.97 -3.06
C ILE A 48 12.46 -8.29 -2.70
N GLN A 49 12.01 -8.40 -1.47
CA GLN A 49 11.33 -9.62 -1.01
C GLN A 49 9.83 -9.52 -1.20
N THR A 50 9.26 -8.39 -0.82
CA THR A 50 7.82 -8.17 -0.95
C THR A 50 7.46 -6.71 -0.69
N PHE A 51 6.19 -6.38 -0.88
CA PHE A 51 5.71 -5.02 -0.66
C PHE A 51 4.66 -4.98 0.44
N THR A 52 4.79 -4.00 1.34
CA THR A 52 3.85 -3.85 2.44
C THR A 52 2.74 -2.87 2.09
N VAL A 53 1.51 -3.21 2.47
CA VAL A 53 0.36 -2.36 2.19
C VAL A 53 -0.45 -2.10 3.46
N PHE A 54 -0.68 -0.82 3.76
CA PHE A 54 -1.44 -0.44 4.94
C PHE A 54 -2.84 0.03 4.57
N PHE A 55 -3.85 -0.49 5.27
CA PHE A 55 -5.23 -0.12 5.01
C PHE A 55 -5.98 0.14 6.32
N SER A 56 -6.39 1.39 6.52
CA SER A 56 -7.11 1.78 7.72
C SER A 56 -8.51 2.29 7.37
N ARG A 57 -9.36 2.38 8.39
CA ARG A 57 -10.73 2.85 8.20
C ARG A 57 -10.84 4.35 8.46
N GLU A 58 -11.35 5.08 7.47
CA GLU A 58 -11.49 6.52 7.59
C GLU A 58 -11.98 6.90 8.99
N GLY A 59 -11.19 7.71 9.69
CA GLY A 59 -11.55 8.14 11.03
C GLY A 59 -10.72 7.46 12.10
N ASP A 60 -10.40 6.19 11.87
CA ASP A 60 -9.61 5.42 12.83
C ASP A 60 -8.13 5.49 12.48
N ASN A 61 -7.30 5.83 13.47
CA ASN A 61 -5.86 5.93 13.26
C ASN A 61 -5.25 4.56 13.02
N ARG A 62 -5.57 3.60 13.89
CA ARG A 62 -5.05 2.25 13.76
C ARG A 62 -5.19 1.74 12.33
N GLU A 63 -4.09 1.28 11.76
CA GLU A 63 -4.09 0.76 10.40
C GLU A 63 -3.56 -0.67 10.35
N ARG A 64 -4.09 -1.45 9.42
CA ARG A 64 -3.68 -2.85 9.27
C ARG A 64 -2.42 -2.95 8.41
N ALA A 65 -1.89 -4.17 8.31
CA ALA A 65 -0.69 -4.40 7.51
C ALA A 65 -0.76 -5.76 6.82
N LEU A 66 -0.31 -5.81 5.57
CA LEU A 66 -0.31 -7.05 4.79
C LEU A 66 0.78 -7.02 3.73
N ASN A 67 1.79 -7.87 3.91
CA ASN A 67 2.90 -7.94 2.97
C ASN A 67 2.96 -9.33 2.32
N THR A 68 2.47 -9.41 1.08
CA THR A 68 2.47 -10.67 0.36
C THR A 68 2.28 -10.45 -1.14
N THR A 69 3.34 -10.63 -1.91
CA THR A 69 3.27 -10.45 -3.35
C THR A 69 4.04 -11.55 -4.08
N GLN A 70 3.41 -12.14 -5.08
CA GLN A 70 4.03 -13.21 -5.85
C GLN A 70 5.43 -12.80 -6.33
N PRO A 71 6.28 -13.79 -6.61
CA PRO A 71 7.65 -13.56 -7.06
C PRO A 71 7.70 -12.99 -8.47
N GLY A 72 7.59 -11.67 -8.57
CA GLY A 72 7.62 -11.02 -9.87
C GLY A 72 6.29 -10.40 -10.25
N SER A 73 5.62 -9.80 -9.27
CA SER A 73 4.33 -9.18 -9.51
C SER A 73 4.11 -8.00 -8.56
N LEU A 74 3.58 -6.90 -9.10
CA LEU A 74 3.33 -5.71 -8.32
C LEU A 74 1.83 -5.52 -8.07
N GLN A 75 1.12 -6.63 -7.89
CA GLN A 75 -0.32 -6.58 -7.65
C GLN A 75 -0.68 -7.32 -6.37
N LEU A 76 -1.57 -6.73 -5.59
CA LEU A 76 -2.00 -7.32 -4.33
C LEU A 76 -3.51 -7.21 -4.16
N THR A 77 -4.13 -8.28 -3.65
CA THR A 77 -5.57 -8.28 -3.43
C THR A 77 -5.91 -8.25 -1.95
N VAL A 78 -6.53 -7.16 -1.52
CA VAL A 78 -6.91 -7.01 -0.11
C VAL A 78 -8.40 -7.30 0.09
N GLY A 79 -8.69 -8.47 0.65
CA GLY A 79 -10.07 -8.85 0.89
C GLY A 79 -10.54 -8.48 2.28
N ASN A 80 -11.56 -9.18 2.77
CA ASN A 80 -12.10 -8.92 4.10
C ASN A 80 -12.37 -7.43 4.30
N LEU A 81 -13.12 -6.85 3.36
CA LEU A 81 -13.46 -5.42 3.43
C LEU A 81 -14.96 -5.23 3.60
N LYS A 82 -15.35 -4.06 4.10
CA LYS A 82 -16.75 -3.74 4.31
C LYS A 82 -17.24 -2.75 3.26
N PRO A 83 -18.44 -3.01 2.71
CA PRO A 83 -19.06 -2.16 1.69
C PRO A 83 -19.50 -0.81 2.26
N GLU A 84 -19.65 0.18 1.37
CA GLU A 84 -20.07 1.51 1.79
C GLU A 84 -19.14 2.05 2.88
N ALA A 85 -17.85 2.06 2.59
CA ALA A 85 -16.87 2.55 3.55
C ALA A 85 -15.55 2.89 2.85
N MET A 86 -15.05 4.10 3.09
CA MET A 86 -13.79 4.55 2.49
C MET A 86 -12.60 3.98 3.24
N TYR A 87 -11.58 3.56 2.49
CA TYR A 87 -10.37 3.00 3.10
C TYR A 87 -9.12 3.51 2.38
N THR A 88 -8.15 3.97 3.16
CA THR A 88 -6.90 4.47 2.61
C THR A 88 -5.89 3.35 2.41
N PHE A 89 -5.49 3.14 1.16
CA PHE A 89 -4.52 2.11 0.84
C PHE A 89 -3.16 2.71 0.52
N ARG A 90 -2.11 1.97 0.83
CA ARG A 90 -0.75 2.42 0.58
C ARG A 90 0.17 1.26 0.20
N VAL A 91 1.30 1.58 -0.42
CA VAL A 91 2.26 0.56 -0.83
C VAL A 91 3.69 0.97 -0.49
N VAL A 92 4.54 -0.01 -0.22
CA VAL A 92 5.93 0.25 0.12
C VAL A 92 6.83 -0.90 -0.31
N ALA A 93 8.01 -0.56 -0.82
CA ALA A 93 8.95 -1.58 -1.27
C ALA A 93 9.96 -1.90 -0.17
N TYR A 94 10.16 -3.19 0.09
CA TYR A 94 11.10 -3.63 1.11
C TYR A 94 12.21 -4.49 0.50
N ASN A 95 13.43 -3.95 0.49
CA ASN A 95 14.57 -4.67 -0.07
C ASN A 95 15.61 -4.95 1.02
N GLU A 96 16.70 -5.61 0.63
CA GLU A 96 17.77 -5.94 1.56
C GLU A 96 17.93 -4.84 2.61
N TRP A 97 18.15 -3.61 2.14
CA TRP A 97 18.33 -2.47 3.03
C TRP A 97 17.11 -2.29 3.93
N GLY A 98 15.98 -1.93 3.32
CA GLY A 98 14.76 -1.74 4.08
C GLY A 98 13.70 -1.00 3.29
N PRO A 99 12.75 -0.37 4.01
CA PRO A 99 11.66 0.39 3.39
C PRO A 99 12.15 1.67 2.73
N GLY A 100 11.74 1.88 1.48
CA GLY A 100 12.14 3.07 0.76
C GLY A 100 11.04 4.10 0.67
N GLU A 101 11.13 5.00 -0.31
CA GLU A 101 10.13 6.04 -0.50
C GLU A 101 8.73 5.44 -0.54
N SER A 102 7.81 6.03 0.21
CA SER A 102 6.44 5.56 0.26
C SER A 102 5.58 6.26 -0.79
N SER A 103 4.60 5.55 -1.31
CA SER A 103 3.71 6.10 -2.33
C SER A 103 2.61 6.95 -1.69
N GLN A 104 1.91 7.72 -2.50
CA GLN A 104 0.83 8.58 -2.02
C GLN A 104 -0.38 7.75 -1.60
N PRO A 105 -0.96 8.09 -0.44
CA PRO A 105 -2.13 7.38 0.10
C PRO A 105 -3.39 7.66 -0.71
N ILE A 106 -3.97 6.60 -1.28
CA ILE A 106 -5.18 6.73 -2.07
C ILE A 106 -6.42 6.40 -1.25
N LYS A 107 -7.57 6.89 -1.70
CA LYS A 107 -8.83 6.64 -1.01
C LYS A 107 -9.81 5.90 -1.92
N VAL A 108 -9.95 4.60 -1.70
CA VAL A 108 -10.85 3.78 -2.49
C VAL A 108 -12.11 3.45 -1.71
N ALA A 109 -13.27 3.75 -2.29
CA ALA A 109 -14.55 3.47 -1.65
C ALA A 109 -15.17 2.19 -2.20
N THR A 110 -15.41 1.23 -1.32
CA THR A 110 -16.00 -0.05 -1.71
C THR A 110 -17.31 0.16 -2.47
N GLN A 111 -17.84 -0.91 -3.04
CA GLN A 111 -19.09 -0.83 -3.79
C GLN A 111 -20.29 -0.95 -2.85
N PRO A 112 -21.42 -0.35 -3.27
CA PRO A 112 -22.66 -0.37 -2.50
C PRO A 112 -23.29 -1.76 -2.45
N GLU A 113 -23.10 -2.46 -1.34
CA GLU A 113 -23.65 -3.80 -1.17
C GLU A 113 -25.18 -3.77 -1.28
N SER A 114 -25.71 -4.51 -2.25
CA SER A 114 -27.14 -4.57 -2.46
C SER A 114 -27.66 -6.00 -2.32
N GLY A 115 -27.63 -6.50 -1.09
CA GLY A 115 -28.09 -7.86 -0.83
C GLY A 115 -27.55 -8.85 -1.84
N PRO A 116 -28.42 -9.27 -2.78
CA PRO A 116 -28.04 -10.24 -3.82
C PRO A 116 -27.08 -9.64 -4.84
N SER A 117 -26.65 -8.41 -4.60
CA SER A 117 -25.73 -7.73 -5.49
C SER A 117 -26.28 -7.71 -6.92
N SER A 118 -27.56 -7.41 -7.05
CA SER A 118 -28.20 -7.36 -8.36
C SER A 118 -28.46 -5.92 -8.79
N GLY A 119 -28.81 -5.07 -7.82
CA GLY A 119 -29.07 -3.68 -8.12
C GLY A 119 -28.05 -3.07 -9.05
N GLY A 1 -3.00 23.14 14.43
CA GLY A 1 -2.27 21.90 14.27
C GLY A 1 -0.80 22.04 14.62
N SER A 2 -0.05 22.71 13.75
CA SER A 2 1.38 22.92 13.97
C SER A 2 2.00 21.70 14.64
N SER A 3 1.78 20.53 14.06
CA SER A 3 2.33 19.30 14.61
C SER A 3 3.84 19.24 14.44
N GLY A 4 4.46 18.17 14.94
CA GLY A 4 5.90 18.02 14.85
C GLY A 4 6.35 16.60 15.14
N SER A 5 7.66 16.37 15.04
CA SER A 5 8.22 15.06 15.30
C SER A 5 9.73 15.13 15.46
N SER A 6 10.32 14.07 16.01
CA SER A 6 11.76 14.02 16.23
C SER A 6 12.27 12.59 16.12
N GLY A 7 13.59 12.44 16.13
CA GLY A 7 14.19 11.12 16.03
C GLY A 7 15.34 11.08 15.04
N LYS A 8 16.49 10.59 15.49
CA LYS A 8 17.67 10.50 14.62
C LYS A 8 18.30 9.12 14.71
N PRO A 9 17.60 8.11 14.15
CA PRO A 9 18.08 6.73 14.15
C PRO A 9 19.29 6.52 13.24
N ALA A 10 19.71 5.28 13.10
CA ALA A 10 20.86 4.95 12.26
C ALA A 10 20.41 4.35 10.94
N ILE A 11 19.32 4.88 10.38
CA ILE A 11 18.80 4.39 9.12
C ILE A 11 19.69 4.79 7.95
N PRO A 12 19.75 3.92 6.93
CA PRO A 12 20.58 4.14 5.74
C PRO A 12 20.03 5.28 4.87
N SER A 13 20.94 6.02 4.24
CA SER A 13 20.56 7.13 3.39
C SER A 13 19.35 6.77 2.52
N SER A 14 18.54 7.76 2.18
CA SER A 14 17.35 7.54 1.37
C SER A 14 17.71 7.50 -0.11
N SER A 15 18.66 6.64 -0.47
CA SER A 15 19.10 6.51 -1.85
C SER A 15 19.10 5.05 -2.28
N VAL A 16 19.52 4.18 -1.38
CA VAL A 16 19.58 2.75 -1.66
C VAL A 16 18.22 2.09 -1.44
N LEU A 17 17.15 2.85 -1.67
CA LEU A 17 15.80 2.34 -1.50
C LEU A 17 15.04 2.34 -2.83
N PRO A 18 14.07 1.43 -2.95
CA PRO A 18 13.26 1.30 -4.16
C PRO A 18 12.31 2.47 -4.34
N SER A 19 12.69 3.40 -5.23
CA SER A 19 11.86 4.58 -5.49
C SER A 19 10.38 4.22 -5.51
N ALA A 20 9.56 5.08 -4.93
CA ALA A 20 8.12 4.86 -4.88
C ALA A 20 7.59 4.46 -6.25
N PRO A 21 6.58 3.57 -6.25
CA PRO A 21 5.96 3.09 -7.49
C PRO A 21 5.14 4.17 -8.18
N ARG A 22 4.68 3.88 -9.40
CA ARG A 22 3.89 4.83 -10.18
C ARG A 22 2.62 5.22 -9.42
N ASP A 23 1.83 6.11 -10.02
CA ASP A 23 0.59 6.56 -9.40
C ASP A 23 -0.33 5.39 -9.12
N VAL A 24 -0.28 4.88 -7.89
CA VAL A 24 -1.11 3.76 -7.47
C VAL A 24 -2.58 4.03 -7.76
N VAL A 25 -3.21 3.14 -8.53
CA VAL A 25 -4.61 3.28 -8.88
C VAL A 25 -5.37 1.97 -8.66
N PRO A 26 -6.62 2.09 -8.21
CA PRO A 26 -7.48 0.93 -7.94
C PRO A 26 -7.91 0.22 -9.23
N VAL A 27 -7.01 -0.60 -9.77
CA VAL A 27 -7.28 -1.34 -11.00
C VAL A 27 -8.58 -2.14 -10.88
N LEU A 28 -9.03 -2.35 -9.64
CA LEU A 28 -10.25 -3.09 -9.39
C LEU A 28 -10.75 -2.85 -7.96
N VAL A 29 -12.07 -2.95 -7.78
CA VAL A 29 -12.68 -2.74 -6.47
C VAL A 29 -13.86 -3.68 -6.27
N SER A 30 -13.98 -4.23 -5.06
CA SER A 30 -15.07 -5.13 -4.74
C SER A 30 -15.84 -4.64 -3.51
N SER A 31 -16.79 -5.45 -3.06
CA SER A 31 -17.60 -5.10 -1.90
C SER A 31 -17.02 -5.70 -0.63
N ARG A 32 -15.98 -6.51 -0.78
CA ARG A 32 -15.33 -7.16 0.36
C ARG A 32 -13.82 -6.99 0.29
N PHE A 33 -13.28 -6.97 -0.93
CA PHE A 33 -11.84 -6.82 -1.14
C PHE A 33 -11.56 -5.68 -2.13
N VAL A 34 -10.27 -5.35 -2.26
CA VAL A 34 -9.86 -4.29 -3.18
C VAL A 34 -8.46 -4.54 -3.71
N ARG A 35 -8.35 -4.74 -5.02
CA ARG A 35 -7.07 -4.99 -5.65
C ARG A 35 -6.40 -3.68 -6.06
N LEU A 36 -5.07 -3.63 -5.93
CA LEU A 36 -4.31 -2.44 -6.28
C LEU A 36 -3.18 -2.78 -7.24
N SER A 37 -2.87 -1.85 -8.14
CA SER A 37 -1.80 -2.06 -9.11
C SER A 37 -0.77 -0.94 -9.01
N TRP A 38 0.50 -1.34 -8.91
CA TRP A 38 1.60 -0.37 -8.81
C TRP A 38 2.73 -0.74 -9.78
N ARG A 39 3.77 0.08 -9.77
CA ARG A 39 4.93 -0.16 -10.64
C ARG A 39 6.14 -0.61 -9.83
N PRO A 40 6.82 -1.66 -10.31
CA PRO A 40 8.00 -2.21 -9.66
C PRO A 40 9.20 -1.27 -9.73
N PRO A 41 10.00 -1.23 -8.66
CA PRO A 41 11.19 -0.38 -8.59
C PRO A 41 12.30 -0.87 -9.51
N ALA A 42 12.98 0.08 -10.14
CA ALA A 42 14.08 -0.26 -11.06
C ALA A 42 15.42 -0.25 -10.33
N GLU A 43 15.49 0.49 -9.23
CA GLU A 43 16.72 0.59 -8.45
C GLU A 43 16.51 0.00 -7.05
N ALA A 44 16.27 -1.31 -7.00
CA ALA A 44 16.07 -2.00 -5.73
C ALA A 44 17.38 -2.19 -4.98
N LYS A 45 18.49 -1.98 -5.69
CA LYS A 45 19.81 -2.14 -5.10
C LYS A 45 19.94 -3.49 -4.40
N GLY A 46 19.37 -4.52 -5.01
CA GLY A 46 19.44 -5.85 -4.43
C GLY A 46 18.32 -6.75 -4.92
N ASN A 47 17.56 -7.30 -3.97
CA ASN A 47 16.45 -8.18 -4.31
C ASN A 47 15.31 -8.04 -3.30
N ILE A 48 14.20 -7.45 -3.75
CA ILE A 48 13.04 -7.25 -2.89
C ILE A 48 12.41 -8.58 -2.50
N GLN A 49 11.98 -8.68 -1.24
CA GLN A 49 11.35 -9.89 -0.74
C GLN A 49 9.85 -9.87 -0.98
N THR A 50 9.22 -8.73 -0.71
CA THR A 50 7.79 -8.58 -0.90
C THR A 50 7.37 -7.12 -0.84
N PHE A 51 6.09 -6.87 -1.03
CA PHE A 51 5.56 -5.51 -1.00
C PHE A 51 4.56 -5.33 0.14
N THR A 52 4.83 -4.36 1.02
CA THR A 52 3.97 -4.10 2.15
C THR A 52 2.87 -3.11 1.79
N VAL A 53 1.63 -3.46 2.08
CA VAL A 53 0.49 -2.60 1.79
C VAL A 53 -0.37 -2.37 3.03
N PHE A 54 -0.46 -1.11 3.45
CA PHE A 54 -1.25 -0.76 4.63
C PHE A 54 -2.68 -0.42 4.25
N PHE A 55 -3.58 -0.49 5.22
CA PHE A 55 -4.99 -0.19 4.98
C PHE A 55 -5.71 0.13 6.29
N SER A 56 -6.48 1.20 6.28
CA SER A 56 -7.23 1.63 7.47
C SER A 56 -8.53 2.31 7.08
N ARG A 57 -9.47 2.36 8.02
CA ARG A 57 -10.76 2.98 7.78
C ARG A 57 -10.64 4.50 7.75
N GLU A 58 -11.59 5.15 7.09
CA GLU A 58 -11.60 6.60 6.99
C GLU A 58 -11.40 7.26 8.36
N GLY A 59 -10.26 7.89 8.55
CA GLY A 59 -9.97 8.55 9.81
C GLY A 59 -9.67 7.55 10.92
N ASP A 60 -8.58 6.80 10.76
CA ASP A 60 -8.19 5.82 11.76
C ASP A 60 -6.82 6.15 12.35
N ASN A 61 -6.66 5.89 13.64
CA ASN A 61 -5.40 6.16 14.33
C ASN A 61 -4.36 5.11 13.99
N ARG A 62 -4.76 3.84 14.03
CA ARG A 62 -3.87 2.73 13.73
C ARG A 62 -3.96 2.34 12.26
N GLU A 63 -2.98 1.56 11.80
CA GLU A 63 -2.95 1.12 10.41
C GLU A 63 -2.57 -0.35 10.32
N ARG A 64 -3.22 -1.08 9.41
CA ARG A 64 -2.96 -2.50 9.23
C ARG A 64 -1.76 -2.71 8.31
N ALA A 65 -1.15 -3.89 8.41
CA ALA A 65 0.00 -4.21 7.58
C ALA A 65 -0.08 -5.64 7.05
N LEU A 66 -0.16 -5.77 5.74
CA LEU A 66 -0.26 -7.09 5.10
C LEU A 66 0.84 -7.27 4.06
N ASN A 67 1.80 -8.15 4.34
CA ASN A 67 2.90 -8.41 3.42
C ASN A 67 2.72 -9.76 2.74
N THR A 68 2.26 -9.74 1.49
CA THR A 68 2.05 -10.97 0.74
C THR A 68 1.86 -10.67 -0.75
N THR A 69 2.89 -10.97 -1.54
CA THR A 69 2.83 -10.73 -2.97
C THR A 69 3.37 -11.93 -3.76
N GLN A 70 2.56 -12.45 -4.66
CA GLN A 70 2.95 -13.60 -5.47
C GLN A 70 4.34 -13.38 -6.07
N PRO A 71 4.97 -14.49 -6.50
CA PRO A 71 6.31 -14.45 -7.10
C PRO A 71 6.29 -13.79 -8.48
N GLY A 72 6.48 -12.48 -8.51
CA GLY A 72 6.49 -11.76 -9.77
C GLY A 72 5.18 -11.02 -10.03
N SER A 73 4.51 -10.62 -8.96
CA SER A 73 3.25 -9.91 -9.07
C SER A 73 3.35 -8.52 -8.45
N LEU A 74 2.73 -7.54 -9.10
CA LEU A 74 2.74 -6.16 -8.60
C LEU A 74 1.34 -5.72 -8.21
N GLN A 75 0.46 -6.68 -7.96
CA GLN A 75 -0.91 -6.39 -7.57
C GLN A 75 -1.30 -7.18 -6.33
N LEU A 76 -1.88 -6.51 -5.35
CA LEU A 76 -2.32 -7.15 -4.11
C LEU A 76 -3.82 -7.00 -3.91
N THR A 77 -4.49 -8.13 -3.67
CA THR A 77 -5.92 -8.12 -3.45
C THR A 77 -6.26 -8.19 -1.96
N VAL A 78 -6.45 -7.02 -1.36
CA VAL A 78 -6.78 -6.95 0.07
C VAL A 78 -8.26 -7.27 0.30
N GLY A 79 -8.52 -8.36 1.01
CA GLY A 79 -9.89 -8.75 1.29
C GLY A 79 -10.27 -8.51 2.74
N ASN A 80 -11.44 -8.98 3.12
CA ASN A 80 -11.93 -8.82 4.49
C ASN A 80 -12.25 -7.35 4.77
N LEU A 81 -13.05 -6.75 3.89
CA LEU A 81 -13.44 -5.35 4.04
C LEU A 81 -14.95 -5.21 4.16
N LYS A 82 -15.40 -4.07 4.66
CA LYS A 82 -16.83 -3.81 4.81
C LYS A 82 -17.36 -2.98 3.65
N PRO A 83 -18.52 -3.41 3.12
CA PRO A 83 -19.17 -2.72 1.99
C PRO A 83 -19.73 -1.36 2.39
N GLU A 84 -19.80 -0.46 1.42
CA GLU A 84 -20.32 0.89 1.67
C GLU A 84 -19.49 1.60 2.73
N ALA A 85 -18.18 1.65 2.51
CA ALA A 85 -17.27 2.31 3.44
C ALA A 85 -16.00 2.77 2.74
N MET A 86 -15.37 3.80 3.29
CA MET A 86 -14.14 4.35 2.71
C MET A 86 -12.92 3.76 3.41
N TYR A 87 -11.98 3.25 2.62
CA TYR A 87 -10.77 2.66 3.17
C TYR A 87 -9.54 3.14 2.40
N THR A 88 -8.54 3.64 3.14
CA THR A 88 -7.32 4.13 2.53
C THR A 88 -6.32 3.01 2.31
N PHE A 89 -5.53 3.11 1.23
CA PHE A 89 -4.54 2.11 0.91
C PHE A 89 -3.24 2.75 0.45
N ARG A 90 -2.13 2.06 0.66
CA ARG A 90 -0.82 2.56 0.26
C ARG A 90 0.14 1.41 -0.04
N VAL A 91 1.10 1.67 -0.93
CA VAL A 91 2.07 0.66 -1.32
C VAL A 91 3.46 1.03 -0.83
N VAL A 92 4.24 0.02 -0.43
CA VAL A 92 5.59 0.24 0.06
C VAL A 92 6.52 -0.90 -0.36
N ALA A 93 7.66 -0.55 -0.96
CA ALA A 93 8.62 -1.54 -1.40
C ALA A 93 9.71 -1.76 -0.34
N TYR A 94 9.86 -3.01 0.10
CA TYR A 94 10.85 -3.34 1.11
C TYR A 94 11.97 -4.18 0.51
N ASN A 95 13.16 -3.58 0.42
CA ASN A 95 14.32 -4.27 -0.13
C ASN A 95 15.21 -4.81 0.97
N GLU A 96 16.37 -5.36 0.59
CA GLU A 96 17.31 -5.91 1.55
C GLU A 96 17.46 -4.99 2.76
N TRP A 97 17.78 -3.73 2.48
CA TRP A 97 17.96 -2.74 3.55
C TRP A 97 16.65 -2.46 4.26
N GLY A 98 15.75 -1.76 3.57
CA GLY A 98 14.45 -1.44 4.16
C GLY A 98 13.52 -0.76 3.17
N PRO A 99 12.43 -0.20 3.69
CA PRO A 99 11.43 0.50 2.87
C PRO A 99 11.95 1.82 2.31
N GLY A 100 11.50 2.17 1.11
CA GLY A 100 11.93 3.41 0.49
C GLY A 100 10.88 4.50 0.58
N GLU A 101 10.59 5.13 -0.56
CA GLU A 101 9.60 6.20 -0.62
C GLU A 101 8.19 5.63 -0.60
N SER A 102 7.39 6.08 0.35
CA SER A 102 6.01 5.61 0.48
C SER A 102 5.10 6.33 -0.50
N SER A 103 4.43 5.54 -1.35
CA SER A 103 3.53 6.11 -2.35
C SER A 103 2.42 6.92 -1.69
N GLN A 104 1.87 7.88 -2.44
CA GLN A 104 0.80 8.72 -1.92
C GLN A 104 -0.42 7.89 -1.54
N PRO A 105 -1.04 8.23 -0.39
CA PRO A 105 -2.22 7.53 0.11
C PRO A 105 -3.45 7.79 -0.75
N ILE A 106 -4.06 6.71 -1.26
CA ILE A 106 -5.24 6.83 -2.09
C ILE A 106 -6.50 6.47 -1.31
N LYS A 107 -7.65 6.93 -1.80
CA LYS A 107 -8.93 6.66 -1.15
C LYS A 107 -9.88 5.94 -2.10
N VAL A 108 -10.32 4.76 -1.70
CA VAL A 108 -11.25 3.97 -2.51
C VAL A 108 -12.41 3.45 -1.68
N ALA A 109 -13.62 3.63 -2.17
CA ALA A 109 -14.81 3.17 -1.47
C ALA A 109 -15.26 1.81 -1.99
N THR A 110 -15.54 0.90 -1.06
CA THR A 110 -15.98 -0.45 -1.42
C THR A 110 -17.30 -0.42 -2.18
N GLN A 111 -17.66 -1.54 -2.78
CA GLN A 111 -18.91 -1.64 -3.54
C GLN A 111 -20.07 -1.95 -2.61
N PRO A 112 -21.28 -1.51 -3.02
CA PRO A 112 -22.50 -1.74 -2.25
C PRO A 112 -22.93 -3.20 -2.24
N GLU A 113 -23.42 -3.66 -1.10
CA GLU A 113 -23.87 -5.05 -0.96
C GLU A 113 -25.37 -5.16 -1.20
N SER A 114 -26.14 -4.39 -0.44
CA SER A 114 -27.60 -4.41 -0.57
C SER A 114 -28.04 -3.63 -1.81
N GLY A 115 -29.30 -3.83 -2.21
CA GLY A 115 -29.83 -3.14 -3.37
C GLY A 115 -29.98 -4.07 -4.56
N PRO A 116 -30.94 -5.01 -4.47
CA PRO A 116 -31.21 -5.98 -5.54
C PRO A 116 -31.85 -5.32 -6.76
N SER A 117 -31.01 -4.83 -7.66
CA SER A 117 -31.48 -4.17 -8.87
C SER A 117 -32.61 -3.20 -8.56
N SER A 118 -32.45 -2.45 -7.47
CA SER A 118 -33.46 -1.48 -7.05
C SER A 118 -32.83 -0.10 -6.84
N GLY A 119 -33.56 0.94 -7.23
CA GLY A 119 -33.05 2.29 -7.08
C GLY A 119 -32.86 2.99 -8.41
N GLY A 1 -0.55 15.61 4.70
CA GLY A 1 -0.60 15.29 6.11
C GLY A 1 0.71 15.59 6.81
N SER A 2 0.67 15.69 8.14
CA SER A 2 1.85 15.97 8.93
C SER A 2 2.48 14.68 9.47
N SER A 3 3.76 14.50 9.20
CA SER A 3 4.47 13.31 9.65
C SER A 3 5.73 13.69 10.42
N GLY A 4 5.78 13.28 11.69
CA GLY A 4 6.93 13.58 12.52
C GLY A 4 7.13 12.58 13.63
N SER A 5 8.14 11.73 13.50
CA SER A 5 8.43 10.71 14.51
C SER A 5 9.61 11.12 15.38
N SER A 6 9.92 10.29 16.36
CA SER A 6 11.03 10.56 17.27
C SER A 6 12.21 11.19 16.51
N GLY A 7 13.07 11.87 17.25
CA GLY A 7 14.23 12.51 16.64
C GLY A 7 15.41 11.57 16.53
N LYS A 8 15.38 10.69 15.54
CA LYS A 8 16.46 9.74 15.33
C LYS A 8 17.08 9.90 13.95
N PRO A 9 18.00 10.86 13.82
CA PRO A 9 18.69 11.14 12.56
C PRO A 9 19.65 10.03 12.16
N ALA A 10 19.68 8.96 12.96
CA ALA A 10 20.56 7.83 12.68
C ALA A 10 19.84 6.77 11.84
N ILE A 11 19.52 7.12 10.60
CA ILE A 11 18.83 6.20 9.70
C ILE A 11 19.54 6.12 8.35
N PRO A 12 19.36 5.00 7.65
CA PRO A 12 19.97 4.77 6.34
C PRO A 12 19.36 5.66 5.26
N SER A 13 20.07 6.73 4.92
CA SER A 13 19.60 7.66 3.91
C SER A 13 18.92 6.92 2.77
N SER A 14 18.01 7.61 2.08
CA SER A 14 17.27 7.01 0.97
C SER A 14 18.14 6.96 -0.29
N SER A 15 19.22 6.19 -0.22
CA SER A 15 20.14 6.06 -1.35
C SER A 15 20.17 4.62 -1.85
N VAL A 16 20.25 3.67 -0.91
CA VAL A 16 20.29 2.26 -1.26
C VAL A 16 18.92 1.61 -1.13
N LEU A 17 17.90 2.45 -0.98
CA LEU A 17 16.52 1.97 -0.84
C LEU A 17 15.83 1.92 -2.20
N PRO A 18 14.80 1.07 -2.30
CA PRO A 18 14.03 0.93 -3.54
C PRO A 18 13.17 2.16 -3.84
N SER A 19 13.11 2.53 -5.11
CA SER A 19 12.33 3.68 -5.54
C SER A 19 10.83 3.43 -5.36
N ALA A 20 10.10 4.47 -5.00
CA ALA A 20 8.66 4.37 -4.80
C ALA A 20 7.93 4.19 -6.14
N PRO A 21 6.88 3.36 -6.13
CA PRO A 21 6.08 3.09 -7.33
C PRO A 21 5.25 4.29 -7.76
N ARG A 22 4.61 4.18 -8.91
CA ARG A 22 3.78 5.26 -9.44
C ARG A 22 2.45 5.33 -8.70
N ASP A 23 1.65 6.34 -9.02
CA ASP A 23 0.34 6.51 -8.38
C ASP A 23 -0.45 5.21 -8.40
N VAL A 24 -0.66 4.64 -7.23
CA VAL A 24 -1.41 3.40 -7.10
C VAL A 24 -2.88 3.59 -7.47
N VAL A 25 -3.27 3.06 -8.63
CA VAL A 25 -4.64 3.17 -9.09
C VAL A 25 -5.42 1.88 -8.84
N PRO A 26 -6.68 2.03 -8.38
CA PRO A 26 -7.55 0.88 -8.10
C PRO A 26 -7.98 0.15 -9.37
N VAL A 27 -7.09 -0.69 -9.89
CA VAL A 27 -7.38 -1.45 -11.09
C VAL A 27 -8.59 -2.35 -10.90
N LEU A 28 -8.97 -2.57 -9.64
CA LEU A 28 -10.11 -3.41 -9.31
C LEU A 28 -10.54 -3.21 -7.86
N VAL A 29 -11.84 -3.38 -7.60
CA VAL A 29 -12.38 -3.23 -6.25
C VAL A 29 -13.52 -4.20 -6.00
N SER A 30 -13.56 -4.76 -4.80
CA SER A 30 -14.60 -5.70 -4.42
C SER A 30 -15.34 -5.24 -3.17
N SER A 31 -16.57 -5.72 -3.01
CA SER A 31 -17.39 -5.35 -1.86
C SER A 31 -16.79 -5.91 -0.57
N ARG A 32 -15.89 -6.89 -0.71
CA ARG A 32 -15.25 -7.52 0.43
C ARG A 32 -13.75 -7.27 0.42
N PHE A 33 -13.19 -7.14 -0.78
CA PHE A 33 -11.75 -6.90 -0.93
C PHE A 33 -11.50 -5.78 -1.93
N VAL A 34 -10.22 -5.46 -2.12
CA VAL A 34 -9.83 -4.40 -3.05
C VAL A 34 -8.41 -4.59 -3.56
N ARG A 35 -8.27 -4.69 -4.88
CA ARG A 35 -6.96 -4.89 -5.49
C ARG A 35 -6.37 -3.55 -5.95
N LEU A 36 -5.05 -3.45 -5.90
CA LEU A 36 -4.36 -2.23 -6.32
C LEU A 36 -3.17 -2.56 -7.21
N SER A 37 -3.01 -1.79 -8.29
CA SER A 37 -1.90 -2.00 -9.22
C SER A 37 -0.91 -0.84 -9.14
N TRP A 38 0.37 -1.18 -9.09
CA TRP A 38 1.42 -0.17 -9.02
C TRP A 38 2.62 -0.57 -9.88
N ARG A 39 3.49 0.39 -10.15
CA ARG A 39 4.67 0.14 -10.97
C ARG A 39 5.77 -0.53 -10.15
N PRO A 40 6.48 -1.48 -10.77
CA PRO A 40 7.57 -2.22 -10.11
C PRO A 40 8.79 -1.33 -9.86
N PRO A 41 9.49 -1.60 -8.74
CA PRO A 41 10.69 -0.84 -8.36
C PRO A 41 11.87 -1.12 -9.29
N ALA A 42 12.01 -0.30 -10.31
CA ALA A 42 13.10 -0.45 -11.27
C ALA A 42 14.44 -0.61 -10.56
N GLU A 43 14.67 0.23 -9.53
CA GLU A 43 15.90 0.17 -8.78
C GLU A 43 15.64 -0.22 -7.33
N ALA A 44 16.16 -1.38 -6.93
CA ALA A 44 15.97 -1.87 -5.57
C ALA A 44 17.31 -2.04 -4.87
N LYS A 45 18.40 -2.03 -5.64
CA LYS A 45 19.74 -2.17 -5.09
C LYS A 45 19.91 -3.53 -4.42
N GLY A 46 19.41 -4.57 -5.08
CA GLY A 46 19.52 -5.91 -4.53
C GLY A 46 18.33 -6.77 -4.88
N ASN A 47 17.56 -7.17 -3.87
CA ASN A 47 16.39 -8.01 -4.07
C ASN A 47 15.29 -7.67 -3.06
N ILE A 48 14.08 -7.50 -3.55
CA ILE A 48 12.93 -7.17 -2.68
C ILE A 48 12.18 -8.43 -2.28
N GLN A 49 11.83 -8.53 -1.00
CA GLN A 49 11.10 -9.68 -0.49
C GLN A 49 9.65 -9.64 -0.93
N THR A 50 9.01 -8.49 -0.74
CA THR A 50 7.61 -8.32 -1.12
C THR A 50 7.18 -6.86 -1.00
N PHE A 51 5.92 -6.59 -1.31
CA PHE A 51 5.39 -5.23 -1.25
C PHE A 51 4.45 -5.08 -0.06
N THR A 52 4.66 -4.01 0.71
CA THR A 52 3.83 -3.74 1.88
C THR A 52 2.67 -2.82 1.54
N VAL A 53 1.45 -3.28 1.83
CA VAL A 53 0.26 -2.50 1.56
C VAL A 53 -0.55 -2.26 2.83
N PHE A 54 -0.46 -1.04 3.36
CA PHE A 54 -1.18 -0.68 4.57
C PHE A 54 -2.62 -0.29 4.26
N PHE A 55 -3.46 -0.29 5.28
CA PHE A 55 -4.87 0.07 5.11
C PHE A 55 -5.52 0.35 6.47
N SER A 56 -6.24 1.47 6.55
CA SER A 56 -6.91 1.85 7.78
C SER A 56 -8.36 2.20 7.52
N ARG A 57 -9.13 2.35 8.59
CA ARG A 57 -10.55 2.69 8.47
C ARG A 57 -10.82 4.09 9.00
N GLU A 58 -11.42 4.93 8.17
CA GLU A 58 -11.72 6.30 8.55
C GLU A 58 -12.33 6.35 9.96
N GLY A 59 -11.47 6.58 10.96
CA GLY A 59 -11.93 6.64 12.33
C GLY A 59 -10.86 6.19 13.32
N ASP A 60 -10.14 5.14 12.95
CA ASP A 60 -9.08 4.61 13.81
C ASP A 60 -7.84 5.47 13.75
N ASN A 61 -6.88 5.18 14.62
CA ASN A 61 -5.63 5.94 14.66
C ASN A 61 -4.50 5.17 13.99
N ARG A 62 -4.55 3.84 14.11
CA ARG A 62 -3.53 2.98 13.51
C ARG A 62 -4.06 2.30 12.25
N GLU A 63 -3.16 1.65 11.53
CA GLU A 63 -3.54 0.96 10.30
C GLU A 63 -2.97 -0.46 10.27
N ARG A 64 -3.65 -1.36 9.56
CA ARG A 64 -3.21 -2.73 9.46
C ARG A 64 -2.04 -2.87 8.47
N ALA A 65 -1.43 -4.04 8.45
CA ALA A 65 -0.30 -4.30 7.55
C ALA A 65 -0.37 -5.71 6.98
N LEU A 66 -0.06 -5.82 5.69
CA LEU A 66 -0.10 -7.11 5.02
C LEU A 66 1.00 -7.20 3.96
N ASN A 67 1.86 -8.21 4.09
CA ASN A 67 2.96 -8.40 3.15
C ASN A 67 2.87 -9.78 2.48
N THR A 68 2.35 -9.79 1.26
CA THR A 68 2.20 -11.04 0.50
C THR A 68 1.85 -10.77 -0.94
N THR A 69 2.83 -10.93 -1.83
CA THR A 69 2.62 -10.71 -3.26
C THR A 69 3.29 -11.80 -4.09
N GLN A 70 2.49 -12.48 -4.89
CA GLN A 70 3.00 -13.56 -5.75
C GLN A 70 4.36 -13.18 -6.33
N PRO A 71 5.12 -14.20 -6.75
CA PRO A 71 6.46 -14.01 -7.32
C PRO A 71 6.41 -13.34 -8.70
N GLY A 72 6.32 -12.02 -8.71
CA GLY A 72 6.26 -11.28 -9.96
C GLY A 72 4.90 -10.67 -10.21
N SER A 73 4.24 -10.25 -9.13
CA SER A 73 2.92 -9.64 -9.25
C SER A 73 2.92 -8.22 -8.69
N LEU A 74 2.39 -7.29 -9.47
CA LEU A 74 2.34 -5.88 -9.05
C LEU A 74 0.97 -5.54 -8.47
N GLN A 75 0.03 -6.47 -8.60
CA GLN A 75 -1.32 -6.28 -8.09
C GLN A 75 -1.57 -7.15 -6.86
N LEU A 76 -2.04 -6.53 -5.78
CA LEU A 76 -2.33 -7.26 -4.55
C LEU A 76 -3.77 -7.03 -4.10
N THR A 77 -4.51 -8.12 -3.94
CA THR A 77 -5.90 -8.04 -3.52
C THR A 77 -6.01 -8.01 -1.99
N VAL A 78 -6.58 -6.93 -1.47
CA VAL A 78 -6.74 -6.78 -0.03
C VAL A 78 -8.16 -7.13 0.41
N GLY A 79 -8.30 -8.20 1.16
CA GLY A 79 -9.60 -8.63 1.63
C GLY A 79 -9.88 -8.21 3.06
N ASN A 80 -10.97 -8.70 3.62
CA ASN A 80 -11.35 -8.37 4.99
C ASN A 80 -11.76 -6.90 5.10
N LEU A 81 -12.63 -6.47 4.20
CA LEU A 81 -13.11 -5.09 4.19
C LEU A 81 -14.63 -5.04 4.13
N LYS A 82 -15.22 -4.22 4.99
CA LYS A 82 -16.68 -4.08 5.03
C LYS A 82 -17.16 -3.21 3.87
N PRO A 83 -18.31 -3.60 3.29
CA PRO A 83 -18.91 -2.86 2.17
C PRO A 83 -19.48 -1.52 2.59
N GLU A 84 -19.50 -0.57 1.67
CA GLU A 84 -20.01 0.77 1.94
C GLU A 84 -19.17 1.47 3.02
N ALA A 85 -17.85 1.49 2.80
CA ALA A 85 -16.94 2.12 3.74
C ALA A 85 -15.65 2.55 3.04
N MET A 86 -15.30 3.82 3.20
CA MET A 86 -14.09 4.36 2.59
C MET A 86 -12.85 3.84 3.31
N TYR A 87 -11.81 3.54 2.55
CA TYR A 87 -10.56 3.03 3.11
C TYR A 87 -9.36 3.58 2.35
N THR A 88 -8.29 3.88 3.07
CA THR A 88 -7.07 4.40 2.46
C THR A 88 -6.01 3.32 2.32
N PHE A 89 -5.47 3.18 1.11
CA PHE A 89 -4.44 2.18 0.84
C PHE A 89 -3.16 2.83 0.35
N ARG A 90 -2.02 2.20 0.62
CA ARG A 90 -0.73 2.71 0.20
C ARG A 90 0.25 1.57 -0.06
N VAL A 91 1.07 1.72 -1.10
CA VAL A 91 2.05 0.71 -1.45
C VAL A 91 3.45 1.11 -0.99
N VAL A 92 4.26 0.13 -0.64
CA VAL A 92 5.62 0.37 -0.17
C VAL A 92 6.54 -0.79 -0.50
N ALA A 93 7.77 -0.48 -0.87
CA ALA A 93 8.76 -1.51 -1.21
C ALA A 93 9.66 -1.82 -0.03
N TYR A 94 9.76 -3.09 0.32
CA TYR A 94 10.60 -3.52 1.44
C TYR A 94 11.70 -4.46 0.96
N ASN A 95 12.93 -3.95 0.95
CA ASN A 95 14.08 -4.74 0.52
C ASN A 95 14.97 -5.11 1.71
N GLU A 96 16.07 -5.80 1.42
CA GLU A 96 17.00 -6.21 2.47
C GLU A 96 17.18 -5.10 3.50
N TRP A 97 17.66 -3.95 3.05
CA TRP A 97 17.89 -2.82 3.93
C TRP A 97 16.64 -2.50 4.75
N GLY A 98 15.57 -2.11 4.06
CA GLY A 98 14.33 -1.78 4.73
C GLY A 98 13.36 -1.04 3.84
N PRO A 99 12.41 -0.32 4.46
CA PRO A 99 11.40 0.45 3.74
C PRO A 99 11.98 1.66 3.03
N GLY A 100 11.90 1.67 1.71
CA GLY A 100 12.42 2.79 0.94
C GLY A 100 11.45 3.94 0.84
N GLU A 101 11.27 4.46 -0.38
CA GLU A 101 10.36 5.58 -0.60
C GLU A 101 8.92 5.11 -0.59
N SER A 102 8.10 5.76 0.24
CA SER A 102 6.69 5.40 0.36
C SER A 102 5.87 6.02 -0.78
N SER A 103 4.85 5.30 -1.22
CA SER A 103 3.99 5.77 -2.30
C SER A 103 2.86 6.64 -1.77
N GLN A 104 2.21 7.37 -2.66
CA GLN A 104 1.11 8.24 -2.28
C GLN A 104 -0.12 7.44 -1.90
N PRO A 105 -0.65 7.69 -0.69
CA PRO A 105 -1.84 7.00 -0.19
C PRO A 105 -3.10 7.39 -0.93
N ILE A 106 -3.84 6.40 -1.42
CA ILE A 106 -5.08 6.65 -2.15
C ILE A 106 -6.30 6.33 -1.30
N LYS A 107 -7.48 6.49 -1.87
CA LYS A 107 -8.73 6.22 -1.16
C LYS A 107 -9.73 5.53 -2.08
N VAL A 108 -10.12 4.32 -1.73
CA VAL A 108 -11.08 3.55 -2.51
C VAL A 108 -12.26 3.11 -1.66
N ALA A 109 -13.48 3.44 -2.12
CA ALA A 109 -14.69 3.07 -1.40
C ALA A 109 -15.27 1.77 -1.94
N THR A 110 -15.39 0.78 -1.06
CA THR A 110 -15.93 -0.52 -1.45
C THR A 110 -17.24 -0.37 -2.20
N GLN A 111 -17.67 -1.44 -2.86
CA GLN A 111 -18.93 -1.42 -3.61
C GLN A 111 -20.10 -1.86 -2.75
N PRO A 112 -21.26 -1.22 -2.95
CA PRO A 112 -22.48 -1.53 -2.20
C PRO A 112 -23.04 -2.90 -2.56
N GLU A 113 -22.87 -3.87 -1.65
CA GLU A 113 -23.36 -5.22 -1.88
C GLU A 113 -24.87 -5.28 -1.69
N SER A 114 -25.55 -5.96 -2.61
CA SER A 114 -27.01 -6.09 -2.56
C SER A 114 -27.50 -7.06 -3.62
N GLY A 115 -28.81 -7.32 -3.60
CA GLY A 115 -29.39 -8.24 -4.57
C GLY A 115 -29.41 -7.66 -5.98
N PRO A 116 -30.47 -6.91 -6.29
CA PRO A 116 -30.63 -6.28 -7.61
C PRO A 116 -29.63 -5.15 -7.84
N SER A 117 -29.29 -4.91 -9.11
CA SER A 117 -28.34 -3.86 -9.46
C SER A 117 -28.79 -3.12 -10.71
N SER A 118 -28.29 -1.91 -10.89
CA SER A 118 -28.64 -1.09 -12.04
C SER A 118 -27.53 -0.10 -12.38
N GLY A 119 -27.70 0.63 -13.47
CA GLY A 119 -26.70 1.60 -13.88
C GLY A 119 -25.28 1.12 -13.62
N GLY A 1 5.41 17.81 5.35
CA GLY A 1 6.75 18.36 5.19
C GLY A 1 7.59 18.23 6.44
N SER A 2 8.31 19.29 6.78
CA SER A 2 9.16 19.29 7.96
C SER A 2 8.44 19.88 9.17
N SER A 3 7.17 19.48 9.34
CA SER A 3 6.36 19.98 10.45
C SER A 3 6.53 19.09 11.67
N GLY A 4 7.60 19.31 12.42
CA GLY A 4 7.86 18.53 13.61
C GLY A 4 8.38 17.14 13.29
N SER A 5 9.59 16.84 13.77
CA SER A 5 10.20 15.54 13.52
C SER A 5 11.47 15.38 14.36
N SER A 6 11.46 14.39 15.25
CA SER A 6 12.60 14.12 16.11
C SER A 6 12.67 12.64 16.47
N GLY A 7 13.89 12.12 16.55
CA GLY A 7 14.08 10.72 16.89
C GLY A 7 13.99 9.81 15.67
N LYS A 8 15.13 9.26 15.26
CA LYS A 8 15.17 8.37 14.11
C LYS A 8 16.36 7.42 14.19
N PRO A 9 16.20 6.21 13.64
CA PRO A 9 17.26 5.20 13.63
C PRO A 9 18.42 5.57 12.71
N ALA A 10 19.39 4.67 12.60
CA ALA A 10 20.55 4.91 11.76
C ALA A 10 20.16 4.98 10.29
N ILE A 11 20.10 6.20 9.75
CA ILE A 11 19.72 6.40 8.36
C ILE A 11 20.94 6.22 7.45
N PRO A 12 20.71 5.60 6.28
CA PRO A 12 21.76 5.36 5.29
C PRO A 12 22.25 6.64 4.62
N SER A 13 23.47 7.04 4.95
CA SER A 13 24.06 8.25 4.38
C SER A 13 23.62 8.45 2.94
N SER A 14 24.04 7.53 2.07
CA SER A 14 23.69 7.60 0.66
C SER A 14 22.34 6.94 0.39
N SER A 15 21.66 7.39 -0.67
CA SER A 15 20.36 6.85 -1.02
C SER A 15 20.49 5.44 -1.61
N VAL A 16 20.14 4.45 -0.81
CA VAL A 16 20.23 3.06 -1.26
C VAL A 16 18.85 2.40 -1.30
N LEU A 17 17.89 3.03 -0.62
CA LEU A 17 16.53 2.51 -0.57
C LEU A 17 15.87 2.59 -1.95
N PRO A 18 14.88 1.72 -2.18
CA PRO A 18 14.15 1.67 -3.46
C PRO A 18 13.26 2.89 -3.65
N SER A 19 13.15 3.34 -4.91
CA SER A 19 12.32 4.49 -5.23
C SER A 19 10.84 4.14 -5.19
N ALA A 20 10.02 5.11 -4.79
CA ALA A 20 8.58 4.90 -4.72
C ALA A 20 8.00 4.48 -6.07
N PRO A 21 7.03 3.56 -6.04
CA PRO A 21 6.38 3.07 -7.26
C PRO A 21 5.50 4.13 -7.93
N ARG A 22 4.73 3.71 -8.92
CA ARG A 22 3.84 4.62 -9.63
C ARG A 22 2.51 4.76 -8.91
N ASP A 23 1.91 5.94 -9.01
CA ASP A 23 0.64 6.22 -8.37
C ASP A 23 -0.25 4.96 -8.38
N VAL A 24 -0.43 4.36 -7.21
CA VAL A 24 -1.25 3.16 -7.09
C VAL A 24 -2.71 3.48 -7.38
N VAL A 25 -3.29 2.75 -8.33
CA VAL A 25 -4.69 2.94 -8.70
C VAL A 25 -5.48 1.65 -8.53
N PRO A 26 -6.73 1.79 -8.06
CA PRO A 26 -7.63 0.64 -7.84
C PRO A 26 -8.09 0.00 -9.14
N VAL A 27 -7.24 -0.85 -9.71
CA VAL A 27 -7.55 -1.53 -10.96
C VAL A 27 -8.86 -2.29 -10.86
N LEU A 28 -9.23 -2.68 -9.63
CA LEU A 28 -10.46 -3.41 -9.39
C LEU A 28 -10.92 -3.25 -7.95
N VAL A 29 -12.09 -2.64 -7.78
CA VAL A 29 -12.65 -2.42 -6.44
C VAL A 29 -13.89 -3.30 -6.21
N SER A 30 -13.81 -4.15 -5.18
CA SER A 30 -14.91 -5.05 -4.86
C SER A 30 -15.64 -4.57 -3.61
N SER A 31 -16.60 -5.37 -3.15
CA SER A 31 -17.38 -5.03 -1.96
C SER A 31 -16.74 -5.61 -0.71
N ARG A 32 -15.92 -6.64 -0.89
CA ARG A 32 -15.23 -7.28 0.22
C ARG A 32 -13.73 -7.10 0.12
N PHE A 33 -13.21 -7.09 -1.11
CA PHE A 33 -11.79 -6.92 -1.34
C PHE A 33 -11.52 -5.76 -2.29
N VAL A 34 -10.24 -5.49 -2.55
CA VAL A 34 -9.85 -4.41 -3.44
C VAL A 34 -8.46 -4.65 -4.02
N ARG A 35 -8.42 -4.87 -5.33
CA ARG A 35 -7.15 -5.11 -6.02
C ARG A 35 -6.50 -3.79 -6.44
N LEU A 36 -5.17 -3.78 -6.44
CA LEU A 36 -4.42 -2.59 -6.82
C LEU A 36 -3.16 -2.96 -7.60
N SER A 37 -2.92 -2.24 -8.70
CA SER A 37 -1.75 -2.49 -9.53
C SER A 37 -0.85 -1.26 -9.61
N TRP A 38 0.41 -1.42 -9.23
CA TRP A 38 1.36 -0.32 -9.26
C TRP A 38 2.60 -0.70 -10.08
N ARG A 39 3.41 0.31 -10.39
CA ARG A 39 4.62 0.09 -11.17
C ARG A 39 5.78 -0.33 -10.27
N PRO A 40 6.56 -1.33 -10.71
CA PRO A 40 7.70 -1.84 -9.95
C PRO A 40 8.85 -0.84 -9.91
N PRO A 41 9.69 -0.94 -8.87
CA PRO A 41 10.85 -0.05 -8.68
C PRO A 41 11.95 -0.32 -9.70
N ALA A 42 12.01 0.51 -10.74
CA ALA A 42 13.01 0.37 -11.77
C ALA A 42 14.38 0.01 -11.17
N GLU A 43 14.57 0.37 -9.91
CA GLU A 43 15.83 0.09 -9.23
C GLU A 43 15.61 -0.08 -7.73
N ALA A 44 15.86 -1.30 -7.24
CA ALA A 44 15.69 -1.60 -5.83
C ALA A 44 17.04 -1.77 -5.14
N LYS A 45 18.11 -1.45 -5.85
CA LYS A 45 19.45 -1.58 -5.30
C LYS A 45 19.76 -3.04 -4.94
N GLY A 46 19.12 -3.96 -5.63
CA GLY A 46 19.34 -5.37 -5.37
C GLY A 46 18.11 -6.21 -5.66
N ASN A 47 17.48 -6.71 -4.59
CA ASN A 47 16.29 -7.54 -4.73
C ASN A 47 15.29 -7.24 -3.61
N ILE A 48 14.01 -7.24 -3.95
CA ILE A 48 12.96 -6.98 -2.97
C ILE A 48 12.26 -8.26 -2.56
N GLN A 49 11.96 -8.39 -1.27
CA GLN A 49 11.29 -9.56 -0.75
C GLN A 49 9.82 -9.58 -1.15
N THR A 50 9.09 -8.54 -0.75
CA THR A 50 7.67 -8.43 -1.07
C THR A 50 7.20 -6.99 -0.99
N PHE A 51 5.91 -6.78 -1.24
CA PHE A 51 5.34 -5.43 -1.20
C PHE A 51 4.37 -5.29 -0.03
N THR A 52 4.69 -4.36 0.87
CA THR A 52 3.86 -4.12 2.04
C THR A 52 2.75 -3.12 1.73
N VAL A 53 1.53 -3.45 2.13
CA VAL A 53 0.39 -2.57 1.89
C VAL A 53 -0.30 -2.20 3.21
N PHE A 54 -0.43 -0.91 3.45
CA PHE A 54 -1.07 -0.42 4.67
C PHE A 54 -2.45 0.15 4.38
N PHE A 55 -3.42 -0.18 5.23
CA PHE A 55 -4.78 0.29 5.06
C PHE A 55 -5.44 0.57 6.40
N SER A 56 -6.51 1.37 6.39
CA SER A 56 -7.22 1.72 7.61
C SER A 56 -8.67 2.04 7.31
N ARG A 57 -9.52 1.95 8.34
CA ARG A 57 -10.94 2.24 8.18
C ARG A 57 -11.23 3.72 8.37
N GLU A 58 -12.21 4.23 7.64
CA GLU A 58 -12.57 5.64 7.72
C GLU A 58 -12.73 6.07 9.17
N GLY A 59 -11.77 6.86 9.65
CA GLY A 59 -11.81 7.34 11.02
C GLY A 59 -11.14 6.39 11.99
N ASP A 60 -9.88 6.08 11.73
CA ASP A 60 -9.12 5.17 12.58
C ASP A 60 -7.76 5.78 12.94
N ASN A 61 -7.09 5.18 13.93
CA ASN A 61 -5.79 5.65 14.36
C ASN A 61 -4.69 4.64 13.99
N ARG A 62 -5.01 3.37 14.14
CA ARG A 62 -4.05 2.30 13.82
C ARG A 62 -4.28 1.77 12.41
N GLU A 63 -3.22 1.79 11.61
CA GLU A 63 -3.31 1.31 10.24
C GLU A 63 -2.80 -0.12 10.12
N ARG A 64 -3.58 -0.98 9.47
CA ARG A 64 -3.20 -2.38 9.30
C ARG A 64 -2.00 -2.51 8.37
N ALA A 65 -1.40 -3.69 8.36
CA ALA A 65 -0.23 -3.95 7.51
C ALA A 65 -0.25 -5.37 6.97
N LEU A 66 -0.33 -5.51 5.65
CA LEU A 66 -0.35 -6.81 5.01
C LEU A 66 0.71 -6.90 3.91
N ASN A 67 1.71 -7.76 4.13
CA ASN A 67 2.78 -7.94 3.16
C ASN A 67 2.81 -9.37 2.64
N THR A 68 2.35 -9.56 1.41
CA THR A 68 2.33 -10.88 0.79
C THR A 68 1.90 -10.80 -0.66
N THR A 69 2.82 -11.13 -1.57
CA THR A 69 2.53 -11.10 -3.00
C THR A 69 3.35 -12.15 -3.74
N GLN A 70 2.83 -12.58 -4.90
CA GLN A 70 3.51 -13.59 -5.71
C GLN A 70 4.74 -13.00 -6.37
N PRO A 71 5.82 -13.81 -6.45
CA PRO A 71 7.08 -13.39 -7.06
C PRO A 71 6.97 -13.24 -8.57
N GLY A 72 6.62 -12.04 -9.01
CA GLY A 72 6.49 -11.78 -10.44
C GLY A 72 5.26 -10.96 -10.76
N SER A 73 4.53 -10.55 -9.73
CA SER A 73 3.32 -9.76 -9.92
C SER A 73 3.24 -8.64 -8.86
N LEU A 74 2.98 -7.43 -9.32
CA LEU A 74 2.87 -6.28 -8.42
C LEU A 74 1.40 -5.99 -8.08
N GLN A 75 0.55 -6.99 -8.28
CA GLN A 75 -0.87 -6.84 -8.00
C GLN A 75 -1.27 -7.62 -6.75
N LEU A 76 -1.95 -6.95 -5.82
CA LEU A 76 -2.38 -7.58 -4.57
C LEU A 76 -3.83 -7.22 -4.27
N THR A 77 -4.60 -8.22 -3.85
CA THR A 77 -6.01 -8.02 -3.52
C THR A 77 -6.23 -8.08 -2.01
N VAL A 78 -6.53 -6.93 -1.42
CA VAL A 78 -6.77 -6.85 0.02
C VAL A 78 -8.22 -7.17 0.35
N GLY A 79 -8.41 -8.19 1.19
CA GLY A 79 -9.75 -8.59 1.58
C GLY A 79 -10.08 -8.20 3.00
N ASN A 80 -11.21 -8.71 3.50
CA ASN A 80 -11.63 -8.41 4.86
C ASN A 80 -12.01 -6.94 5.01
N LEU A 81 -12.79 -6.44 4.06
CA LEU A 81 -13.22 -5.05 4.07
C LEU A 81 -14.73 -4.94 4.20
N LYS A 82 -15.22 -3.76 4.55
CA LYS A 82 -16.65 -3.52 4.71
C LYS A 82 -17.19 -2.71 3.55
N PRO A 83 -18.34 -3.14 3.00
CA PRO A 83 -18.99 -2.45 1.88
C PRO A 83 -19.58 -1.10 2.28
N GLU A 84 -19.74 -0.22 1.31
CA GLU A 84 -20.30 1.11 1.56
C GLU A 84 -19.48 1.85 2.63
N ALA A 85 -18.16 1.81 2.47
CA ALA A 85 -17.27 2.48 3.41
C ALA A 85 -16.00 2.96 2.72
N MET A 86 -15.29 3.88 3.36
CA MET A 86 -14.05 4.42 2.80
C MET A 86 -12.83 3.77 3.45
N TYR A 87 -11.86 3.41 2.62
CA TYR A 87 -10.64 2.77 3.10
C TYR A 87 -9.42 3.31 2.37
N THR A 88 -8.34 3.52 3.11
CA THR A 88 -7.10 4.05 2.54
C THR A 88 -6.13 2.91 2.22
N PHE A 89 -5.30 3.12 1.21
CA PHE A 89 -4.33 2.11 0.80
C PHE A 89 -3.03 2.77 0.33
N ARG A 90 -1.90 2.20 0.73
CA ARG A 90 -0.60 2.72 0.36
C ARG A 90 0.40 1.60 0.12
N VAL A 91 1.13 1.68 -0.99
CA VAL A 91 2.13 0.66 -1.33
C VAL A 91 3.51 1.08 -0.88
N VAL A 92 4.28 0.12 -0.36
CA VAL A 92 5.63 0.39 0.11
C VAL A 92 6.59 -0.71 -0.33
N ALA A 93 7.84 -0.33 -0.59
CA ALA A 93 8.86 -1.28 -1.02
C ALA A 93 9.76 -1.67 0.14
N TYR A 94 9.90 -2.98 0.36
CA TYR A 94 10.74 -3.48 1.44
C TYR A 94 11.84 -4.39 0.90
N ASN A 95 13.07 -3.89 0.91
CA ASN A 95 14.21 -4.65 0.42
C ASN A 95 15.16 -5.02 1.57
N GLU A 96 16.19 -5.78 1.25
CA GLU A 96 17.16 -6.20 2.26
C GLU A 96 17.42 -5.09 3.27
N TRP A 97 17.65 -3.88 2.76
CA TRP A 97 17.91 -2.73 3.63
C TRP A 97 16.71 -2.46 4.55
N GLY A 98 15.57 -2.17 3.95
CA GLY A 98 14.37 -1.90 4.72
C GLY A 98 13.34 -1.10 3.94
N PRO A 99 12.44 -0.43 4.66
CA PRO A 99 11.38 0.38 4.06
C PRO A 99 11.93 1.63 3.38
N GLY A 100 11.83 1.68 2.06
CA GLY A 100 12.32 2.84 1.33
C GLY A 100 11.28 3.92 1.18
N GLU A 101 11.25 4.56 0.01
CA GLU A 101 10.28 5.63 -0.25
C GLU A 101 8.88 5.06 -0.37
N SER A 102 7.95 5.63 0.40
CA SER A 102 6.56 5.19 0.40
C SER A 102 5.77 5.93 -0.67
N SER A 103 4.79 5.25 -1.26
CA SER A 103 3.95 5.84 -2.29
C SER A 103 2.85 6.69 -1.67
N GLN A 104 2.26 7.56 -2.47
CA GLN A 104 1.19 8.44 -2.01
C GLN A 104 -0.04 7.63 -1.61
N PRO A 105 -0.59 7.93 -0.43
CA PRO A 105 -1.78 7.25 0.08
C PRO A 105 -3.04 7.60 -0.70
N ILE A 106 -3.74 6.58 -1.18
CA ILE A 106 -4.96 6.77 -1.94
C ILE A 106 -6.19 6.37 -1.14
N LYS A 107 -7.34 6.94 -1.50
CA LYS A 107 -8.59 6.64 -0.80
C LYS A 107 -9.56 5.93 -1.73
N VAL A 108 -9.96 4.72 -1.37
CA VAL A 108 -10.89 3.94 -2.17
C VAL A 108 -12.11 3.52 -1.35
N ALA A 109 -13.27 3.55 -1.98
CA ALA A 109 -14.51 3.18 -1.31
C ALA A 109 -15.11 1.91 -1.92
N THR A 110 -15.31 0.89 -1.09
CA THR A 110 -15.88 -0.36 -1.54
C THR A 110 -17.15 -0.14 -2.35
N GLN A 111 -17.74 -1.23 -2.85
CA GLN A 111 -18.97 -1.14 -3.64
C GLN A 111 -20.19 -1.38 -2.77
N PRO A 112 -21.33 -0.80 -3.17
CA PRO A 112 -22.59 -0.94 -2.44
C PRO A 112 -23.16 -2.34 -2.53
N GLU A 113 -22.84 -3.18 -1.54
CA GLU A 113 -23.32 -4.55 -1.51
C GLU A 113 -24.84 -4.59 -1.64
N SER A 114 -25.53 -3.76 -0.86
CA SER A 114 -26.98 -3.70 -0.89
C SER A 114 -27.47 -2.95 -2.12
N GLY A 115 -26.94 -3.31 -3.29
CA GLY A 115 -27.33 -2.66 -4.52
C GLY A 115 -27.81 -3.64 -5.56
N PRO A 116 -28.21 -3.12 -6.73
CA PRO A 116 -28.71 -3.95 -7.84
C PRO A 116 -27.61 -4.77 -8.47
N SER A 117 -27.46 -6.01 -8.01
CA SER A 117 -26.44 -6.91 -8.54
C SER A 117 -26.71 -7.26 -9.99
N SER A 118 -26.00 -6.60 -10.90
CA SER A 118 -26.16 -6.83 -12.33
C SER A 118 -24.81 -7.00 -13.02
N GLY A 119 -24.39 -8.26 -13.16
CA GLY A 119 -23.12 -8.53 -13.82
C GLY A 119 -23.25 -8.74 -15.31
N GLY A 1 0.14 14.48 6.36
CA GLY A 1 1.58 14.65 6.42
C GLY A 1 2.13 14.31 7.79
N SER A 2 2.83 13.19 7.88
CA SER A 2 3.41 12.74 9.15
C SER A 2 4.94 12.76 9.07
N SER A 3 5.52 13.95 9.21
CA SER A 3 6.96 14.10 9.17
C SER A 3 7.45 15.02 10.28
N GLY A 4 8.77 15.15 10.41
CA GLY A 4 9.34 15.99 11.43
C GLY A 4 10.54 15.34 12.11
N SER A 5 11.60 16.12 12.31
CA SER A 5 12.81 15.63 12.94
C SER A 5 13.81 16.77 13.18
N SER A 6 14.69 16.56 14.15
CA SER A 6 15.69 17.57 14.49
C SER A 6 16.98 17.34 13.69
N GLY A 7 17.73 18.42 13.48
CA GLY A 7 18.97 18.32 12.74
C GLY A 7 18.91 17.28 11.63
N LYS A 8 19.98 16.51 11.48
CA LYS A 8 20.04 15.48 10.45
C LYS A 8 20.45 14.13 11.06
N PRO A 9 19.59 13.12 10.88
CA PRO A 9 19.85 11.77 11.39
C PRO A 9 20.98 11.07 10.65
N ALA A 10 21.12 9.77 10.87
CA ALA A 10 22.16 8.99 10.23
C ALA A 10 21.57 7.99 9.24
N ILE A 11 20.48 8.39 8.58
CA ILE A 11 19.81 7.53 7.61
C ILE A 11 20.56 7.51 6.29
N PRO A 12 20.57 6.35 5.61
CA PRO A 12 21.24 6.17 4.33
C PRO A 12 20.54 6.92 3.20
N SER A 13 21.33 7.42 2.25
CA SER A 13 20.79 8.17 1.12
C SER A 13 19.57 7.45 0.54
N SER A 14 18.76 8.20 -0.21
CA SER A 14 17.57 7.63 -0.83
C SER A 14 17.89 7.04 -2.20
N SER A 15 19.16 6.66 -2.39
CA SER A 15 19.60 6.09 -3.65
C SER A 15 19.71 4.58 -3.55
N VAL A 16 20.15 4.10 -2.38
CA VAL A 16 20.31 2.68 -2.15
C VAL A 16 18.96 2.01 -1.88
N LEU A 17 17.95 2.82 -1.63
CA LEU A 17 16.60 2.31 -1.35
C LEU A 17 15.76 2.29 -2.63
N PRO A 18 14.78 1.38 -2.67
CA PRO A 18 13.88 1.25 -3.82
C PRO A 18 12.93 2.43 -3.97
N SER A 19 12.90 3.02 -5.16
CA SER A 19 12.04 4.16 -5.43
C SER A 19 10.57 3.79 -5.25
N ALA A 20 9.74 4.79 -4.95
CA ALA A 20 8.32 4.58 -4.76
C ALA A 20 7.63 4.22 -6.07
N PRO A 21 6.72 3.24 -6.02
CA PRO A 21 5.97 2.78 -7.19
C PRO A 21 4.98 3.83 -7.69
N ARG A 22 4.67 3.76 -8.98
CA ARG A 22 3.73 4.71 -9.58
C ARG A 22 2.48 4.87 -8.71
N ASP A 23 1.81 6.01 -8.85
CA ASP A 23 0.61 6.29 -8.07
C ASP A 23 -0.34 5.10 -8.11
N VAL A 24 -0.27 4.26 -7.08
CA VAL A 24 -1.13 3.08 -6.99
C VAL A 24 -2.58 3.44 -7.29
N VAL A 25 -3.18 2.72 -8.23
CA VAL A 25 -4.57 2.95 -8.61
C VAL A 25 -5.41 1.69 -8.46
N PRO A 26 -6.67 1.86 -8.04
CA PRO A 26 -7.60 0.74 -7.85
C PRO A 26 -8.01 0.10 -9.17
N VAL A 27 -7.18 -0.80 -9.67
CA VAL A 27 -7.47 -1.49 -10.93
C VAL A 27 -8.81 -2.22 -10.86
N LEU A 28 -9.20 -2.61 -9.67
CA LEU A 28 -10.46 -3.33 -9.46
C LEU A 28 -10.93 -3.21 -8.01
N VAL A 29 -12.07 -2.55 -7.82
CA VAL A 29 -12.62 -2.37 -6.48
C VAL A 29 -13.89 -3.19 -6.30
N SER A 30 -13.97 -3.90 -5.17
CA SER A 30 -15.13 -4.73 -4.88
C SER A 30 -15.71 -4.40 -3.51
N SER A 31 -16.75 -5.12 -3.12
CA SER A 31 -17.41 -4.90 -1.84
C SER A 31 -16.75 -5.73 -0.75
N ARG A 32 -16.00 -6.75 -1.15
CA ARG A 32 -15.33 -7.63 -0.20
C ARG A 32 -13.82 -7.44 -0.27
N PHE A 33 -13.29 -7.30 -1.48
CA PHE A 33 -11.86 -7.10 -1.69
C PHE A 33 -11.59 -5.91 -2.60
N VAL A 34 -10.31 -5.62 -2.84
CA VAL A 34 -9.93 -4.51 -3.69
C VAL A 34 -8.53 -4.72 -4.26
N ARG A 35 -8.47 -5.03 -5.56
CA ARG A 35 -7.20 -5.26 -6.23
C ARG A 35 -6.55 -3.95 -6.61
N LEU A 36 -5.22 -3.89 -6.52
CA LEU A 36 -4.48 -2.68 -6.86
C LEU A 36 -3.17 -3.03 -7.58
N SER A 37 -2.87 -2.30 -8.64
CA SER A 37 -1.66 -2.52 -9.41
C SER A 37 -0.83 -1.25 -9.52
N TRP A 38 0.47 -1.37 -9.26
CA TRP A 38 1.37 -0.23 -9.33
C TRP A 38 2.61 -0.56 -10.15
N ARG A 39 3.41 0.46 -10.44
CA ARG A 39 4.63 0.27 -11.23
C ARG A 39 5.74 -0.31 -10.36
N PRO A 40 6.41 -1.35 -10.88
CA PRO A 40 7.51 -2.02 -10.18
C PRO A 40 8.75 -1.15 -10.07
N PRO A 41 9.49 -1.30 -8.97
CA PRO A 41 10.72 -0.53 -8.72
C PRO A 41 11.85 -0.94 -9.65
N ALA A 42 12.74 0.01 -9.95
CA ALA A 42 13.87 -0.25 -10.83
C ALA A 42 15.19 -0.19 -10.06
N GLU A 43 15.20 0.58 -8.98
CA GLU A 43 16.40 0.72 -8.16
C GLU A 43 16.28 -0.09 -6.87
N ALA A 44 15.94 -1.37 -7.00
CA ALA A 44 15.80 -2.24 -5.85
C ALA A 44 17.11 -2.41 -5.11
N LYS A 45 18.21 -2.03 -5.76
CA LYS A 45 19.53 -2.13 -5.16
C LYS A 45 19.69 -3.44 -4.39
N GLY A 46 19.32 -4.55 -5.03
CA GLY A 46 19.42 -5.85 -4.38
C GLY A 46 18.25 -6.74 -4.72
N ASN A 47 17.61 -7.29 -3.68
CA ASN A 47 16.47 -8.18 -3.87
C ASN A 47 15.28 -7.73 -3.02
N ILE A 48 14.12 -7.62 -3.64
CA ILE A 48 12.91 -7.20 -2.94
C ILE A 48 12.17 -8.40 -2.37
N GLN A 49 12.02 -8.43 -1.05
CA GLN A 49 11.32 -9.53 -0.38
C GLN A 49 9.86 -9.56 -0.79
N THR A 50 9.16 -8.44 -0.61
CA THR A 50 7.76 -8.35 -0.96
C THR A 50 7.27 -6.90 -0.91
N PHE A 51 5.99 -6.70 -1.25
CA PHE A 51 5.41 -5.36 -1.24
C PHE A 51 4.43 -5.20 -0.08
N THR A 52 4.72 -4.26 0.80
CA THR A 52 3.87 -4.02 1.96
C THR A 52 2.75 -3.03 1.62
N VAL A 53 1.53 -3.36 2.03
CA VAL A 53 0.39 -2.50 1.77
C VAL A 53 -0.44 -2.29 3.03
N PHE A 54 -0.62 -1.03 3.42
CA PHE A 54 -1.39 -0.70 4.60
C PHE A 54 -2.80 -0.26 4.24
N PHE A 55 -3.75 -0.50 5.13
CA PHE A 55 -5.15 -0.12 4.90
C PHE A 55 -5.86 0.17 6.21
N SER A 56 -6.35 1.39 6.35
CA SER A 56 -7.06 1.80 7.56
C SER A 56 -8.46 2.30 7.23
N ARG A 57 -9.31 2.39 8.25
CA ARG A 57 -10.68 2.86 8.07
C ARG A 57 -10.79 4.35 8.38
N GLU A 58 -11.75 5.01 7.75
CA GLU A 58 -11.96 6.44 7.96
C GLU A 58 -12.12 6.75 9.44
N GLY A 59 -11.13 7.44 10.01
CA GLY A 59 -11.18 7.79 11.40
C GLY A 59 -10.97 6.59 12.31
N ASP A 60 -9.82 5.95 12.19
CA ASP A 60 -9.50 4.78 13.00
C ASP A 60 -8.29 5.05 13.89
N ASN A 61 -8.11 4.22 14.91
CA ASN A 61 -7.00 4.37 15.84
C ASN A 61 -5.66 4.16 15.12
N ARG A 62 -5.52 3.01 14.48
CA ARG A 62 -4.30 2.68 13.76
C ARG A 62 -4.62 2.01 12.43
N GLU A 63 -3.58 1.80 11.62
CA GLU A 63 -3.75 1.16 10.31
C GLU A 63 -3.20 -0.26 10.33
N ARG A 64 -3.79 -1.12 9.51
CA ARG A 64 -3.37 -2.51 9.43
C ARG A 64 -2.20 -2.66 8.44
N ALA A 65 -1.58 -3.84 8.44
CA ALA A 65 -0.46 -4.11 7.56
C ALA A 65 -0.57 -5.50 6.94
N LEU A 66 -0.16 -5.62 5.69
CA LEU A 66 -0.22 -6.90 4.98
C LEU A 66 0.83 -6.95 3.87
N ASN A 67 1.86 -7.77 4.08
CA ASN A 67 2.94 -7.91 3.10
C ASN A 67 3.04 -9.36 2.63
N THR A 68 2.51 -9.62 1.44
CA THR A 68 2.55 -10.96 0.86
C THR A 68 2.18 -10.94 -0.61
N THR A 69 3.17 -11.09 -1.48
CA THR A 69 2.95 -11.10 -2.92
C THR A 69 3.82 -12.14 -3.60
N GLN A 70 3.18 -12.99 -4.41
CA GLN A 70 3.89 -14.04 -5.13
C GLN A 70 5.24 -13.54 -5.62
N PRO A 71 6.16 -14.49 -5.89
CA PRO A 71 7.50 -14.17 -6.38
C PRO A 71 7.50 -13.63 -7.79
N GLY A 72 7.20 -12.33 -7.94
CA GLY A 72 7.17 -11.71 -9.25
C GLY A 72 5.85 -11.03 -9.53
N SER A 73 5.11 -10.72 -8.47
CA SER A 73 3.81 -10.06 -8.61
C SER A 73 3.85 -8.66 -8.02
N LEU A 74 3.10 -7.74 -8.63
CA LEU A 74 3.05 -6.36 -8.17
C LEU A 74 1.62 -5.96 -7.81
N GLN A 75 0.70 -6.91 -7.94
CA GLN A 75 -0.71 -6.66 -7.64
C GLN A 75 -1.12 -7.37 -6.35
N LEU A 76 -1.72 -6.63 -5.43
CA LEU A 76 -2.18 -7.19 -4.16
C LEU A 76 -3.66 -6.93 -3.94
N THR A 77 -4.43 -8.00 -3.82
CA THR A 77 -5.87 -7.88 -3.60
C THR A 77 -6.22 -8.07 -2.13
N VAL A 78 -6.53 -6.98 -1.45
CA VAL A 78 -6.88 -7.02 -0.04
C VAL A 78 -8.36 -7.37 0.14
N GLY A 79 -8.61 -8.49 0.81
CA GLY A 79 -9.98 -8.92 1.04
C GLY A 79 -10.44 -8.67 2.47
N ASN A 80 -11.50 -9.34 2.87
CA ASN A 80 -12.05 -9.17 4.22
C ASN A 80 -12.30 -7.70 4.52
N LEU A 81 -13.02 -7.02 3.63
CA LEU A 81 -13.34 -5.61 3.80
C LEU A 81 -14.83 -5.42 4.03
N LYS A 82 -15.20 -4.25 4.53
CA LYS A 82 -16.60 -3.92 4.79
C LYS A 82 -17.17 -3.05 3.69
N PRO A 83 -18.39 -3.37 3.23
CA PRO A 83 -19.07 -2.62 2.19
C PRO A 83 -19.50 -1.23 2.65
N GLU A 84 -19.54 -0.29 1.71
CA GLU A 84 -19.94 1.08 2.02
C GLU A 84 -19.03 1.68 3.10
N ALA A 85 -17.73 1.54 2.91
CA ALA A 85 -16.75 2.06 3.86
C ALA A 85 -15.55 2.67 3.14
N MET A 86 -14.99 3.72 3.71
CA MET A 86 -13.83 4.38 3.13
C MET A 86 -12.54 3.87 3.76
N TYR A 87 -11.58 3.50 2.91
CA TYR A 87 -10.30 2.99 3.36
C TYR A 87 -9.15 3.62 2.59
N THR A 88 -7.99 3.73 3.25
CA THR A 88 -6.81 4.31 2.62
C THR A 88 -5.76 3.25 2.33
N PHE A 89 -5.57 2.95 1.05
CA PHE A 89 -4.58 1.95 0.64
C PHE A 89 -3.28 2.61 0.22
N ARG A 90 -2.17 2.09 0.72
CA ARG A 90 -0.85 2.62 0.40
C ARG A 90 0.15 1.50 0.18
N VAL A 91 0.97 1.65 -0.87
CA VAL A 91 1.97 0.64 -1.19
C VAL A 91 3.37 1.09 -0.76
N VAL A 92 4.23 0.13 -0.45
CA VAL A 92 5.59 0.44 -0.03
C VAL A 92 6.56 -0.67 -0.44
N ALA A 93 7.77 -0.28 -0.81
CA ALA A 93 8.79 -1.24 -1.23
C ALA A 93 9.70 -1.62 -0.06
N TYR A 94 9.97 -2.91 0.07
CA TYR A 94 10.83 -3.40 1.14
C TYR A 94 11.90 -4.34 0.60
N ASN A 95 13.15 -3.92 0.71
CA ASN A 95 14.28 -4.73 0.23
C ASN A 95 15.29 -4.95 1.34
N GLU A 96 16.41 -5.59 0.99
CA GLU A 96 17.46 -5.87 1.96
C GLU A 96 17.67 -4.69 2.90
N TRP A 97 18.05 -3.55 2.33
CA TRP A 97 18.27 -2.33 3.12
C TRP A 97 17.08 -2.03 4.02
N GLY A 98 15.94 -1.75 3.40
CA GLY A 98 14.74 -1.44 4.15
C GLY A 98 13.71 -0.69 3.33
N PRO A 99 12.74 -0.07 4.02
CA PRO A 99 11.67 0.69 3.37
C PRO A 99 12.18 1.98 2.73
N GLY A 100 12.00 2.11 1.42
CA GLY A 100 12.45 3.30 0.72
C GLY A 100 11.35 4.33 0.57
N GLU A 101 11.13 4.78 -0.67
CA GLU A 101 10.11 5.77 -0.96
C GLU A 101 8.72 5.14 -0.93
N SER A 102 7.82 5.72 -0.15
CA SER A 102 6.46 5.21 -0.04
C SER A 102 5.52 5.94 -0.99
N SER A 103 4.64 5.19 -1.65
CA SER A 103 3.70 5.76 -2.60
C SER A 103 2.65 6.61 -1.88
N GLN A 104 1.92 7.41 -2.64
CA GLN A 104 0.89 8.26 -2.08
C GLN A 104 -0.33 7.46 -1.67
N PRO A 105 -0.85 7.72 -0.45
CA PRO A 105 -2.02 7.03 0.08
C PRO A 105 -3.30 7.41 -0.66
N ILE A 106 -3.94 6.42 -1.27
CA ILE A 106 -5.19 6.65 -2.01
C ILE A 106 -6.40 6.38 -1.12
N LYS A 107 -7.58 6.73 -1.64
CA LYS A 107 -8.82 6.51 -0.90
C LYS A 107 -9.86 5.82 -1.78
N VAL A 108 -10.06 4.53 -1.56
CA VAL A 108 -11.02 3.76 -2.32
C VAL A 108 -12.18 3.29 -1.45
N ALA A 109 -13.40 3.60 -1.87
CA ALA A 109 -14.59 3.21 -1.13
C ALA A 109 -15.18 1.91 -1.67
N THR A 110 -15.19 0.88 -0.84
CA THR A 110 -15.72 -0.42 -1.23
C THR A 110 -17.08 -0.27 -1.92
N GLN A 111 -17.44 -1.26 -2.73
CA GLN A 111 -18.70 -1.24 -3.44
C GLN A 111 -19.85 -1.68 -2.53
N PRO A 112 -21.03 -1.09 -2.75
CA PRO A 112 -22.23 -1.39 -1.96
C PRO A 112 -22.77 -2.79 -2.23
N GLU A 113 -22.86 -3.59 -1.19
CA GLU A 113 -23.37 -4.96 -1.32
C GLU A 113 -24.89 -4.98 -1.36
N SER A 114 -25.45 -6.07 -1.89
CA SER A 114 -26.90 -6.20 -2.00
C SER A 114 -27.53 -4.92 -2.54
N GLY A 115 -26.91 -4.36 -3.57
CA GLY A 115 -27.43 -3.14 -4.16
C GLY A 115 -27.65 -3.27 -5.65
N PRO A 116 -28.45 -2.35 -6.22
CA PRO A 116 -28.76 -2.34 -7.65
C PRO A 116 -27.56 -1.97 -8.50
N SER A 117 -27.73 -2.04 -9.82
CA SER A 117 -26.65 -1.72 -10.75
C SER A 117 -26.93 -0.39 -11.46
N SER A 118 -25.88 0.20 -12.02
CA SER A 118 -26.01 1.47 -12.73
C SER A 118 -26.44 1.24 -14.18
N GLY A 119 -25.77 0.32 -14.85
CA GLY A 119 -26.09 0.01 -16.23
C GLY A 119 -24.87 -0.30 -17.06
N GLY A 1 5.50 14.31 27.73
CA GLY A 1 6.13 13.30 26.91
C GLY A 1 7.50 13.71 26.42
N SER A 2 8.51 13.60 27.27
CA SER A 2 9.87 13.97 26.91
C SER A 2 10.70 12.74 26.59
N SER A 3 10.66 12.33 25.32
CA SER A 3 11.41 11.15 24.87
C SER A 3 12.50 11.55 23.88
N GLY A 4 13.17 12.66 24.16
CA GLY A 4 14.22 13.13 23.28
C GLY A 4 13.75 13.30 21.84
N SER A 5 13.60 14.55 21.42
CA SER A 5 13.16 14.84 20.06
C SER A 5 14.34 15.09 19.13
N SER A 6 15.25 14.12 19.05
CA SER A 6 16.43 14.25 18.21
C SER A 6 17.17 12.92 18.13
N GLY A 7 17.68 12.62 16.93
CA GLY A 7 18.41 11.38 16.73
C GLY A 7 18.26 10.83 15.32
N LYS A 8 19.36 10.34 14.76
CA LYS A 8 19.35 9.79 13.41
C LYS A 8 20.43 8.71 13.25
N PRO A 9 19.99 7.49 12.90
CA PRO A 9 20.89 6.36 12.71
C PRO A 9 21.77 6.52 11.47
N ALA A 10 22.69 5.58 11.28
CA ALA A 10 23.58 5.61 10.13
C ALA A 10 22.91 5.06 8.89
N ILE A 11 21.86 5.73 8.43
CA ILE A 11 21.13 5.31 7.25
C ILE A 11 21.96 5.50 5.99
N PRO A 12 21.82 4.55 5.05
CA PRO A 12 22.55 4.58 3.78
C PRO A 12 22.07 5.70 2.87
N SER A 13 22.47 5.65 1.60
CA SER A 13 22.09 6.66 0.63
C SER A 13 20.58 6.67 0.43
N SER A 14 20.07 7.74 -0.19
CA SER A 14 18.65 7.88 -0.44
C SER A 14 18.33 7.61 -1.90
N SER A 15 19.33 7.17 -2.65
CA SER A 15 19.16 6.88 -4.08
C SER A 15 19.20 5.38 -4.33
N VAL A 16 19.86 4.65 -3.44
CA VAL A 16 19.96 3.20 -3.57
C VAL A 16 18.65 2.52 -3.22
N LEU A 17 17.73 3.27 -2.64
CA LEU A 17 16.43 2.74 -2.26
C LEU A 17 15.47 2.73 -3.46
N PRO A 18 14.52 1.79 -3.45
CA PRO A 18 13.52 1.66 -4.51
C PRO A 18 12.53 2.80 -4.52
N SER A 19 12.69 3.72 -5.47
CA SER A 19 11.81 4.87 -5.59
C SER A 19 10.35 4.45 -5.42
N ALA A 20 9.53 5.37 -4.92
CA ALA A 20 8.11 5.10 -4.71
C ALA A 20 7.48 4.52 -5.98
N PRO A 21 6.55 3.57 -5.79
CA PRO A 21 5.85 2.93 -6.91
C PRO A 21 4.88 3.87 -7.61
N ARG A 22 4.64 3.63 -8.89
CA ARG A 22 3.73 4.46 -9.67
C ARG A 22 2.45 4.74 -8.89
N ASP A 23 1.87 5.90 -9.12
CA ASP A 23 0.64 6.29 -8.44
C ASP A 23 -0.34 5.13 -8.36
N VAL A 24 -0.28 4.38 -7.27
CA VAL A 24 -1.15 3.22 -7.07
C VAL A 24 -2.60 3.56 -7.44
N VAL A 25 -3.19 2.73 -8.29
CA VAL A 25 -4.57 2.94 -8.73
C VAL A 25 -5.41 1.70 -8.48
N PRO A 26 -6.70 1.92 -8.14
CA PRO A 26 -7.63 0.82 -7.87
C PRO A 26 -8.00 0.05 -9.13
N VAL A 27 -7.12 -0.85 -9.55
CA VAL A 27 -7.35 -1.65 -10.76
C VAL A 27 -8.65 -2.44 -10.64
N LEU A 28 -8.92 -2.94 -9.43
CA LEU A 28 -10.13 -3.72 -9.19
C LEU A 28 -10.62 -3.53 -7.76
N VAL A 29 -11.79 -2.90 -7.61
CA VAL A 29 -12.37 -2.66 -6.29
C VAL A 29 -13.59 -3.54 -6.07
N SER A 30 -13.60 -4.24 -4.94
CA SER A 30 -14.71 -5.12 -4.60
C SER A 30 -15.47 -4.60 -3.37
N SER A 31 -16.66 -5.15 -3.13
CA SER A 31 -17.47 -4.74 -2.00
C SER A 31 -16.88 -5.26 -0.69
N ARG A 32 -16.10 -6.33 -0.78
CA ARG A 32 -15.48 -6.92 0.39
C ARG A 32 -13.98 -6.67 0.40
N PHE A 33 -13.33 -6.88 -0.75
CA PHE A 33 -11.90 -6.67 -0.88
C PHE A 33 -11.60 -5.56 -1.89
N VAL A 34 -10.32 -5.23 -2.04
CA VAL A 34 -9.90 -4.20 -2.96
C VAL A 34 -8.48 -4.46 -3.47
N ARG A 35 -8.38 -4.77 -4.76
CA ARG A 35 -7.09 -5.04 -5.38
C ARG A 35 -6.44 -3.75 -5.87
N LEU A 36 -5.11 -3.72 -5.84
CA LEU A 36 -4.37 -2.54 -6.28
C LEU A 36 -3.18 -2.95 -7.16
N SER A 37 -2.96 -2.19 -8.23
CA SER A 37 -1.85 -2.46 -9.15
C SER A 37 -0.90 -1.28 -9.22
N TRP A 38 0.38 -1.55 -8.99
CA TRP A 38 1.40 -0.50 -9.03
C TRP A 38 2.61 -0.96 -9.83
N ARG A 39 3.35 0.00 -10.38
CA ARG A 39 4.53 -0.31 -11.17
C ARG A 39 5.76 -0.50 -10.27
N PRO A 40 6.53 -1.56 -10.56
CA PRO A 40 7.73 -1.88 -9.79
C PRO A 40 8.86 -0.88 -10.01
N PRO A 41 9.71 -0.70 -8.99
CA PRO A 41 10.83 0.24 -9.05
C PRO A 41 11.93 -0.24 -10.00
N ALA A 42 11.94 0.33 -11.20
CA ALA A 42 12.94 -0.04 -12.20
C ALA A 42 14.35 -0.02 -11.60
N GLU A 43 14.51 0.71 -10.50
CA GLU A 43 15.80 0.81 -9.83
C GLU A 43 15.73 0.27 -8.42
N ALA A 44 15.54 -1.04 -8.30
CA ALA A 44 15.45 -1.69 -6.99
C ALA A 44 16.82 -1.74 -6.32
N LYS A 45 17.87 -1.58 -7.11
CA LYS A 45 19.24 -1.62 -6.59
C LYS A 45 19.46 -2.84 -5.71
N GLY A 46 19.16 -4.02 -6.25
CA GLY A 46 19.33 -5.24 -5.50
C GLY A 46 18.24 -6.26 -5.79
N ASN A 47 17.43 -6.55 -4.77
CA ASN A 47 16.34 -7.50 -4.91
C ASN A 47 15.28 -7.28 -3.84
N ILE A 48 14.05 -7.09 -4.26
CA ILE A 48 12.94 -6.86 -3.34
C ILE A 48 12.37 -8.19 -2.84
N GLN A 49 11.88 -8.17 -1.60
CA GLN A 49 11.31 -9.38 -0.99
C GLN A 49 9.80 -9.42 -1.19
N THR A 50 9.10 -8.43 -0.62
CA THR A 50 7.66 -8.36 -0.73
C THR A 50 7.16 -6.92 -0.65
N PHE A 51 5.92 -6.69 -1.05
CA PHE A 51 5.34 -5.36 -1.01
C PHE A 51 4.26 -5.26 0.05
N THR A 52 4.42 -4.31 0.96
CA THR A 52 3.47 -4.10 2.05
C THR A 52 2.35 -3.16 1.63
N VAL A 53 1.13 -3.46 2.04
CA VAL A 53 -0.03 -2.64 1.71
C VAL A 53 -0.88 -2.36 2.95
N PHE A 54 -0.85 -1.13 3.43
CA PHE A 54 -1.63 -0.75 4.60
C PHE A 54 -3.05 -0.37 4.21
N PHE A 55 -3.97 -0.51 5.15
CA PHE A 55 -5.38 -0.19 4.92
C PHE A 55 -6.15 -0.13 6.23
N SER A 56 -6.94 0.93 6.40
CA SER A 56 -7.72 1.11 7.60
C SER A 56 -8.94 2.00 7.33
N ARG A 57 -9.88 2.00 8.27
CA ARG A 57 -11.08 2.80 8.14
C ARG A 57 -10.80 4.28 8.44
N GLU A 58 -11.29 5.16 7.58
CA GLU A 58 -11.08 6.59 7.76
C GLU A 58 -11.61 7.05 9.12
N GLY A 59 -10.73 7.10 10.11
CA GLY A 59 -11.12 7.52 11.45
C GLY A 59 -10.39 6.77 12.53
N ASP A 60 -10.25 5.46 12.35
CA ASP A 60 -9.56 4.62 13.33
C ASP A 60 -8.11 5.06 13.50
N ASN A 61 -7.47 4.55 14.55
CA ASN A 61 -6.09 4.89 14.83
C ASN A 61 -5.15 3.74 14.46
N ARG A 62 -5.66 2.52 14.57
CA ARG A 62 -4.86 1.34 14.25
C ARG A 62 -4.90 1.05 12.76
N GLU A 63 -3.74 0.73 12.20
CA GLU A 63 -3.64 0.43 10.77
C GLU A 63 -3.26 -1.03 10.55
N ARG A 64 -3.77 -1.61 9.47
CA ARG A 64 -3.48 -3.00 9.14
C ARG A 64 -2.26 -3.10 8.24
N ALA A 65 -1.74 -4.31 8.09
CA ALA A 65 -0.57 -4.54 7.25
C ALA A 65 -0.65 -5.89 6.55
N LEU A 66 -0.28 -5.92 5.27
CA LEU A 66 -0.32 -7.15 4.49
C LEU A 66 0.79 -7.17 3.45
N ASN A 67 1.78 -8.03 3.65
CA ASN A 67 2.91 -8.14 2.72
C ASN A 67 2.92 -9.52 2.06
N THR A 68 2.54 -9.56 0.79
CA THR A 68 2.51 -10.82 0.04
C THR A 68 2.22 -10.58 -1.44
N THR A 69 3.16 -10.97 -2.28
CA THR A 69 3.02 -10.78 -3.72
C THR A 69 3.77 -11.86 -4.50
N GLN A 70 3.24 -12.24 -5.66
CA GLN A 70 3.87 -13.26 -6.49
C GLN A 70 5.26 -12.83 -6.91
N PRO A 71 6.09 -13.81 -7.31
CA PRO A 71 7.46 -13.57 -7.75
C PRO A 71 7.52 -12.83 -9.08
N GLY A 72 7.42 -11.51 -9.03
CA GLY A 72 7.45 -10.71 -10.25
C GLY A 72 6.24 -9.82 -10.40
N SER A 73 5.10 -10.28 -9.88
CA SER A 73 3.86 -9.51 -9.96
C SER A 73 3.70 -8.60 -8.75
N LEU A 74 3.40 -7.33 -9.00
CA LEU A 74 3.22 -6.36 -7.93
C LEU A 74 1.74 -6.13 -7.65
N GLN A 75 0.94 -7.18 -7.81
CA GLN A 75 -0.50 -7.09 -7.57
C GLN A 75 -0.89 -7.84 -6.31
N LEU A 76 -1.62 -7.17 -5.43
CA LEU A 76 -2.06 -7.76 -4.17
C LEU A 76 -3.50 -7.38 -3.86
N THR A 77 -4.33 -8.37 -3.58
CA THR A 77 -5.73 -8.13 -3.25
C THR A 77 -5.95 -8.09 -1.75
N VAL A 78 -6.44 -6.96 -1.25
CA VAL A 78 -6.70 -6.79 0.18
C VAL A 78 -8.17 -7.05 0.50
N GLY A 79 -8.43 -8.11 1.24
CA GLY A 79 -9.79 -8.44 1.62
C GLY A 79 -10.11 -8.09 3.05
N ASN A 80 -11.26 -8.52 3.53
CA ASN A 80 -11.68 -8.24 4.90
C ASN A 80 -12.03 -6.77 5.08
N LEU A 81 -12.88 -6.26 4.19
CA LEU A 81 -13.30 -4.87 4.24
C LEU A 81 -14.81 -4.75 4.15
N LYS A 82 -15.35 -3.64 4.64
CA LYS A 82 -16.78 -3.40 4.62
C LYS A 82 -17.18 -2.56 3.40
N PRO A 83 -18.32 -2.92 2.79
CA PRO A 83 -18.84 -2.22 1.62
C PRO A 83 -19.34 -0.82 1.95
N GLU A 84 -19.27 0.07 0.97
CA GLU A 84 -19.73 1.45 1.16
C GLU A 84 -18.90 2.15 2.25
N ALA A 85 -17.59 2.15 2.07
CA ALA A 85 -16.70 2.78 3.03
C ALA A 85 -15.38 3.19 2.37
N MET A 86 -14.90 4.39 2.71
CA MET A 86 -13.66 4.89 2.15
C MET A 86 -12.46 4.42 2.96
N TYR A 87 -11.59 3.62 2.34
CA TYR A 87 -10.41 3.09 3.00
C TYR A 87 -9.14 3.66 2.37
N THR A 88 -8.19 4.04 3.22
CA THR A 88 -6.92 4.59 2.74
C THR A 88 -5.87 3.50 2.60
N PHE A 89 -5.38 3.32 1.37
CA PHE A 89 -4.36 2.31 1.10
C PHE A 89 -3.00 2.94 0.88
N ARG A 90 -1.94 2.20 1.18
CA ARG A 90 -0.59 2.70 1.00
C ARG A 90 0.39 1.55 0.69
N VAL A 91 1.06 1.66 -0.45
CA VAL A 91 2.02 0.63 -0.86
C VAL A 91 3.45 1.06 -0.58
N VAL A 92 4.28 0.12 -0.14
CA VAL A 92 5.67 0.41 0.16
C VAL A 92 6.58 -0.71 -0.34
N ALA A 93 7.76 -0.33 -0.83
CA ALA A 93 8.72 -1.29 -1.34
C ALA A 93 9.79 -1.60 -0.30
N TYR A 94 9.93 -2.87 0.04
CA TYR A 94 10.92 -3.30 1.02
C TYR A 94 11.99 -4.16 0.38
N ASN A 95 13.17 -3.58 0.19
CA ASN A 95 14.29 -4.30 -0.43
C ASN A 95 15.39 -4.56 0.59
N GLU A 96 16.45 -5.24 0.16
CA GLU A 96 17.56 -5.56 1.04
C GLU A 96 17.84 -4.42 2.01
N TRP A 97 18.19 -3.26 1.47
CA TRP A 97 18.47 -2.09 2.30
C TRP A 97 17.31 -1.80 3.24
N GLY A 98 16.14 -1.56 2.68
CA GLY A 98 14.98 -1.28 3.50
C GLY A 98 13.89 -0.54 2.73
N PRO A 99 12.91 0.00 3.45
CA PRO A 99 11.79 0.74 2.86
C PRO A 99 12.24 2.08 2.27
N GLY A 100 12.05 2.23 0.95
CA GLY A 100 12.43 3.46 0.29
C GLY A 100 11.38 4.55 0.44
N GLU A 101 11.04 5.19 -0.68
CA GLU A 101 10.05 6.26 -0.67
C GLU A 101 8.63 5.69 -0.63
N SER A 102 7.80 6.25 0.23
CA SER A 102 6.42 5.79 0.36
C SER A 102 5.53 6.42 -0.69
N SER A 103 4.60 5.63 -1.22
CA SER A 103 3.69 6.12 -2.26
C SER A 103 2.59 6.99 -1.64
N GLN A 104 1.95 7.79 -2.48
CA GLN A 104 0.87 8.67 -2.03
C GLN A 104 -0.34 7.87 -1.58
N PRO A 105 -0.93 8.27 -0.45
CA PRO A 105 -2.10 7.60 0.11
C PRO A 105 -3.36 7.82 -0.73
N ILE A 106 -3.85 6.76 -1.36
CA ILE A 106 -5.04 6.85 -2.19
C ILE A 106 -6.29 6.49 -1.40
N LYS A 107 -7.41 7.08 -1.79
CA LYS A 107 -8.68 6.83 -1.12
C LYS A 107 -9.66 6.13 -2.05
N VAL A 108 -9.90 4.85 -1.79
CA VAL A 108 -10.81 4.06 -2.61
C VAL A 108 -12.02 3.59 -1.80
N ALA A 109 -13.21 3.87 -2.30
CA ALA A 109 -14.44 3.47 -1.62
C ALA A 109 -14.99 2.18 -2.20
N THR A 110 -15.32 1.23 -1.32
CA THR A 110 -15.86 -0.05 -1.74
C THR A 110 -17.09 0.13 -2.63
N GLN A 111 -17.72 -0.98 -3.00
CA GLN A 111 -18.90 -0.94 -3.85
C GLN A 111 -20.16 -1.22 -3.03
N PRO A 112 -21.30 -0.67 -3.49
CA PRO A 112 -22.59 -0.85 -2.82
C PRO A 112 -23.11 -2.28 -2.94
N GLU A 113 -23.01 -3.03 -1.84
CA GLU A 113 -23.48 -4.42 -1.83
C GLU A 113 -24.98 -4.49 -2.03
N SER A 114 -25.70 -3.54 -1.45
CA SER A 114 -27.16 -3.50 -1.57
C SER A 114 -27.60 -3.82 -2.99
N GLY A 115 -27.08 -3.06 -3.95
CA GLY A 115 -27.43 -3.29 -5.34
C GLY A 115 -26.81 -2.25 -6.26
N PRO A 116 -25.64 -2.58 -6.82
CA PRO A 116 -24.92 -1.69 -7.74
C PRO A 116 -25.63 -1.54 -9.08
N SER A 117 -25.23 -0.52 -9.85
CA SER A 117 -25.83 -0.27 -11.15
C SER A 117 -24.83 -0.51 -12.27
N SER A 118 -25.24 -1.26 -13.28
CA SER A 118 -24.37 -1.58 -14.41
C SER A 118 -23.99 -0.31 -15.17
N GLY A 119 -24.96 0.59 -15.32
CA GLY A 119 -24.70 1.84 -16.02
C GLY A 119 -24.43 2.99 -15.08
N GLY A 1 -0.46 23.42 18.07
CA GLY A 1 0.17 22.55 17.10
C GLY A 1 0.72 21.29 17.72
N SER A 2 1.73 20.70 17.09
CA SER A 2 2.35 19.48 17.59
C SER A 2 3.80 19.37 17.11
N SER A 3 4.48 18.32 17.54
CA SER A 3 5.87 18.10 17.16
C SER A 3 6.34 16.72 17.62
N GLY A 4 7.49 16.29 17.08
CA GLY A 4 8.03 15.00 17.45
C GLY A 4 8.89 14.40 16.35
N SER A 5 10.20 14.41 16.55
CA SER A 5 11.14 13.87 15.57
C SER A 5 12.40 13.36 16.25
N SER A 6 13.02 12.35 15.64
CA SER A 6 14.24 11.77 16.19
C SER A 6 14.83 10.73 15.22
N GLY A 7 16.14 10.61 15.22
CA GLY A 7 16.81 9.66 14.35
C GLY A 7 17.36 8.46 15.10
N LYS A 8 16.46 7.64 15.63
CA LYS A 8 16.87 6.45 16.38
C LYS A 8 17.69 5.52 15.51
N PRO A 9 17.09 5.05 14.40
CA PRO A 9 17.77 4.15 13.47
C PRO A 9 18.88 4.84 12.70
N ALA A 10 19.65 4.04 11.96
CA ALA A 10 20.76 4.58 11.16
C ALA A 10 20.37 4.73 9.69
N ILE A 11 20.41 5.95 9.20
CA ILE A 11 20.06 6.22 7.81
C ILE A 11 21.23 5.94 6.88
N PRO A 12 20.92 5.57 5.63
CA PRO A 12 21.93 5.27 4.61
C PRO A 12 22.70 6.52 4.17
N SER A 13 23.91 6.31 3.66
CA SER A 13 24.74 7.41 3.21
C SER A 13 23.89 8.52 2.60
N SER A 14 23.38 8.28 1.40
CA SER A 14 22.55 9.25 0.70
C SER A 14 21.14 8.72 0.50
N SER A 15 21.02 7.64 -0.26
CA SER A 15 19.72 7.03 -0.53
C SER A 15 19.88 5.71 -1.27
N VAL A 16 19.58 4.60 -0.59
CA VAL A 16 19.68 3.29 -1.18
C VAL A 16 18.33 2.58 -1.23
N LEU A 17 17.34 3.18 -0.57
CA LEU A 17 15.99 2.62 -0.54
C LEU A 17 15.32 2.78 -1.89
N PRO A 18 14.33 1.90 -2.17
CA PRO A 18 13.58 1.92 -3.42
C PRO A 18 12.66 3.14 -3.53
N SER A 19 12.46 3.61 -4.76
CA SER A 19 11.61 4.78 -5.01
C SER A 19 10.13 4.39 -4.96
N ALA A 20 9.38 5.07 -4.11
CA ALA A 20 7.94 4.80 -3.97
C ALA A 20 7.31 4.55 -5.34
N PRO A 21 6.27 3.70 -5.35
CA PRO A 21 5.55 3.35 -6.58
C PRO A 21 4.73 4.52 -7.13
N ARG A 22 4.56 4.55 -8.45
CA ARG A 22 3.80 5.60 -9.09
C ARG A 22 2.35 5.62 -8.59
N ASP A 23 1.61 6.66 -8.98
CA ASP A 23 0.23 6.81 -8.57
C ASP A 23 -0.50 5.46 -8.63
N VAL A 24 -0.66 4.83 -7.47
CA VAL A 24 -1.33 3.53 -7.39
C VAL A 24 -2.81 3.67 -7.70
N VAL A 25 -3.28 2.91 -8.68
CA VAL A 25 -4.69 2.94 -9.07
C VAL A 25 -5.35 1.59 -8.83
N PRO A 26 -6.54 1.62 -8.21
CA PRO A 26 -7.31 0.41 -7.92
C PRO A 26 -7.86 -0.25 -9.18
N VAL A 27 -7.01 -0.99 -9.88
CA VAL A 27 -7.42 -1.67 -11.10
C VAL A 27 -8.79 -2.31 -10.94
N LEU A 28 -9.04 -2.88 -9.76
CA LEU A 28 -10.32 -3.53 -9.48
C LEU A 28 -10.81 -3.18 -8.08
N VAL A 29 -12.12 -3.26 -7.88
CA VAL A 29 -12.71 -2.96 -6.58
C VAL A 29 -13.83 -3.93 -6.25
N SER A 30 -13.80 -4.48 -5.03
CA SER A 30 -14.82 -5.43 -4.60
C SER A 30 -15.45 -4.98 -3.28
N SER A 31 -16.72 -5.34 -3.08
CA SER A 31 -17.43 -4.97 -1.87
C SER A 31 -16.80 -5.63 -0.65
N ARG A 32 -15.93 -6.60 -0.89
CA ARG A 32 -15.25 -7.32 0.18
C ARG A 32 -13.76 -7.03 0.19
N PHE A 33 -13.17 -6.95 -1.01
CA PHE A 33 -11.75 -6.68 -1.14
C PHE A 33 -11.50 -5.59 -2.17
N VAL A 34 -10.23 -5.25 -2.37
CA VAL A 34 -9.85 -4.21 -3.33
C VAL A 34 -8.46 -4.46 -3.89
N ARG A 35 -8.40 -4.79 -5.18
CA ARG A 35 -7.13 -5.04 -5.83
C ARG A 35 -6.44 -3.75 -6.23
N LEU A 36 -5.11 -3.76 -6.22
CA LEU A 36 -4.33 -2.57 -6.58
C LEU A 36 -3.09 -2.97 -7.38
N SER A 37 -2.81 -2.21 -8.44
CA SER A 37 -1.65 -2.48 -9.28
C SER A 37 -0.75 -1.25 -9.37
N TRP A 38 0.55 -1.46 -9.18
CA TRP A 38 1.51 -0.36 -9.24
C TRP A 38 2.75 -0.78 -10.01
N ARG A 39 3.69 0.16 -10.17
CA ARG A 39 4.93 -0.12 -10.88
C ARG A 39 6.08 -0.36 -9.91
N PRO A 40 7.03 -1.23 -10.31
CA PRO A 40 8.19 -1.56 -9.48
C PRO A 40 9.17 -0.39 -9.37
N PRO A 41 9.90 -0.34 -8.26
CA PRO A 41 10.90 0.71 -8.01
C PRO A 41 12.11 0.60 -8.92
N ALA A 42 12.10 1.37 -10.00
CA ALA A 42 13.21 1.35 -10.96
C ALA A 42 14.54 1.10 -10.25
N GLU A 43 14.75 1.80 -9.13
CA GLU A 43 15.98 1.66 -8.37
C GLU A 43 15.74 0.85 -7.10
N ALA A 44 15.81 -0.47 -7.22
CA ALA A 44 15.60 -1.36 -6.07
C ALA A 44 16.87 -1.49 -5.23
N LYS A 45 18.02 -1.44 -5.90
CA LYS A 45 19.30 -1.55 -5.22
C LYS A 45 19.43 -2.88 -4.51
N GLY A 46 19.15 -3.96 -5.23
CA GLY A 46 19.23 -5.29 -4.65
C GLY A 46 18.09 -6.18 -5.07
N ASN A 47 17.43 -6.81 -4.10
CA ASN A 47 16.31 -7.70 -4.37
C ASN A 47 15.19 -7.48 -3.36
N ILE A 48 13.99 -7.22 -3.87
CA ILE A 48 12.83 -7.00 -3.01
C ILE A 48 12.15 -8.32 -2.65
N GLN A 49 11.75 -8.44 -1.39
CA GLN A 49 11.09 -9.64 -0.92
C GLN A 49 9.58 -9.59 -1.17
N THR A 50 8.97 -8.48 -0.78
CA THR A 50 7.53 -8.30 -0.96
C THR A 50 7.13 -6.84 -0.76
N PHE A 51 5.86 -6.54 -1.03
CA PHE A 51 5.35 -5.19 -0.88
C PHE A 51 4.38 -5.10 0.30
N THR A 52 4.68 -4.20 1.22
CA THR A 52 3.84 -4.01 2.40
C THR A 52 2.78 -2.94 2.16
N VAL A 53 1.56 -3.39 1.85
CA VAL A 53 0.46 -2.47 1.59
C VAL A 53 -0.39 -2.26 2.85
N PHE A 54 -0.44 -1.02 3.31
CA PHE A 54 -1.20 -0.68 4.51
C PHE A 54 -2.64 -0.31 4.14
N PHE A 55 -3.53 -0.40 5.13
CA PHE A 55 -4.93 -0.07 4.91
C PHE A 55 -5.62 0.26 6.24
N SER A 56 -6.61 1.15 6.17
CA SER A 56 -7.34 1.55 7.37
C SER A 56 -8.74 2.06 6.99
N ARG A 57 -9.59 2.23 8.01
CA ARG A 57 -10.94 2.71 7.79
C ARG A 57 -11.06 4.19 8.12
N GLU A 58 -11.99 4.87 7.47
CA GLU A 58 -12.20 6.29 7.69
C GLU A 58 -12.44 6.59 9.16
N GLY A 59 -11.82 7.65 9.66
CA GLY A 59 -11.97 8.01 11.06
C GLY A 59 -11.84 6.82 11.99
N ASP A 60 -10.79 6.04 11.81
CA ASP A 60 -10.55 4.86 12.63
C ASP A 60 -9.26 5.02 13.45
N ASN A 61 -8.28 5.68 12.86
CA ASN A 61 -7.00 5.89 13.52
C ASN A 61 -6.31 4.57 13.84
N ARG A 62 -6.27 3.68 12.84
CA ARG A 62 -5.64 2.38 13.02
C ARG A 62 -5.22 1.80 11.67
N GLU A 63 -3.92 1.76 11.43
CA GLU A 63 -3.39 1.23 10.17
C GLU A 63 -2.87 -0.20 10.36
N ARG A 64 -2.93 -0.99 9.29
CA ARG A 64 -2.47 -2.37 9.34
C ARG A 64 -1.42 -2.64 8.26
N ALA A 65 -0.91 -3.86 8.23
CA ALA A 65 0.10 -4.24 7.26
C ALA A 65 -0.17 -5.62 6.69
N LEU A 66 0.04 -5.78 5.38
CA LEU A 66 -0.18 -7.06 4.72
C LEU A 66 0.79 -7.24 3.57
N ASN A 67 1.52 -8.36 3.59
CA ASN A 67 2.48 -8.66 2.54
C ASN A 67 2.20 -10.02 1.91
N THR A 68 1.74 -10.01 0.66
CA THR A 68 1.42 -11.23 -0.05
C THR A 68 1.97 -11.20 -1.48
N THR A 69 1.99 -10.01 -2.07
CA THR A 69 2.49 -9.84 -3.43
C THR A 69 3.63 -10.81 -3.71
N GLN A 70 3.32 -11.89 -4.43
CA GLN A 70 4.31 -12.89 -4.77
C GLN A 70 5.64 -12.24 -5.17
N PRO A 71 6.72 -13.03 -5.15
CA PRO A 71 8.05 -12.54 -5.50
C PRO A 71 8.19 -12.23 -6.98
N GLY A 72 7.71 -11.06 -7.38
CA GLY A 72 7.78 -10.66 -8.78
C GLY A 72 6.44 -10.23 -9.33
N SER A 73 5.55 -9.80 -8.44
CA SER A 73 4.21 -9.36 -8.85
C SER A 73 3.88 -8.00 -8.24
N LEU A 74 3.31 -7.13 -9.06
CA LEU A 74 2.94 -5.79 -8.61
C LEU A 74 1.43 -5.68 -8.42
N GLN A 75 0.82 -6.75 -7.95
CA GLN A 75 -0.63 -6.77 -7.73
C GLN A 75 -0.97 -7.43 -6.40
N LEU A 76 -1.77 -6.74 -5.60
CA LEU A 76 -2.18 -7.25 -4.29
C LEU A 76 -3.68 -7.16 -4.11
N THR A 77 -4.26 -8.13 -3.40
CA THR A 77 -5.70 -8.15 -3.15
C THR A 77 -6.00 -8.05 -1.67
N VAL A 78 -6.44 -6.87 -1.24
CA VAL A 78 -6.77 -6.65 0.17
C VAL A 78 -8.24 -6.93 0.44
N GLY A 79 -8.50 -7.95 1.26
CA GLY A 79 -9.87 -8.31 1.58
C GLY A 79 -10.23 -7.93 3.00
N ASN A 80 -11.41 -8.38 3.45
CA ASN A 80 -11.88 -8.08 4.79
C ASN A 80 -12.17 -6.59 4.96
N LEU A 81 -12.97 -6.05 4.04
CA LEU A 81 -13.32 -4.63 4.07
C LEU A 81 -14.84 -4.45 4.13
N LYS A 82 -15.29 -3.54 4.98
CA LYS A 82 -16.72 -3.27 5.14
C LYS A 82 -17.25 -2.52 3.93
N PRO A 83 -18.41 -2.97 3.41
CA PRO A 83 -19.06 -2.35 2.24
C PRO A 83 -19.63 -0.97 2.57
N GLU A 84 -19.75 -0.13 1.55
CA GLU A 84 -20.28 1.22 1.73
C GLU A 84 -19.46 2.00 2.74
N ALA A 85 -18.14 1.85 2.68
CA ALA A 85 -17.25 2.54 3.59
C ALA A 85 -15.93 2.89 2.91
N MET A 86 -15.40 4.06 3.22
CA MET A 86 -14.14 4.52 2.64
C MET A 86 -12.95 3.88 3.36
N TYR A 87 -11.91 3.54 2.60
CA TYR A 87 -10.73 2.92 3.17
C TYR A 87 -9.47 3.43 2.47
N THR A 88 -8.47 3.82 3.25
CA THR A 88 -7.21 4.32 2.72
C THR A 88 -6.24 3.19 2.44
N PHE A 89 -5.32 3.40 1.51
CA PHE A 89 -4.32 2.40 1.15
C PHE A 89 -2.96 3.03 0.92
N ARG A 90 -1.90 2.26 1.14
CA ARG A 90 -0.55 2.75 0.95
C ARG A 90 0.41 1.60 0.62
N VAL A 91 1.07 1.70 -0.52
CA VAL A 91 2.01 0.67 -0.96
C VAL A 91 3.44 1.03 -0.55
N VAL A 92 4.15 0.05 -0.02
CA VAL A 92 5.53 0.25 0.42
C VAL A 92 6.42 -0.89 -0.05
N ALA A 93 7.60 -0.55 -0.57
CA ALA A 93 8.55 -1.55 -1.05
C ALA A 93 9.57 -1.89 0.03
N TYR A 94 9.87 -3.18 0.16
CA TYR A 94 10.83 -3.64 1.15
C TYR A 94 11.96 -4.43 0.50
N ASN A 95 13.17 -3.90 0.59
CA ASN A 95 14.34 -4.54 0.00
C ASN A 95 15.40 -4.82 1.07
N GLU A 96 16.50 -5.45 0.65
CA GLU A 96 17.58 -5.78 1.57
C GLU A 96 17.72 -4.71 2.65
N TRP A 97 17.94 -3.47 2.22
CA TRP A 97 18.09 -2.35 3.14
C TRP A 97 16.88 -2.24 4.07
N GLY A 98 15.70 -2.07 3.48
CA GLY A 98 14.50 -1.95 4.26
C GLY A 98 13.41 -1.17 3.54
N PRO A 99 12.49 -0.57 4.32
CA PRO A 99 11.39 0.22 3.77
C PRO A 99 11.86 1.53 3.17
N GLY A 100 11.46 1.79 1.93
CA GLY A 100 11.86 3.01 1.26
C GLY A 100 10.76 4.05 1.26
N GLU A 101 10.85 5.01 0.35
CA GLU A 101 9.85 6.08 0.25
C GLU A 101 8.47 5.49 0.05
N SER A 102 7.49 6.04 0.77
CA SER A 102 6.11 5.57 0.67
C SER A 102 5.33 6.38 -0.36
N SER A 103 4.37 5.74 -1.01
CA SER A 103 3.56 6.39 -2.02
C SER A 103 2.44 7.19 -1.37
N GLN A 104 1.80 8.05 -2.17
CA GLN A 104 0.71 8.87 -1.68
C GLN A 104 -0.50 8.02 -1.30
N PRO A 105 -1.13 8.36 -0.16
CA PRO A 105 -2.31 7.63 0.34
C PRO A 105 -3.54 7.85 -0.54
N ILE A 106 -4.05 6.78 -1.13
CA ILE A 106 -5.22 6.86 -1.98
C ILE A 106 -6.49 6.49 -1.22
N LYS A 107 -7.61 7.12 -1.58
CA LYS A 107 -8.88 6.84 -0.93
C LYS A 107 -9.83 6.11 -1.87
N VAL A 108 -10.25 4.91 -1.45
CA VAL A 108 -11.16 4.10 -2.26
C VAL A 108 -12.35 3.64 -1.44
N ALA A 109 -13.54 3.81 -2.01
CA ALA A 109 -14.78 3.42 -1.34
C ALA A 109 -15.32 2.11 -1.91
N THR A 110 -15.51 1.13 -1.04
CA THR A 110 -16.02 -0.18 -1.46
C THR A 110 -17.33 -0.03 -2.23
N GLN A 111 -17.85 -1.15 -2.73
CA GLN A 111 -19.09 -1.15 -3.48
C GLN A 111 -20.26 -1.60 -2.60
N PRO A 112 -21.47 -1.11 -2.93
CA PRO A 112 -22.69 -1.46 -2.19
C PRO A 112 -23.11 -2.91 -2.41
N GLU A 113 -23.22 -3.65 -1.32
CA GLU A 113 -23.62 -5.06 -1.39
C GLU A 113 -25.12 -5.21 -1.21
N SER A 114 -25.71 -4.31 -0.44
CA SER A 114 -27.14 -4.35 -0.18
C SER A 114 -27.94 -4.08 -1.46
N GLY A 115 -27.61 -2.99 -2.13
CA GLY A 115 -28.29 -2.63 -3.36
C GLY A 115 -27.98 -1.23 -3.82
N PRO A 116 -28.12 -0.98 -5.13
CA PRO A 116 -27.85 0.33 -5.72
C PRO A 116 -28.89 1.37 -5.32
N SER A 117 -29.83 0.97 -4.48
CA SER A 117 -30.89 1.87 -4.02
C SER A 117 -31.68 2.42 -5.20
N SER A 118 -31.98 1.55 -6.17
CA SER A 118 -32.73 1.96 -7.35
C SER A 118 -34.23 1.89 -7.09
N GLY A 119 -34.69 0.72 -6.65
CA GLY A 119 -36.10 0.54 -6.36
C GLY A 119 -36.47 -0.92 -6.16
N GLY A 1 0.86 27.54 18.89
CA GLY A 1 2.10 27.14 19.54
C GLY A 1 2.79 26.00 18.82
N SER A 2 4.10 25.90 18.99
CA SER A 2 4.88 24.85 18.36
C SER A 2 5.58 23.98 19.39
N SER A 3 6.30 22.98 18.93
CA SER A 3 7.03 22.07 19.82
C SER A 3 8.22 21.45 19.11
N GLY A 4 9.09 20.80 19.88
CA GLY A 4 10.26 20.16 19.30
C GLY A 4 10.83 19.08 20.20
N SER A 5 11.84 18.37 19.69
CA SER A 5 12.46 17.29 20.45
C SER A 5 13.95 17.18 20.11
N SER A 6 14.61 16.19 20.70
CA SER A 6 16.03 15.97 20.46
C SER A 6 16.34 14.49 20.28
N GLY A 7 17.59 14.18 19.97
CA GLY A 7 17.99 12.79 19.79
C GLY A 7 17.59 12.26 18.43
N LYS A 8 18.35 12.62 17.40
CA LYS A 8 18.06 12.18 16.04
C LYS A 8 18.90 10.94 15.70
N PRO A 9 18.20 9.84 15.36
CA PRO A 9 18.85 8.58 15.00
C PRO A 9 19.57 8.65 13.66
N ALA A 10 20.50 7.74 13.44
CA ALA A 10 21.26 7.70 12.19
C ALA A 10 20.65 6.72 11.20
N ILE A 11 19.75 7.22 10.36
CA ILE A 11 19.09 6.38 9.36
C ILE A 11 19.74 6.55 7.99
N PRO A 12 19.74 5.47 7.21
CA PRO A 12 20.31 5.47 5.85
C PRO A 12 19.50 6.30 4.87
N SER A 13 20.07 7.43 4.44
CA SER A 13 19.39 8.32 3.51
C SER A 13 18.68 7.53 2.42
N SER A 14 17.71 8.16 1.76
CA SER A 14 16.96 7.51 0.69
C SER A 14 17.77 7.49 -0.60
N SER A 15 19.01 7.02 -0.51
CA SER A 15 19.89 6.95 -1.68
C SER A 15 19.96 5.52 -2.22
N VAL A 16 20.16 4.57 -1.32
CA VAL A 16 20.24 3.16 -1.70
C VAL A 16 18.89 2.48 -1.59
N LEU A 17 17.85 3.26 -1.31
CA LEU A 17 16.49 2.74 -1.19
C LEU A 17 15.79 2.71 -2.54
N PRO A 18 14.84 1.78 -2.68
CA PRO A 18 14.07 1.64 -3.93
C PRO A 18 13.11 2.80 -4.15
N SER A 19 12.96 3.19 -5.42
CA SER A 19 12.08 4.30 -5.77
C SER A 19 10.62 3.89 -5.62
N ALA A 20 9.74 4.89 -5.49
CA ALA A 20 8.32 4.64 -5.33
C ALA A 20 7.70 4.15 -6.64
N PRO A 21 6.73 3.23 -6.54
CA PRO A 21 6.06 2.66 -7.69
C PRO A 21 5.14 3.67 -8.39
N ARG A 22 4.68 3.33 -9.59
CA ARG A 22 3.81 4.21 -10.34
C ARG A 22 2.51 4.48 -9.58
N ASP A 23 1.95 5.67 -9.78
CA ASP A 23 0.72 6.04 -9.12
C ASP A 23 -0.21 4.84 -8.96
N VAL A 24 -0.22 4.27 -7.76
CA VAL A 24 -1.07 3.11 -7.48
C VAL A 24 -2.53 3.40 -7.79
N VAL A 25 -3.11 2.60 -8.68
CA VAL A 25 -4.51 2.78 -9.06
C VAL A 25 -5.31 1.50 -8.82
N PRO A 26 -6.54 1.65 -8.30
CA PRO A 26 -7.43 0.53 -8.01
C PRO A 26 -7.94 -0.13 -9.28
N VAL A 27 -7.14 -1.03 -9.86
CA VAL A 27 -7.51 -1.74 -11.07
C VAL A 27 -8.89 -2.36 -10.94
N LEU A 28 -9.23 -2.79 -9.73
CA LEU A 28 -10.52 -3.40 -9.47
C LEU A 28 -10.97 -3.15 -8.04
N VAL A 29 -12.28 -3.17 -7.81
CA VAL A 29 -12.84 -2.95 -6.49
C VAL A 29 -14.03 -3.86 -6.22
N SER A 30 -14.12 -4.36 -5.00
CA SER A 30 -15.21 -5.26 -4.61
C SER A 30 -15.95 -4.72 -3.39
N SER A 31 -16.98 -5.45 -2.96
CA SER A 31 -17.77 -5.05 -1.82
C SER A 31 -17.16 -5.58 -0.52
N ARG A 32 -16.16 -6.44 -0.66
CA ARG A 32 -15.50 -7.02 0.51
C ARG A 32 -13.99 -6.81 0.42
N PHE A 33 -13.45 -6.86 -0.80
CA PHE A 33 -12.01 -6.68 -1.01
C PHE A 33 -11.76 -5.60 -2.05
N VAL A 34 -10.48 -5.27 -2.25
CA VAL A 34 -10.10 -4.24 -3.22
C VAL A 34 -8.73 -4.53 -3.80
N ARG A 35 -8.68 -4.76 -5.11
CA ARG A 35 -7.42 -5.04 -5.79
C ARG A 35 -6.70 -3.76 -6.16
N LEU A 36 -5.37 -3.81 -6.16
CA LEU A 36 -4.56 -2.65 -6.49
C LEU A 36 -3.34 -3.04 -7.33
N SER A 37 -3.09 -2.28 -8.39
CA SER A 37 -1.97 -2.55 -9.27
C SER A 37 -1.01 -1.37 -9.32
N TRP A 38 0.28 -1.67 -9.32
CA TRP A 38 1.31 -0.63 -9.36
C TRP A 38 2.56 -1.12 -10.09
N ARG A 39 3.35 -0.18 -10.58
CA ARG A 39 4.58 -0.51 -11.30
C ARG A 39 5.73 -0.77 -10.32
N PRO A 40 6.54 -1.79 -10.63
CA PRO A 40 7.70 -2.16 -9.80
C PRO A 40 8.81 -1.13 -9.85
N PRO A 41 9.62 -1.07 -8.80
CA PRO A 41 10.74 -0.12 -8.71
C PRO A 41 11.86 -0.47 -9.67
N ALA A 42 12.12 0.43 -10.62
CA ALA A 42 13.18 0.22 -11.60
C ALA A 42 14.48 -0.18 -10.93
N GLU A 43 14.75 0.39 -9.76
CA GLU A 43 15.96 0.09 -9.01
C GLU A 43 15.64 -0.35 -7.59
N ALA A 44 16.13 -1.52 -7.20
CA ALA A 44 15.89 -2.05 -5.87
C ALA A 44 17.18 -2.03 -5.03
N LYS A 45 18.32 -1.92 -5.71
CA LYS A 45 19.60 -1.89 -5.03
C LYS A 45 19.78 -3.11 -4.13
N GLY A 46 19.55 -4.29 -4.69
CA GLY A 46 19.68 -5.52 -3.93
C GLY A 46 18.64 -6.55 -4.31
N ASN A 47 17.77 -6.89 -3.36
CA ASN A 47 16.73 -7.88 -3.60
C ASN A 47 15.53 -7.64 -2.68
N ILE A 48 14.39 -7.31 -3.27
CA ILE A 48 13.17 -7.05 -2.50
C ILE A 48 12.52 -8.36 -2.08
N GLN A 49 12.19 -8.45 -0.79
CA GLN A 49 11.56 -9.66 -0.25
C GLN A 49 10.07 -9.67 -0.57
N THR A 50 9.42 -8.51 -0.40
CA THR A 50 8.00 -8.40 -0.68
C THR A 50 7.54 -6.95 -0.61
N PHE A 51 6.25 -6.72 -0.86
CA PHE A 51 5.69 -5.37 -0.83
C PHE A 51 4.62 -5.26 0.25
N THR A 52 4.77 -4.26 1.12
CA THR A 52 3.81 -4.05 2.20
C THR A 52 2.65 -3.17 1.74
N VAL A 53 1.46 -3.42 2.29
CA VAL A 53 0.28 -2.65 1.94
C VAL A 53 -0.48 -2.21 3.18
N PHE A 54 -0.32 -0.94 3.55
CA PHE A 54 -0.99 -0.40 4.73
C PHE A 54 -2.43 -0.01 4.40
N PHE A 55 -3.31 -0.12 5.39
CA PHE A 55 -4.72 0.22 5.20
C PHE A 55 -5.41 0.39 6.55
N SER A 56 -6.31 1.38 6.62
CA SER A 56 -7.03 1.66 7.85
C SER A 56 -8.45 2.14 7.54
N ARG A 57 -9.33 2.06 8.54
CA ARG A 57 -10.71 2.49 8.38
C ARG A 57 -10.86 3.97 8.72
N GLU A 58 -11.87 4.61 8.11
CA GLU A 58 -12.12 6.02 8.35
C GLU A 58 -12.20 6.32 9.85
N GLY A 59 -11.22 7.05 10.36
CA GLY A 59 -11.21 7.39 11.77
C GLY A 59 -10.95 6.19 12.65
N ASP A 60 -9.74 5.63 12.55
CA ASP A 60 -9.36 4.47 13.34
C ASP A 60 -8.00 4.69 13.99
N ASN A 61 -7.82 4.10 15.18
CA ASN A 61 -6.56 4.23 15.91
C ASN A 61 -5.65 3.03 15.64
N ARG A 62 -5.91 2.34 14.53
CA ARG A 62 -5.10 1.18 14.17
C ARG A 62 -4.84 1.17 12.66
N GLU A 63 -4.09 0.16 12.21
CA GLU A 63 -3.76 0.04 10.80
C GLU A 63 -3.12 -1.32 10.51
N ARG A 64 -3.74 -2.09 9.62
CA ARG A 64 -3.23 -3.40 9.26
C ARG A 64 -2.44 -3.33 7.96
N ALA A 65 -1.46 -4.24 7.82
CA ALA A 65 -0.62 -4.28 6.63
C ALA A 65 -0.56 -5.69 6.06
N LEU A 66 -0.68 -5.80 4.74
CA LEU A 66 -0.63 -7.09 4.07
C LEU A 66 0.56 -7.18 3.12
N ASN A 67 1.59 -7.92 3.53
CA ASN A 67 2.78 -8.08 2.72
C ASN A 67 2.81 -9.45 2.05
N THR A 68 2.45 -9.49 0.78
CA THR A 68 2.43 -10.74 0.01
C THR A 68 2.20 -10.48 -1.47
N THR A 69 3.15 -10.90 -2.29
CA THR A 69 3.05 -10.72 -3.73
C THR A 69 3.77 -11.83 -4.48
N GLN A 70 3.35 -12.09 -5.72
CA GLN A 70 3.96 -13.12 -6.54
C GLN A 70 5.28 -12.63 -7.14
N PRO A 71 6.12 -13.60 -7.56
CA PRO A 71 7.43 -13.29 -8.16
C PRO A 71 7.30 -12.64 -9.53
N GLY A 72 7.05 -11.33 -9.55
CA GLY A 72 6.90 -10.61 -10.80
C GLY A 72 5.61 -9.84 -10.88
N SER A 73 4.62 -10.24 -10.08
CA SER A 73 3.33 -9.57 -10.07
C SER A 73 3.30 -8.45 -9.05
N LEU A 74 2.99 -7.24 -9.51
CA LEU A 74 2.94 -6.07 -8.63
C LEU A 74 1.50 -5.77 -8.23
N GLN A 75 0.64 -6.78 -8.29
CA GLN A 75 -0.77 -6.62 -7.93
C GLN A 75 -1.12 -7.47 -6.72
N LEU A 76 -1.77 -6.86 -5.73
CA LEU A 76 -2.17 -7.57 -4.52
C LEU A 76 -3.61 -7.22 -4.14
N THR A 77 -4.42 -8.24 -3.93
CA THR A 77 -5.82 -8.05 -3.56
C THR A 77 -5.98 -8.07 -2.05
N VAL A 78 -6.57 -7.01 -1.50
CA VAL A 78 -6.80 -6.91 -0.07
C VAL A 78 -8.26 -7.14 0.28
N GLY A 79 -8.52 -8.17 1.08
CA GLY A 79 -9.88 -8.48 1.47
C GLY A 79 -10.17 -8.10 2.91
N ASN A 80 -11.36 -8.46 3.40
CA ASN A 80 -11.75 -8.15 4.76
C ASN A 80 -11.99 -6.65 4.94
N LEU A 81 -12.78 -6.08 4.04
CA LEU A 81 -13.07 -4.66 4.09
C LEU A 81 -14.58 -4.41 4.15
N LYS A 82 -15.02 -3.65 5.16
CA LYS A 82 -16.43 -3.35 5.33
C LYS A 82 -16.93 -2.45 4.20
N PRO A 83 -18.09 -2.82 3.62
CA PRO A 83 -18.70 -2.07 2.52
C PRO A 83 -19.24 -0.71 2.99
N GLU A 84 -19.48 0.18 2.03
CA GLU A 84 -19.99 1.51 2.34
C GLU A 84 -19.12 2.20 3.37
N ALA A 85 -17.80 1.99 3.28
CA ALA A 85 -16.87 2.60 4.21
C ALA A 85 -15.60 3.05 3.49
N MET A 86 -15.14 4.24 3.79
CA MET A 86 -13.92 4.79 3.18
C MET A 86 -12.68 4.12 3.75
N TYR A 87 -11.73 3.81 2.88
CA TYR A 87 -10.50 3.16 3.30
C TYR A 87 -9.30 3.71 2.51
N THR A 88 -8.20 3.95 3.22
CA THR A 88 -6.99 4.49 2.59
C THR A 88 -5.95 3.39 2.40
N PHE A 89 -5.55 3.19 1.14
CA PHE A 89 -4.56 2.17 0.81
C PHE A 89 -3.30 2.81 0.23
N ARG A 90 -2.15 2.21 0.54
CA ARG A 90 -0.87 2.71 0.04
C ARG A 90 0.15 1.59 -0.07
N VAL A 91 0.95 1.63 -1.13
CA VAL A 91 1.97 0.62 -1.36
C VAL A 91 3.34 1.10 -0.90
N VAL A 92 4.23 0.16 -0.63
CA VAL A 92 5.58 0.48 -0.18
C VAL A 92 6.57 -0.63 -0.53
N ALA A 93 7.79 -0.24 -0.87
CA ALA A 93 8.83 -1.21 -1.22
C ALA A 93 9.71 -1.52 -0.03
N TYR A 94 9.96 -2.80 0.20
CA TYR A 94 10.80 -3.24 1.31
C TYR A 94 11.90 -4.17 0.83
N ASN A 95 13.14 -3.68 0.85
CA ASN A 95 14.29 -4.46 0.42
C ASN A 95 15.26 -4.69 1.57
N GLU A 96 16.39 -5.33 1.27
CA GLU A 96 17.40 -5.60 2.28
C GLU A 96 17.60 -4.39 3.19
N TRP A 97 17.97 -3.27 2.60
CA TRP A 97 18.19 -2.04 3.37
C TRP A 97 16.99 -1.72 4.24
N GLY A 98 15.85 -1.44 3.61
CA GLY A 98 14.64 -1.13 4.35
C GLY A 98 13.58 -0.47 3.48
N PRO A 99 12.62 0.19 4.12
CA PRO A 99 11.53 0.87 3.43
C PRO A 99 12.01 2.11 2.66
N GLY A 100 11.84 2.07 1.34
CA GLY A 100 12.26 3.19 0.51
C GLY A 100 11.15 4.20 0.29
N GLU A 101 11.14 4.81 -0.88
CA GLU A 101 10.12 5.80 -1.23
C GLU A 101 8.73 5.17 -1.22
N SER A 102 7.80 5.81 -0.53
CA SER A 102 6.43 5.31 -0.45
C SER A 102 5.53 6.03 -1.45
N SER A 103 4.67 5.27 -2.12
CA SER A 103 3.75 5.83 -3.11
C SER A 103 2.66 6.65 -2.43
N GLN A 104 2.16 7.65 -3.14
CA GLN A 104 1.11 8.51 -2.61
C GLN A 104 -0.10 7.70 -2.19
N PRO A 105 -0.66 8.02 -1.01
CA PRO A 105 -1.83 7.33 -0.47
C PRO A 105 -3.10 7.63 -1.26
N ILE A 106 -3.84 6.58 -1.60
CA ILE A 106 -5.08 6.73 -2.36
C ILE A 106 -6.29 6.38 -1.51
N LYS A 107 -7.41 7.03 -1.79
CA LYS A 107 -8.64 6.79 -1.05
C LYS A 107 -9.67 6.07 -1.93
N VAL A 108 -10.11 4.90 -1.49
CA VAL A 108 -11.09 4.11 -2.23
C VAL A 108 -12.23 3.66 -1.32
N ALA A 109 -13.46 3.88 -1.77
CA ALA A 109 -14.64 3.49 -1.01
C ALA A 109 -15.22 2.18 -1.53
N THR A 110 -15.25 1.17 -0.67
CA THR A 110 -15.78 -0.14 -1.04
C THR A 110 -17.14 -0.01 -1.73
N GLN A 111 -17.64 -1.11 -2.26
CA GLN A 111 -18.93 -1.12 -2.95
C GLN A 111 -20.07 -1.18 -1.95
N PRO A 112 -21.24 -0.63 -2.35
CA PRO A 112 -22.43 -0.62 -1.51
C PRO A 112 -23.03 -2.00 -1.32
N GLU A 113 -22.31 -3.02 -1.78
CA GLU A 113 -22.77 -4.40 -1.65
C GLU A 113 -24.05 -4.62 -2.46
N SER A 114 -24.17 -3.89 -3.57
CA SER A 114 -25.35 -4.00 -4.43
C SER A 114 -24.94 -4.13 -5.89
N GLY A 115 -25.89 -4.51 -6.74
CA GLY A 115 -25.62 -4.67 -8.15
C GLY A 115 -26.20 -3.55 -8.99
N PRO A 116 -27.50 -3.67 -9.32
CA PRO A 116 -28.21 -2.67 -10.11
C PRO A 116 -28.41 -1.37 -9.37
N SER A 117 -28.21 -1.40 -8.05
CA SER A 117 -28.37 -0.22 -7.22
C SER A 117 -29.82 0.26 -7.23
N SER A 118 -30.74 -0.66 -6.94
CA SER A 118 -32.17 -0.33 -6.93
C SER A 118 -32.46 0.74 -5.89
N GLY A 119 -33.35 1.67 -6.25
CA GLY A 119 -33.71 2.74 -5.34
C GLY A 119 -32.51 3.56 -4.90
#